data_7MN5
#
_entry.id   7MN5
#
loop_
_entity.id
_entity.type
_entity.pdbx_description
1 polymer 'Receptor tyrosine-protein kinase erbB-3'
2 polymer 'Isoform 6 of Pro-neuregulin-1, membrane-bound isoform'
3 polymer 'Receptor tyrosine-protein kinase erbB-2,Maltose/maltodextrin-binding periplasmic protein'
4 branched alpha-D-mannopyranose-(1-3)-beta-D-mannopyranose-(1-4)-2-acetamido-2-deoxy-beta-D-glucopyranose-(1-4)-2-acetamido-2-deoxy-beta-D-glucopyranose
5 branched 2-acetamido-2-deoxy-beta-D-glucopyranose-(1-4)-2-acetamido-2-deoxy-beta-D-glucopyranose
6 non-polymer 2-acetamido-2-deoxy-beta-D-glucopyranose
#
loop_
_entity_poly.entity_id
_entity_poly.type
_entity_poly.pdbx_seq_one_letter_code
_entity_poly.pdbx_strand_id
1 'polypeptide(L)'
;MRANDALQVLGLLFSLARGSEVGNSQAVCPGTLNGLSVTGDAENQYQTLYKLYERCEVVMGNLEIVLTGHNADLSFLQWI
REVTGYVLVAMNEFSTLPLPNLRVVRGTQVYDGKFAIFVMLNYNTNSSHALRQLRLTQLTEILSGGVYIEKNDKLCHMDT
IDWRDIVRDRDAEIVVKDNGRSCPPCHEVCKGRCWGPGSEDCQTLTKTICAPQCNGHCFGPNPNQCCHDECAGGCSGPQD
TDCFACRHFNDSGACVPRCPQPLVYNKLTFQLEPNPHTKYQYGGVCVASCPHNFVVDQTSCVRACPPDKMEVDKNGLKMC
EPCGGLCPKACEGTGSGSRFQTVDSSNIDGFVNCTKILGNLDFLITGLNGDPWHKIPALDPEKLNVFRTVREITGYLNIQ
SWPPHMHNFSVFSNLTTIGGRSLYNRGFSLLIMKNLNVTSLGFRSLKEISAGRIYISANRQLCYHHSLNWTKVLRGPTEE
RLDIKHNRPRRDCVAEGKVCDPLCSSGGCWGPGPGQCLSCRNYSRGGVCVTHCNFLNGEPREFAHEAECFSCHPECQPME
GTATCNGSGSDTCAQCAHFRDGPHCVSSCPHGVLGAKGPIYKYPDVQNECRPCHENCTQGCKGPELQDCLGQTLVLIGKT
HLTMALTVIAGLVVIFMMLGGTFLYWRGRRIQNKRAMRRYLERGESIEPLDPSEKANKVLARIFKETELRKLKVLGSGVF
GTVHKGVWIPEGESIKIPVCIKVIEDKSGRQSFQAVTDHMLAIGSLDHAHIVRLLGLCPGSSLQLVTQYLPLGSLLDHVR
QHRGALGPRLLLNWGVQIAKGMYYLEEHGMVHRNLAARNVLLKSPSQVQVADFGVADLLPPDDKQLLYSEAKTPIKWMAL
ESIHFGKYTHQSDVWSYGVTVWELMTFGAEPYAGLRLAEVPDLLEKGGRLAQPQICTIDVYMVMVKCWMIDENIRPTFKE
LANEFTRMARDPPRYLVIKRESGPGIAPGPEPHGLTNKKLEEVELEPELDLDLDLEAEEDNGGSLEVLFQGPSSPSAWSH
PQFEKGGGSGGGSGGSSAWSHPQFEK
;
A
2 'polypeptide(L)'
;GPSHLVKCAEKEKTFCVNGGECFMVKDLSNPSRYLCKCPNEFTGDRCQNYVMASFYKHLGIEGSGSGSDYKDDDDKAAAL
EHHHHHH
;
H
3 'polypeptide(L)'
;MELAALCRWGLLLALLPPGAASTQVCTGTDMKLRLPASPETHLDMLRHLYQGCQVVQGNLELTYLPTNASLSFLQDIQEV
QGYVLIAHNQVRQVPLQRLRIVRGTQLFEDNYALAVLDNGDPLNNTTPVTGASPGGLRELQLRSLTEILKGGVLIQRNPQ
LCYQDTILWKDIFHKNNQLALTLIDTNRSRACHPCSPMCKGSRCWGESSEDCQSLTRTVCAGGCARCKGPLPTDCCHEQC
AAGCTGPKHSDCLACLHFNHSGICELHCPALVTYNTDTFESMPNPEGRYTFGASCVTACPYNYLSTDVGSCTLVCPLHNQ
EVTAEDGTQRCEKCSKPCARVCYGLGMEHLREVRAVTSANIQEFAGCKKIFGSLAFLPESFDGDPASNTAPLQPEQLQVF
ETLEEITGYLYISAWPDSLPDLSVFQNLQVIRGRILHNGAYSLTLQGLGISWLGLRSLRELGSGLALIHHNTHLCFVHTV
PWDQLFRNPHQALLHTANRPEDECVGEGLACHQLCARGHCWGPGPTQCVNCSQFLRGQECVEECRVLQGLPREYVNARHC
LPCHPECQPQNGSVTCFGPEADQCVACAHYKDPPFCVARCPSGVKPDLSYMPIWKFPDEEGACQPCPINCTHSCVDLDDK
GCPAEQRASPLTSIISAVVGILLVVVLGVVFGILIKRRQQKIRKYTMRRLLQETELVEPLTPSGAMPNQAQMRILKETEL
RKVKVLGSGAFGTVYKGIWIPDGENVKIPVAIKVLRENTSPKANKEILDEAYVMAGVDSPYVSRLLGICLTSTVQLVTQL
MPYGCLLDHVRENRGRLGSQDLLNWCMQIAKGMSYLEDVRLVHRDLAARNVLVKSPNHVKITDFGLARLLDIDETEYHAD
GGKVPIKWMALESILRRRFTHQSDVWSYGVTVWELMTFGAKPYDGIPAREIPDLLEKGERLPQPPICTIDVYMIMVKCWM
IDSECRPRFRELVSEFSRMARDPQRFVVIQNEDLGPASPLDSTFYRSLLEDDDMGDLVDAEEYLVPQQGGGSLEVLFQGP
SSPSGSSMKIEEGKLVIWINGDKGYNGLAEVGKKFEKDTGIKVTVEHPDKLEEKFPQVAATGDGPDIIFWAHDRFGGYAQ
SGLLAEITPDKAFQDKLYPFTWDAVRYNGKLIAYPIAVEALSLIYNKDLLPNPPKTWEEIPALDKELKAKGKSALMFNLQ
EPYFTWPLIAADGGYAFKYENGKYDIKDVGVDNAGAKAGLTFLVDLIKNKHMNADTDYSIAEAAFNKGETAMTINGPWAW
SNIDTSKVNYGVTVLPTFKGQPSKPFVGVLSAGINAASPNKELAKEFLENYLLTDEGLEAVNKDKPLGAVALKSYEEELA
KDPRIAATMENAQKGEIMPNIPQMSAFWYAVRTAVINAASGRQTVDEALKDAQTNSSSSGPSSPSAWSHPQFEKGGGSGG
GSGGSSAWSHPQFEK
;
B
#
loop_
_chem_comp.id
_chem_comp.type
_chem_comp.name
_chem_comp.formula
BMA D-saccharide, beta linking beta-D-mannopyranose 'C6 H12 O6'
MAN D-saccharide, alpha linking alpha-D-mannopyranose 'C6 H12 O6'
NAG D-saccharide, beta linking 2-acetamido-2-deoxy-beta-D-glucopyranose 'C8 H15 N O6'
#
# COMPACT_ATOMS: atom_id res chain seq x y z
N VAL A 28 27.47 11.57 -15.25
CA VAL A 28 26.78 11.62 -13.96
C VAL A 28 27.76 11.94 -12.83
N CYS A 29 27.42 12.89 -11.96
CA CYS A 29 28.26 13.27 -10.81
C CYS A 29 27.40 13.71 -9.62
N PRO A 30 27.91 13.67 -8.37
CA PRO A 30 27.20 14.22 -7.22
C PRO A 30 27.23 15.75 -7.23
N GLY A 31 26.24 16.37 -6.60
CA GLY A 31 26.21 17.83 -6.44
C GLY A 31 26.81 18.27 -5.11
N THR A 32 26.65 19.53 -4.78
CA THR A 32 27.15 20.15 -3.53
C THR A 32 26.03 20.79 -2.72
N LEU A 33 26.32 21.16 -1.48
CA LEU A 33 25.37 21.86 -0.61
C LEU A 33 26.14 22.81 0.33
N ASN A 34 26.78 23.81 -0.26
CA ASN A 34 27.63 24.74 0.48
C ASN A 34 26.92 26.04 0.84
N GLY A 35 25.84 26.44 0.16
CA GLY A 35 25.05 27.62 0.54
C GLY A 35 25.87 28.92 0.56
N LEU A 36 26.63 29.19 -0.50
CA LEU A 36 27.59 30.30 -0.65
C LEU A 36 28.95 30.18 0.08
N SER A 37 29.21 29.14 0.87
CA SER A 37 30.54 28.90 1.44
C SER A 37 31.53 28.27 0.45
N VAL A 38 32.83 28.48 0.66
CA VAL A 38 33.88 27.97 -0.25
C VAL A 38 35.06 27.38 0.54
N THR A 39 35.85 26.47 -0.04
CA THR A 39 37.03 25.88 0.61
C THR A 39 38.32 26.38 -0.04
N GLY A 40 39.25 26.94 0.74
CA GLY A 40 40.54 27.44 0.27
C GLY A 40 40.48 28.74 -0.52
N ASP A 41 41.56 29.06 -1.24
CA ASP A 41 41.70 30.27 -2.06
C ASP A 41 41.12 30.11 -3.48
N ALA A 42 41.24 31.15 -4.32
CA ALA A 42 40.63 31.19 -5.65
C ALA A 42 41.04 30.00 -6.56
N GLU A 43 42.28 29.55 -6.51
CA GLU A 43 42.72 28.39 -7.29
C GLU A 43 42.22 27.08 -6.70
N ASN A 44 42.24 26.91 -5.37
CA ASN A 44 41.69 25.69 -4.76
C ASN A 44 40.19 25.53 -5.05
N GLN A 45 39.46 26.63 -5.05
CA GLN A 45 38.02 26.65 -5.35
C GLN A 45 37.76 26.26 -6.81
N TYR A 46 38.53 26.80 -7.76
CA TYR A 46 38.40 26.40 -9.15
C TYR A 46 38.75 24.92 -9.37
N GLN A 47 39.86 24.43 -8.83
CA GLN A 47 40.27 23.03 -9.00
C GLN A 47 39.24 22.05 -8.41
N THR A 48 38.60 22.40 -7.29
CA THR A 48 37.52 21.58 -6.71
C THR A 48 36.31 21.55 -7.64
N LEU A 49 35.90 22.72 -8.17
CA LEU A 49 34.78 22.84 -9.10
C LEU A 49 35.06 22.07 -10.40
N TYR A 50 36.27 22.22 -10.95
CA TYR A 50 36.69 21.56 -12.18
C TYR A 50 36.64 20.04 -12.04
N LYS A 51 37.28 19.46 -11.01
CA LYS A 51 37.35 18.00 -10.83
C LYS A 51 35.98 17.36 -10.61
N LEU A 52 35.09 18.02 -9.88
CA LEU A 52 33.76 17.49 -9.60
C LEU A 52 32.90 17.42 -10.87
N TYR A 53 32.95 18.45 -11.71
CA TYR A 53 32.14 18.54 -12.92
C TYR A 53 32.88 18.26 -14.24
N GLU A 54 34.15 17.82 -14.22
CA GLU A 54 35.04 17.72 -15.39
C GLU A 54 34.42 17.10 -16.64
N ARG A 55 33.67 16.00 -16.49
CA ARG A 55 32.93 15.28 -17.54
C ARG A 55 31.53 14.87 -17.07
N CYS A 56 30.90 15.71 -16.25
CA CYS A 56 29.60 15.42 -15.66
C CYS A 56 28.46 15.80 -16.60
N GLU A 57 27.51 14.89 -16.80
CA GLU A 57 26.31 15.13 -17.61
C GLU A 57 25.05 15.40 -16.78
N VAL A 58 24.88 14.69 -15.67
CA VAL A 58 23.73 14.81 -14.77
C VAL A 58 24.21 15.10 -13.35
N VAL A 59 23.79 16.19 -12.75
CA VAL A 59 24.22 16.57 -11.40
C VAL A 59 23.23 16.03 -10.36
N MET A 60 23.64 15.05 -9.57
CA MET A 60 22.83 14.46 -8.50
C MET A 60 22.88 15.30 -7.22
N GLY A 61 22.35 16.52 -7.31
CA GLY A 61 22.35 17.54 -6.26
C GLY A 61 22.37 18.93 -6.87
N ASN A 62 22.89 19.93 -6.17
CA ASN A 62 22.92 21.32 -6.61
C ASN A 62 24.20 21.65 -7.39
N LEU A 63 24.12 22.63 -8.29
CA LEU A 63 25.27 23.16 -9.02
C LEU A 63 25.55 24.57 -8.50
N GLU A 64 26.59 24.74 -7.69
CA GLU A 64 26.89 26.00 -7.01
C GLU A 64 28.22 26.55 -7.51
N ILE A 65 28.23 27.74 -8.13
CA ILE A 65 29.44 28.44 -8.59
C ILE A 65 29.52 29.75 -7.82
N VAL A 66 30.42 29.85 -6.85
CA VAL A 66 30.47 30.98 -5.91
C VAL A 66 31.87 31.54 -5.85
N LEU A 67 32.02 32.87 -5.94
CA LEU A 67 33.33 33.53 -5.84
C LEU A 67 34.42 33.05 -6.81
N THR A 68 34.05 32.62 -8.00
CA THR A 68 34.96 32.22 -9.07
C THR A 68 35.63 33.45 -9.72
N GLY A 69 36.93 33.38 -9.96
CA GLY A 69 37.74 34.47 -10.53
C GLY A 69 37.54 34.66 -12.03
N HIS A 70 37.91 35.83 -12.54
CA HIS A 70 37.75 36.21 -13.96
C HIS A 70 38.67 35.46 -14.92
N ASN A 71 39.72 34.81 -14.42
CA ASN A 71 40.65 34.00 -15.20
C ASN A 71 40.28 32.51 -15.25
N ALA A 72 39.16 32.08 -14.67
CA ALA A 72 38.76 30.69 -14.68
C ALA A 72 38.27 30.24 -16.06
N ASP A 73 38.74 29.08 -16.51
CA ASP A 73 38.25 28.42 -17.72
C ASP A 73 37.11 27.48 -17.34
N LEU A 74 35.87 27.90 -17.57
CA LEU A 74 34.67 27.16 -17.17
C LEU A 74 34.12 26.25 -18.27
N SER A 75 34.87 26.00 -19.35
CA SER A 75 34.44 25.14 -20.46
C SER A 75 34.15 23.67 -20.05
N PHE A 76 34.62 23.18 -18.91
CA PHE A 76 34.27 21.85 -18.41
C PHE A 76 32.76 21.70 -18.09
N LEU A 77 32.00 22.78 -17.93
CA LEU A 77 30.56 22.71 -17.65
C LEU A 77 29.71 22.49 -18.91
N GLN A 78 30.29 22.47 -20.11
CA GLN A 78 29.56 22.32 -21.38
C GLN A 78 28.81 20.99 -21.51
N TRP A 79 29.16 19.96 -20.74
CA TRP A 79 28.52 18.64 -20.80
C TRP A 79 27.32 18.46 -19.87
N ILE A 80 27.00 19.41 -18.98
CA ILE A 80 25.86 19.27 -18.05
C ILE A 80 24.56 19.46 -18.83
N ARG A 81 23.66 18.49 -18.73
CA ARG A 81 22.36 18.43 -19.41
C ARG A 81 21.19 18.53 -18.44
N GLU A 82 21.35 17.99 -17.24
CA GLU A 82 20.30 17.90 -16.22
C GLU A 82 20.85 18.19 -14.83
N VAL A 83 20.14 18.99 -14.05
CA VAL A 83 20.47 19.28 -12.66
C VAL A 83 19.32 18.82 -11.78
N THR A 84 19.58 17.96 -10.80
CA THR A 84 18.55 17.42 -9.91
C THR A 84 18.04 18.45 -8.90
N GLY A 85 18.92 19.27 -8.34
CA GLY A 85 18.57 20.30 -7.36
C GLY A 85 18.43 21.69 -7.99
N TYR A 86 19.02 22.71 -7.37
CA TYR A 86 19.03 24.08 -7.87
C TYR A 86 20.39 24.49 -8.48
N VAL A 87 20.40 25.52 -9.31
CA VAL A 87 21.58 26.11 -9.95
C VAL A 87 21.80 27.50 -9.36
N LEU A 88 22.91 27.70 -8.65
CA LEU A 88 23.25 28.94 -7.95
C LEU A 88 24.55 29.52 -8.53
N VAL A 89 24.52 30.78 -8.95
CA VAL A 89 25.69 31.49 -9.43
C VAL A 89 25.75 32.82 -8.70
N ALA A 90 26.68 33.00 -7.76
CA ALA A 90 26.67 34.17 -6.89
C ALA A 90 28.05 34.76 -6.61
N MET A 91 28.10 36.09 -6.52
CA MET A 91 29.25 36.92 -6.17
C MET A 91 30.56 36.54 -6.87
N ASN A 92 30.52 36.23 -8.15
CA ASN A 92 31.68 35.86 -8.93
C ASN A 92 31.80 36.75 -10.17
N GLU A 93 32.93 36.68 -10.85
CA GLU A 93 33.17 37.51 -12.04
C GLU A 93 33.79 36.68 -13.14
N PHE A 94 33.06 36.49 -14.24
CA PHE A 94 33.54 35.92 -15.50
C PHE A 94 32.54 36.35 -16.58
N SER A 95 32.96 36.52 -17.83
CA SER A 95 32.09 37.15 -18.84
C SER A 95 30.84 36.35 -19.16
N THR A 96 30.95 35.03 -19.36
CA THR A 96 29.86 34.16 -19.79
C THR A 96 29.73 32.94 -18.89
N LEU A 97 28.54 32.36 -18.71
CA LEU A 97 28.35 31.09 -18.00
C LEU A 97 28.17 29.92 -19.00
N PRO A 98 29.18 29.11 -19.33
CA PRO A 98 29.10 28.17 -20.46
C PRO A 98 28.29 26.91 -20.15
N LEU A 99 26.96 27.02 -20.07
CA LEU A 99 26.04 25.88 -19.91
C LEU A 99 25.11 25.70 -21.14
N PRO A 100 25.65 25.62 -22.38
CA PRO A 100 24.84 25.62 -23.60
C PRO A 100 23.94 24.38 -23.75
N ASN A 101 24.19 23.31 -23.00
CA ASN A 101 23.44 22.05 -23.09
C ASN A 101 22.53 21.77 -21.89
N LEU A 102 22.32 22.70 -20.96
CA LEU A 102 21.46 22.46 -19.79
C LEU A 102 19.99 22.64 -20.19
N ARG A 103 19.16 21.59 -20.11
CA ARG A 103 17.74 21.65 -20.52
C ARG A 103 16.76 21.59 -19.39
N VAL A 104 17.02 20.73 -18.41
CA VAL A 104 16.11 20.43 -17.31
C VAL A 104 16.76 20.78 -15.99
N VAL A 105 16.07 21.57 -15.18
CA VAL A 105 16.44 21.78 -13.79
C VAL A 105 15.29 21.24 -12.96
N ARG A 106 15.49 20.15 -12.23
CA ARG A 106 14.38 19.45 -11.59
C ARG A 106 13.88 20.19 -10.35
N GLY A 107 14.74 20.89 -9.62
CA GLY A 107 14.34 21.69 -8.47
C GLY A 107 13.95 20.85 -7.26
N THR A 108 14.50 19.65 -7.07
CA THR A 108 14.17 18.79 -5.91
C THR A 108 14.69 19.38 -4.59
N GLN A 109 15.64 20.30 -4.71
CA GLN A 109 16.17 21.15 -3.66
C GLN A 109 16.05 22.58 -4.13
N VAL A 110 15.43 23.45 -3.35
CA VAL A 110 15.10 24.81 -3.79
C VAL A 110 15.80 25.81 -2.88
N TYR A 111 16.56 26.74 -3.44
CA TYR A 111 17.28 27.75 -2.67
C TYR A 111 16.30 28.74 -2.03
N ASP A 112 16.45 29.06 -0.74
CA ASP A 112 15.50 29.85 0.06
C ASP A 112 14.08 29.26 0.18
N GLY A 113 13.82 28.04 -0.34
CA GLY A 113 12.47 27.48 -0.39
C GLY A 113 11.59 28.04 -1.52
N LYS A 114 12.12 28.88 -2.41
CA LYS A 114 11.39 29.56 -3.47
C LYS A 114 11.97 29.36 -4.88
N PHE A 115 13.31 29.42 -5.03
CA PHE A 115 13.97 29.57 -6.33
C PHE A 115 14.86 28.39 -6.75
N ALA A 116 14.65 27.87 -7.95
CA ALA A 116 15.45 26.80 -8.54
C ALA A 116 16.71 27.32 -9.23
N ILE A 117 16.68 28.55 -9.74
CA ILE A 117 17.83 29.23 -10.33
C ILE A 117 18.05 30.49 -9.53
N PHE A 118 19.25 30.67 -8.97
CA PHE A 118 19.57 31.82 -8.14
C PHE A 118 20.84 32.50 -8.63
N VAL A 119 20.72 33.71 -9.18
CA VAL A 119 21.83 34.51 -9.71
C VAL A 119 21.90 35.84 -8.97
N MET A 120 22.97 36.11 -8.24
CA MET A 120 23.06 37.28 -7.36
C MET A 120 24.44 37.94 -7.34
N LEU A 121 24.49 39.26 -7.47
CA LEU A 121 25.69 40.08 -7.26
C LEU A 121 26.93 39.63 -8.06
N ASN A 122 26.79 39.16 -9.30
CA ASN A 122 27.91 38.65 -10.10
C ASN A 122 28.70 39.74 -10.83
N TYR A 123 29.29 40.68 -10.11
CA TYR A 123 30.12 41.75 -10.68
C TYR A 123 31.11 42.29 -9.65
N ASN A 124 32.28 42.75 -10.09
CA ASN A 124 33.24 43.40 -9.22
C ASN A 124 32.74 44.79 -8.86
N THR A 125 32.95 45.25 -7.63
CA THR A 125 32.51 46.59 -7.20
C THR A 125 33.28 47.72 -7.91
N ASN A 126 34.41 47.44 -8.56
CA ASN A 126 35.13 48.41 -9.40
C ASN A 126 34.77 48.36 -10.90
N SER A 127 33.80 47.52 -11.29
CA SER A 127 33.32 47.29 -12.66
C SER A 127 34.34 46.75 -13.68
N SER A 128 35.53 46.31 -13.26
CA SER A 128 36.55 45.76 -14.17
C SER A 128 36.15 44.43 -14.82
N HIS A 129 35.42 43.58 -14.10
CA HIS A 129 34.92 42.28 -14.54
C HIS A 129 33.52 42.04 -13.98
N ALA A 130 32.66 41.40 -14.76
CA ALA A 130 31.29 41.09 -14.38
C ALA A 130 30.70 40.00 -15.30
N LEU A 131 29.63 39.35 -14.85
CA LEU A 131 28.90 38.39 -15.66
C LEU A 131 27.92 39.14 -16.55
N ARG A 132 28.07 38.97 -17.86
CA ARG A 132 27.30 39.67 -18.90
C ARG A 132 26.29 38.79 -19.61
N GLN A 133 26.55 37.48 -19.70
CA GLN A 133 25.68 36.54 -20.41
C GLN A 133 25.56 35.17 -19.70
N LEU A 134 24.35 34.60 -19.56
CA LEU A 134 24.19 33.24 -19.01
C LEU A 134 24.32 32.10 -20.05
N ARG A 135 24.05 32.33 -21.34
CA ARG A 135 24.16 31.34 -22.43
C ARG A 135 23.37 30.03 -22.23
N LEU A 136 22.23 30.10 -21.55
CA LEU A 136 21.34 28.96 -21.31
C LEU A 136 20.40 28.71 -22.49
N THR A 137 20.93 28.58 -23.71
CA THR A 137 20.15 28.61 -24.95
C THR A 137 19.23 27.42 -25.13
N GLN A 138 19.53 26.31 -24.46
CA GLN A 138 18.68 25.12 -24.48
C GLN A 138 17.80 24.95 -23.22
N LEU A 139 17.81 25.84 -22.23
CA LEU A 139 16.99 25.68 -21.02
C LEU A 139 15.52 25.66 -21.40
N THR A 140 14.86 24.53 -21.20
CA THR A 140 13.53 24.26 -21.73
C THR A 140 12.52 24.09 -20.62
N GLU A 141 12.89 23.49 -19.50
CA GLU A 141 11.95 23.25 -18.42
C GLU A 141 12.57 23.29 -17.02
N ILE A 142 11.90 23.96 -16.10
CA ILE A 142 12.18 23.91 -14.66
C ILE A 142 10.97 23.25 -13.99
N LEU A 143 11.13 22.05 -13.44
CA LEU A 143 9.99 21.26 -12.97
C LEU A 143 9.44 21.69 -11.61
N SER A 144 10.23 22.38 -10.79
CA SER A 144 9.83 22.87 -9.46
C SER A 144 10.64 24.12 -9.10
N GLY A 145 10.03 25.12 -8.46
CA GLY A 145 10.72 26.33 -8.02
C GLY A 145 10.69 27.49 -9.04
N GLY A 146 11.06 28.67 -8.56
CA GLY A 146 11.13 29.90 -9.35
C GLY A 146 12.51 30.26 -9.84
N VAL A 147 12.65 31.50 -10.30
CA VAL A 147 13.87 32.05 -10.86
C VAL A 147 14.17 33.39 -10.19
N TYR A 148 15.36 33.57 -9.65
CA TYR A 148 15.80 34.79 -9.00
C TYR A 148 17.09 35.28 -9.65
N ILE A 149 17.03 36.40 -10.34
CA ILE A 149 18.15 37.04 -11.00
C ILE A 149 18.11 38.51 -10.62
N GLU A 150 18.98 38.93 -9.71
CA GLU A 150 18.87 40.26 -9.10
C GLU A 150 20.26 40.83 -8.82
N LYS A 151 20.39 42.16 -8.81
CA LYS A 151 21.64 42.87 -8.52
C LYS A 151 22.80 42.38 -9.40
N ASN A 152 22.74 42.56 -10.72
CA ASN A 152 23.82 42.22 -11.65
C ASN A 152 24.04 43.38 -12.63
N ASP A 153 24.90 44.35 -12.30
CA ASP A 153 25.03 45.61 -13.06
C ASP A 153 25.34 45.48 -14.56
N LYS A 154 26.07 44.43 -14.97
CA LYS A 154 26.46 44.21 -16.38
C LYS A 154 25.76 43.03 -17.06
N LEU A 155 24.75 42.40 -16.44
CA LEU A 155 24.09 41.21 -17.00
C LEU A 155 22.96 41.62 -17.93
N CYS A 156 23.10 41.31 -19.22
CA CYS A 156 22.17 41.74 -20.25
C CYS A 156 21.23 40.64 -20.72
N HIS A 157 20.11 41.04 -21.36
CA HIS A 157 19.13 40.13 -21.96
C HIS A 157 18.37 39.23 -20.98
N MET A 158 18.13 39.66 -19.74
CA MET A 158 17.32 38.88 -18.78
C MET A 158 15.83 39.21 -18.82
N ASP A 159 15.48 40.40 -19.30
CA ASP A 159 14.13 40.85 -19.60
C ASP A 159 13.69 40.54 -21.05
N THR A 160 14.53 39.85 -21.82
CA THR A 160 14.22 39.33 -23.17
C THR A 160 13.97 37.82 -23.17
N ILE A 161 13.78 37.17 -22.03
CA ILE A 161 13.50 35.74 -21.90
C ILE A 161 12.08 35.54 -21.42
N ASP A 162 11.30 34.70 -22.10
CA ASP A 162 9.95 34.38 -21.68
C ASP A 162 10.02 33.32 -20.58
N TRP A 163 10.34 33.71 -19.35
CA TRP A 163 10.62 32.76 -18.27
C TRP A 163 9.43 31.85 -17.94
N ARG A 164 8.20 32.31 -18.19
CA ARG A 164 6.98 31.50 -18.08
C ARG A 164 6.91 30.36 -19.12
N ASP A 165 7.64 30.41 -20.22
CA ASP A 165 7.73 29.26 -21.14
C ASP A 165 8.59 28.13 -20.55
N ILE A 166 9.45 28.44 -19.58
CA ILE A 166 10.44 27.53 -18.98
C ILE A 166 9.96 26.96 -17.65
N VAL A 167 9.38 27.78 -16.77
CA VAL A 167 8.91 27.37 -15.44
C VAL A 167 7.59 26.60 -15.54
N ARG A 168 7.54 25.36 -15.05
CA ARG A 168 6.34 24.48 -15.11
C ARG A 168 5.22 24.92 -14.15
N ASP A 169 5.59 25.35 -12.95
CA ASP A 169 4.65 25.71 -11.88
C ASP A 169 4.12 27.14 -12.00
N ARG A 170 2.83 27.31 -12.29
CA ARG A 170 2.19 28.64 -12.46
C ARG A 170 2.22 29.52 -11.21
N ASP A 171 2.36 28.93 -10.03
CA ASP A 171 2.39 29.66 -8.76
C ASP A 171 3.81 29.99 -8.31
N ALA A 172 4.84 29.64 -9.08
CA ALA A 172 6.21 29.94 -8.72
C ALA A 172 6.54 31.44 -8.91
N GLU A 173 7.33 32.00 -8.01
CA GLU A 173 7.76 33.41 -8.06
C GLU A 173 8.97 33.59 -9.00
N ILE A 174 8.93 34.60 -9.87
CA ILE A 174 10.04 34.94 -10.75
C ILE A 174 10.45 36.39 -10.46
N VAL A 175 11.71 36.60 -10.09
CA VAL A 175 12.25 37.93 -9.77
C VAL A 175 13.44 38.19 -10.69
N VAL A 176 13.22 38.94 -11.75
CA VAL A 176 14.25 39.33 -12.72
C VAL A 176 14.11 40.83 -12.92
N LYS A 177 14.91 41.62 -12.22
CA LYS A 177 14.76 43.09 -12.17
C LYS A 177 16.06 43.82 -12.49
N ASP A 178 16.92 44.06 -11.51
CA ASP A 178 18.09 44.94 -11.65
C ASP A 178 19.29 44.25 -12.32
N ASN A 179 19.22 44.11 -13.65
CA ASN A 179 20.20 43.40 -14.46
C ASN A 179 20.52 44.22 -15.73
N GLY A 180 21.66 44.91 -15.76
CA GLY A 180 22.05 45.73 -16.92
C GLY A 180 21.42 47.13 -16.99
N ARG A 181 21.97 48.01 -17.84
CA ARG A 181 21.48 49.40 -18.06
C ARG A 181 21.49 49.80 -19.53
N SER A 182 22.62 49.60 -20.20
CA SER A 182 22.91 50.03 -21.58
C SER A 182 22.96 48.85 -22.55
N CYS A 183 22.30 47.74 -22.19
CA CYS A 183 22.34 46.49 -22.94
C CYS A 183 21.84 46.64 -24.40
N PRO A 184 22.44 45.92 -25.37
CA PRO A 184 22.03 45.96 -26.77
C PRO A 184 20.69 45.25 -27.02
N PRO A 185 20.01 45.50 -28.15
CA PRO A 185 18.81 44.79 -28.54
C PRO A 185 19.14 43.37 -29.04
N CYS A 186 18.13 42.50 -29.08
CA CYS A 186 18.28 41.17 -29.67
C CYS A 186 18.47 41.23 -31.19
N HIS A 187 19.09 40.21 -31.78
CA HIS A 187 19.19 40.09 -33.24
C HIS A 187 17.78 40.04 -33.86
N GLU A 188 17.57 40.66 -35.02
CA GLU A 188 16.27 40.75 -35.66
C GLU A 188 15.59 39.37 -35.82
N VAL A 189 16.35 38.29 -36.09
CA VAL A 189 15.81 36.94 -36.27
C VAL A 189 15.25 36.32 -34.98
N CYS A 190 15.57 36.91 -33.82
CA CYS A 190 15.12 36.42 -32.51
C CYS A 190 13.67 36.79 -32.16
N LYS A 191 13.00 37.67 -32.92
CA LYS A 191 11.60 38.07 -32.69
C LYS A 191 11.33 38.61 -31.27
N GLY A 192 12.28 39.37 -30.72
CA GLY A 192 12.19 40.01 -29.39
C GLY A 192 12.57 39.14 -28.18
N ARG A 193 12.99 37.88 -28.37
CA ARG A 193 13.38 36.97 -27.28
C ARG A 193 14.73 36.29 -27.52
N CYS A 194 15.72 36.56 -26.69
CA CYS A 194 17.08 36.06 -26.88
C CYS A 194 17.87 35.98 -25.58
N TRP A 195 18.92 35.16 -25.57
CA TRP A 195 19.95 35.07 -24.53
C TRP A 195 21.19 35.93 -24.81
N GLY A 196 21.26 36.65 -25.94
CA GLY A 196 22.45 37.42 -26.34
C GLY A 196 22.34 38.17 -27.66
N PRO A 197 23.29 39.06 -27.96
CA PRO A 197 23.28 39.92 -29.14
C PRO A 197 23.72 39.18 -30.42
N GLY A 198 22.96 38.18 -30.87
CA GLY A 198 23.27 37.41 -32.09
C GLY A 198 22.25 36.29 -32.38
N SER A 199 22.20 35.78 -33.62
CA SER A 199 21.23 34.76 -34.04
C SER A 199 21.42 33.41 -33.33
N GLU A 200 22.66 33.08 -32.99
CA GLU A 200 23.02 31.85 -32.31
C GLU A 200 22.52 31.81 -30.85
N ASP A 201 22.11 32.95 -30.31
CA ASP A 201 21.61 33.11 -28.94
C ASP A 201 20.08 33.27 -28.83
N CYS A 202 19.29 33.15 -29.90
CA CYS A 202 17.84 33.35 -29.83
C CYS A 202 17.15 32.30 -28.94
N GLN A 203 16.08 32.67 -28.23
CA GLN A 203 15.32 31.74 -27.38
C GLN A 203 14.39 30.88 -28.24
N THR A 204 14.29 29.57 -27.96
CA THR A 204 13.31 28.69 -28.61
C THR A 204 12.16 28.43 -27.65
N LEU A 205 10.94 28.76 -28.05
CA LEU A 205 9.76 28.55 -27.21
C LEU A 205 9.19 27.16 -27.43
N THR A 206 8.71 26.47 -26.39
CA THR A 206 8.12 25.13 -26.52
C THR A 206 6.75 24.97 -25.87
N LYS A 207 6.27 25.91 -25.06
CA LYS A 207 5.00 25.81 -24.34
C LYS A 207 4.05 26.95 -24.70
N THR A 208 4.51 28.20 -24.71
CA THR A 208 3.62 29.36 -24.94
C THR A 208 3.17 29.51 -26.41
N ILE A 209 3.70 28.68 -27.31
CA ILE A 209 3.36 28.63 -28.74
C ILE A 209 2.54 27.39 -29.15
N CYS A 210 2.09 26.58 -28.18
CA CYS A 210 1.34 25.36 -28.45
C CYS A 210 -0.14 25.57 -28.81
N ALA A 211 -0.70 24.57 -29.50
CA ALA A 211 -2.13 24.47 -29.74
C ALA A 211 -2.91 24.46 -28.41
N PRO A 212 -4.10 25.05 -28.31
CA PRO A 212 -4.86 25.08 -27.06
C PRO A 212 -5.06 23.70 -26.39
N GLN A 213 -5.07 22.63 -27.17
CA GLN A 213 -5.26 21.26 -26.70
C GLN A 213 -4.05 20.64 -25.99
N CYS A 214 -2.80 21.09 -26.19
CA CYS A 214 -1.64 20.38 -25.62
C CYS A 214 -1.54 20.39 -24.09
N ASN A 215 -1.71 21.52 -23.41
CA ASN A 215 -1.49 21.62 -21.96
C ASN A 215 -0.07 21.16 -21.52
N GLY A 216 0.98 21.63 -22.21
CA GLY A 216 2.38 21.22 -21.98
C GLY A 216 3.30 21.69 -23.09
N HIS A 217 4.46 21.06 -23.25
CA HIS A 217 5.45 21.33 -24.28
C HIS A 217 5.08 20.66 -25.60
N CYS A 218 5.47 21.26 -26.72
CA CYS A 218 5.26 20.75 -28.08
C CYS A 218 6.56 20.60 -28.87
N PHE A 219 6.52 19.81 -29.96
CA PHE A 219 7.57 19.82 -30.99
C PHE A 219 7.09 20.39 -32.33
N GLY A 220 5.97 21.12 -32.35
CA GLY A 220 5.40 21.79 -33.52
C GLY A 220 4.08 22.49 -33.18
N PRO A 221 3.59 23.42 -34.01
CA PRO A 221 2.41 24.23 -33.74
C PRO A 221 1.06 23.50 -33.85
N ASN A 222 1.01 22.33 -34.48
CA ASN A 222 -0.22 21.59 -34.77
C ASN A 222 -0.81 20.94 -33.49
N PRO A 223 -2.15 20.83 -33.32
CA PRO A 223 -2.75 20.04 -32.24
C PRO A 223 -2.26 18.59 -32.13
N ASN A 224 -1.75 17.99 -33.20
CA ASN A 224 -1.24 16.61 -33.19
C ASN A 224 0.26 16.51 -32.88
N GLN A 225 0.92 17.62 -32.52
CA GLN A 225 2.36 17.68 -32.23
C GLN A 225 2.70 18.01 -30.76
N CYS A 226 1.88 17.59 -29.81
CA CYS A 226 2.14 17.83 -28.38
C CYS A 226 3.02 16.71 -27.80
N CYS A 227 3.89 17.03 -26.84
CA CYS A 227 4.75 16.06 -26.18
C CYS A 227 3.96 15.16 -25.22
N HIS A 228 4.51 13.98 -24.92
CA HIS A 228 3.89 13.04 -23.99
C HIS A 228 3.86 13.60 -22.56
N ASP A 229 2.82 13.35 -21.77
CA ASP A 229 2.68 13.91 -20.42
C ASP A 229 3.85 13.54 -19.48
N GLU A 230 4.45 12.38 -19.66
CA GLU A 230 5.49 11.84 -18.78
C GLU A 230 6.90 12.31 -19.13
N CYS A 231 7.06 13.14 -20.14
CA CYS A 231 8.37 13.60 -20.58
C CYS A 231 8.72 15.02 -20.11
N ALA A 232 9.99 15.26 -19.78
CA ALA A 232 10.55 16.56 -19.34
C ALA A 232 11.64 17.10 -20.29
N GLY A 233 11.77 18.42 -20.35
CA GLY A 233 12.83 19.11 -21.10
C GLY A 233 12.59 19.21 -22.60
N GLY A 234 11.41 18.81 -23.08
CA GLY A 234 11.04 18.77 -24.50
C GLY A 234 11.18 17.39 -25.14
N CYS A 235 10.44 17.16 -26.23
CA CYS A 235 10.39 15.88 -26.93
C CYS A 235 10.77 15.98 -28.41
N SER A 236 11.14 14.85 -29.01
CA SER A 236 11.38 14.68 -30.46
C SER A 236 10.15 14.18 -31.21
N GLY A 237 9.15 13.62 -30.52
CA GLY A 237 7.91 13.12 -31.08
C GLY A 237 6.84 12.90 -30.00
N PRO A 238 5.61 12.53 -30.37
CA PRO A 238 4.47 12.43 -29.45
C PRO A 238 4.50 11.20 -28.53
N GLN A 239 5.42 10.26 -28.76
CA GLN A 239 5.54 8.98 -28.04
C GLN A 239 6.24 9.10 -26.69
N ASP A 240 6.09 8.10 -25.82
CA ASP A 240 6.73 8.03 -24.51
C ASP A 240 8.24 7.69 -24.56
N THR A 241 8.80 7.36 -25.72
CA THR A 241 10.24 7.09 -25.91
C THR A 241 11.00 8.22 -26.58
N ASP A 242 10.34 9.10 -27.32
CA ASP A 242 10.98 10.18 -28.09
C ASP A 242 11.13 11.45 -27.25
N CYS A 243 11.73 11.31 -26.08
CA CYS A 243 11.79 12.37 -25.06
C CYS A 243 13.22 12.59 -24.53
N PHE A 244 13.58 13.83 -24.18
CA PHE A 244 14.88 14.13 -23.59
C PHE A 244 15.10 13.46 -22.22
N ALA A 245 14.17 13.62 -21.28
CA ALA A 245 14.24 13.09 -19.94
C ALA A 245 12.85 12.68 -19.46
N CYS A 246 12.75 11.77 -18.50
CA CYS A 246 11.46 11.38 -17.93
C CYS A 246 11.10 12.17 -16.67
N ARG A 247 9.80 12.40 -16.40
CA ARG A 247 9.33 13.06 -15.16
C ARG A 247 9.30 12.12 -13.96
N HIS A 248 9.02 10.83 -14.18
CA HIS A 248 8.90 9.82 -13.12
C HIS A 248 9.86 8.65 -13.34
N PHE A 249 9.45 7.57 -14.01
CA PHE A 249 10.27 6.37 -14.19
C PHE A 249 10.65 6.15 -15.65
N ASN A 250 11.84 5.63 -15.91
CA ASN A 250 12.24 5.23 -17.25
C ASN A 250 12.20 3.70 -17.38
N ASP A 251 11.22 3.19 -18.12
CA ASP A 251 11.03 1.76 -18.37
C ASP A 251 11.66 1.35 -19.71
N SER A 252 12.94 1.00 -19.71
CA SER A 252 13.70 0.59 -20.91
C SER A 252 13.49 1.48 -22.14
N GLY A 253 13.56 2.80 -21.94
CA GLY A 253 13.42 3.83 -22.97
C GLY A 253 12.09 4.59 -22.91
N ALA A 254 11.06 4.03 -22.27
CA ALA A 254 9.74 4.63 -22.19
C ALA A 254 9.57 5.40 -20.87
N CYS A 255 9.01 6.59 -20.93
CA CYS A 255 8.68 7.33 -19.72
C CYS A 255 7.27 6.98 -19.20
N VAL A 256 7.14 6.50 -17.96
CA VAL A 256 5.89 6.04 -17.35
C VAL A 256 5.63 6.63 -15.96
N PRO A 257 4.39 6.80 -15.49
CA PRO A 257 4.12 7.32 -14.15
C PRO A 257 4.35 6.30 -13.02
N ARG A 258 4.48 5.02 -13.37
CA ARG A 258 4.65 3.85 -12.48
C ARG A 258 5.18 2.66 -13.29
N CYS A 259 5.93 1.75 -12.68
CA CYS A 259 6.42 0.56 -13.40
C CYS A 259 5.33 -0.53 -13.55
N PRO A 260 5.44 -1.45 -14.53
CA PRO A 260 4.44 -2.49 -14.76
C PRO A 260 4.12 -3.28 -13.48
N GLN A 261 2.82 -3.48 -13.26
CA GLN A 261 2.23 -4.17 -12.11
C GLN A 261 1.69 -5.57 -12.51
N PRO A 262 1.53 -6.52 -11.57
CA PRO A 262 0.92 -7.82 -11.84
C PRO A 262 -0.60 -7.69 -12.07
N HIS A 277 4.67 -9.96 -17.52
CA HIS A 277 5.86 -9.65 -16.70
C HIS A 277 5.70 -8.37 -15.89
N THR A 278 6.43 -8.27 -14.78
CA THR A 278 6.38 -7.09 -13.89
C THR A 278 7.80 -6.57 -13.62
N LYS A 279 7.91 -5.35 -13.09
CA LYS A 279 9.18 -4.74 -12.71
C LYS A 279 9.05 -3.96 -11.40
N TYR A 280 10.17 -3.78 -10.71
CA TYR A 280 10.27 -3.05 -9.46
C TYR A 280 10.64 -1.58 -9.68
N GLN A 281 10.19 -0.71 -8.80
CA GLN A 281 10.48 0.73 -8.85
C GLN A 281 11.69 1.04 -7.98
N TYR A 282 12.83 1.37 -8.60
CA TYR A 282 14.09 1.61 -7.90
C TYR A 282 14.78 2.84 -8.46
N GLY A 283 14.69 3.96 -7.74
CA GLY A 283 15.47 5.17 -8.02
C GLY A 283 15.19 5.84 -9.37
N GLY A 284 13.96 5.77 -9.88
CA GLY A 284 13.58 6.39 -11.16
C GLY A 284 13.70 5.50 -12.41
N VAL A 285 14.01 4.22 -12.25
CA VAL A 285 14.02 3.21 -13.33
C VAL A 285 13.26 1.96 -12.91
N CYS A 286 12.82 1.19 -13.91
CA CYS A 286 12.15 -0.09 -13.68
C CYS A 286 13.19 -1.22 -13.81
N VAL A 287 13.29 -2.09 -12.81
CA VAL A 287 14.28 -3.19 -12.76
C VAL A 287 13.61 -4.55 -12.59
N ALA A 288 14.22 -5.61 -13.15
CA ALA A 288 13.69 -6.96 -13.09
C ALA A 288 13.56 -7.52 -11.67
N SER A 289 14.49 -7.15 -10.77
CA SER A 289 14.53 -7.58 -9.38
C SER A 289 15.08 -6.46 -8.49
N CYS A 290 14.70 -6.45 -7.22
CA CYS A 290 15.15 -5.44 -6.27
C CYS A 290 16.57 -5.74 -5.75
N PRO A 291 17.46 -4.76 -5.56
CA PRO A 291 18.80 -5.02 -5.00
C PRO A 291 18.72 -5.73 -3.65
N HIS A 292 19.69 -6.61 -3.37
CA HIS A 292 19.75 -7.44 -2.16
C HIS A 292 19.79 -6.63 -0.85
N ASN A 293 20.30 -5.40 -0.90
CA ASN A 293 20.41 -4.55 0.27
C ASN A 293 19.21 -3.62 0.48
N PHE A 294 18.14 -3.71 -0.30
CA PHE A 294 16.91 -2.91 -0.16
C PHE A 294 15.70 -3.76 0.25
N VAL A 295 14.69 -3.15 0.87
CA VAL A 295 13.46 -3.84 1.30
C VAL A 295 12.28 -3.45 0.40
N VAL A 296 11.49 -4.43 -0.01
CA VAL A 296 10.38 -4.25 -0.97
C VAL A 296 9.10 -3.82 -0.26
N ASP A 297 8.46 -2.77 -0.74
CA ASP A 297 7.17 -2.25 -0.26
C ASP A 297 6.28 -1.95 -1.49
N GLN A 298 5.28 -2.80 -1.77
CA GLN A 298 4.38 -2.71 -2.93
C GLN A 298 5.08 -2.55 -4.30
N THR A 299 5.97 -3.48 -4.64
CA THR A 299 6.83 -3.47 -5.85
C THR A 299 7.84 -2.33 -5.95
N SER A 300 7.98 -1.48 -4.93
CA SER A 300 9.00 -0.43 -4.87
C SER A 300 10.14 -0.81 -3.92
N CYS A 301 11.36 -0.43 -4.24
CA CYS A 301 12.54 -0.66 -3.42
C CYS A 301 12.85 0.60 -2.60
N VAL A 302 12.81 0.50 -1.28
CA VAL A 302 13.01 1.63 -0.38
C VAL A 302 14.12 1.34 0.62
N ARG A 303 14.64 2.40 1.19
CA ARG A 303 15.73 2.43 2.17
C ARG A 303 15.25 1.94 3.54
N ALA A 304 14.00 2.23 3.88
CA ALA A 304 13.36 1.85 5.14
C ALA A 304 11.85 1.68 4.93
N CYS A 305 11.19 0.90 5.78
CA CYS A 305 9.74 0.70 5.69
C CYS A 305 8.93 1.90 6.18
N PRO A 306 7.66 2.01 5.76
CA PRO A 306 6.71 3.00 6.31
C PRO A 306 6.56 2.92 7.85
N PRO A 307 6.13 4.01 8.51
CA PRO A 307 5.97 4.05 9.97
C PRO A 307 5.15 2.91 10.60
N ASP A 308 4.23 2.33 9.83
CA ASP A 308 3.34 1.26 10.25
C ASP A 308 3.75 -0.15 9.75
N LYS A 309 4.99 -0.33 9.25
CA LYS A 309 5.49 -1.63 8.78
C LYS A 309 6.89 -1.95 9.33
N MET A 310 7.26 -3.23 9.33
CA MET A 310 8.58 -3.73 9.75
C MET A 310 9.24 -4.59 8.68
N GLU A 311 10.56 -4.66 8.69
CA GLU A 311 11.29 -5.49 7.74
C GLU A 311 11.25 -6.96 8.16
N VAL A 312 10.83 -7.83 7.25
CA VAL A 312 10.72 -9.27 7.46
C VAL A 312 11.52 -10.01 6.39
N ASP A 313 12.38 -10.95 6.78
CA ASP A 313 13.18 -11.76 5.85
C ASP A 313 12.33 -12.86 5.19
N LYS A 314 12.35 -12.92 3.85
CA LYS A 314 11.66 -13.93 3.04
C LYS A 314 12.70 -14.77 2.27
N ASN A 315 12.56 -14.93 0.97
CA ASN A 315 13.50 -15.68 0.14
C ASN A 315 14.49 -14.72 -0.57
N GLY A 316 15.69 -14.56 -0.01
CA GLY A 316 16.73 -13.64 -0.50
C GLY A 316 16.51 -12.17 -0.10
N LEU A 317 15.38 -11.61 -0.51
CA LEU A 317 14.97 -10.23 -0.24
C LEU A 317 14.15 -10.11 1.06
N LYS A 318 14.18 -8.90 1.61
CA LYS A 318 13.39 -8.45 2.75
C LYS A 318 12.11 -7.79 2.24
N MET A 319 11.00 -7.84 2.98
CA MET A 319 9.77 -7.14 2.62
C MET A 319 9.21 -6.37 3.80
N CYS A 320 8.45 -5.31 3.54
CA CYS A 320 7.78 -4.56 4.58
C CYS A 320 6.39 -5.16 4.87
N GLU A 321 6.12 -5.48 6.14
CA GLU A 321 4.83 -6.02 6.60
C GLU A 321 4.28 -5.23 7.80
N PRO A 322 2.95 -5.14 7.97
CA PRO A 322 2.33 -4.48 9.12
C PRO A 322 2.94 -5.00 10.43
N CYS A 327 5.05 -2.54 15.81
CA CYS A 327 6.38 -2.63 15.22
C CYS A 327 7.51 -2.39 16.25
N PRO A 328 8.75 -2.83 15.97
CA PRO A 328 9.91 -2.53 16.80
C PRO A 328 10.19 -1.02 16.94
N LYS A 329 10.89 -0.60 18.00
CA LYS A 329 11.24 0.81 18.23
C LYS A 329 11.81 1.44 16.96
N ALA A 330 11.28 2.59 16.54
CA ALA A 330 11.71 3.26 15.33
C ALA A 330 13.02 4.05 15.57
N CYS A 331 14.12 3.32 15.72
CA CYS A 331 15.46 3.85 15.94
C CYS A 331 16.04 4.49 14.67
N GLU A 332 15.61 5.73 14.34
CA GLU A 332 16.01 6.45 13.12
C GLU A 332 17.50 6.91 13.16
N GLY A 333 18.19 6.97 12.00
CA GLY A 333 19.58 7.44 11.93
C GLY A 333 19.76 8.95 11.73
N THR A 334 20.98 9.37 11.43
CA THR A 334 21.40 10.75 11.22
C THR A 334 21.98 10.96 9.83
N GLY A 335 22.52 12.14 9.61
CA GLY A 335 23.12 12.49 8.34
C GLY A 335 22.09 12.95 7.31
N SER A 336 22.45 12.95 6.02
CA SER A 336 21.59 13.42 4.92
C SER A 336 20.21 12.75 4.91
N GLY A 337 19.13 13.53 4.84
CA GLY A 337 17.75 13.02 4.85
C GLY A 337 17.12 12.94 6.24
N SER A 338 17.87 13.16 7.32
CA SER A 338 17.39 13.10 8.70
C SER A 338 17.24 14.51 9.31
N ARG A 339 17.05 14.57 10.64
CA ARG A 339 16.81 15.82 11.38
C ARG A 339 18.11 16.51 11.77
N PHE A 340 19.22 15.77 11.91
CA PHE A 340 20.51 16.31 12.32
C PHE A 340 21.69 15.59 11.66
N GLN A 341 22.80 16.31 11.60
CA GLN A 341 24.00 15.95 10.85
C GLN A 341 24.93 14.99 11.59
N THR A 342 24.95 15.04 12.92
CA THR A 342 25.87 14.24 13.73
C THR A 342 25.25 13.80 15.04
N VAL A 343 25.74 12.70 15.59
CA VAL A 343 25.50 12.33 16.99
C VAL A 343 26.09 13.43 17.89
N ASP A 344 25.34 13.87 18.89
CA ASP A 344 25.71 15.00 19.75
C ASP A 344 25.12 14.84 21.15
N SER A 345 25.40 15.75 22.07
CA SER A 345 24.91 15.72 23.45
C SER A 345 23.38 15.78 23.59
N SER A 346 22.68 16.32 22.59
CA SER A 346 21.21 16.37 22.51
C SER A 346 20.59 15.29 21.61
N ASN A 347 21.39 14.50 20.89
CA ASN A 347 20.90 13.51 19.93
C ASN A 347 21.19 12.06 20.35
N ILE A 348 22.32 11.80 21.01
CA ILE A 348 22.79 10.45 21.33
C ILE A 348 21.81 9.65 22.20
N ASP A 349 21.02 10.32 23.05
CA ASP A 349 20.01 9.69 23.89
C ASP A 349 18.92 8.94 23.11
N GLY A 350 18.72 9.24 21.82
CA GLY A 350 17.71 8.56 21.00
C GLY A 350 18.07 7.12 20.63
N PHE A 351 19.31 6.68 20.92
CA PHE A 351 19.79 5.33 20.60
C PHE A 351 19.77 4.36 21.79
N VAL A 352 19.14 4.72 22.92
CA VAL A 352 19.00 3.84 24.08
C VAL A 352 18.14 2.62 23.74
N ASN A 353 18.68 1.43 23.99
CA ASN A 353 18.11 0.12 23.61
C ASN A 353 17.93 -0.11 22.11
N CYS A 354 18.67 0.61 21.25
CA CYS A 354 18.61 0.43 19.80
C CYS A 354 19.46 -0.76 19.34
N THR A 355 18.87 -1.63 18.52
CA THR A 355 19.57 -2.79 17.94
C THR A 355 19.79 -2.65 16.43
N LYS A 356 19.02 -1.81 15.77
CA LYS A 356 19.06 -1.60 14.32
C LYS A 356 18.78 -0.15 14.00
N ILE A 357 19.73 0.55 13.39
CA ILE A 357 19.57 1.98 13.10
C ILE A 357 19.06 2.15 11.67
N LEU A 358 17.89 2.78 11.54
CA LEU A 358 17.20 2.98 10.27
C LEU A 358 17.74 4.27 9.64
N GLY A 359 18.99 4.20 9.18
CA GLY A 359 19.69 5.31 8.56
C GLY A 359 21.19 5.23 8.78
N ASN A 360 21.84 6.38 8.64
CA ASN A 360 23.29 6.55 8.74
C ASN A 360 23.72 6.88 10.17
N LEU A 361 24.99 6.71 10.50
CA LEU A 361 25.52 7.07 11.80
C LEU A 361 26.81 7.86 11.62
N ASP A 362 26.73 9.19 11.76
CA ASP A 362 27.78 10.17 11.58
C ASP A 362 28.28 10.69 12.91
N PHE A 363 29.60 10.71 13.07
CA PHE A 363 30.33 11.33 14.18
C PHE A 363 31.25 12.41 13.63
N LEU A 364 30.81 13.66 13.69
CA LEU A 364 31.55 14.83 13.21
C LEU A 364 32.18 15.59 14.38
N ILE A 365 33.20 16.43 14.15
CA ILE A 365 33.91 17.21 15.20
C ILE A 365 32.95 18.05 16.03
N THR A 366 32.00 18.73 15.41
CA THR A 366 31.01 19.57 16.12
C THR A 366 30.04 18.76 17.01
N GLY A 367 29.91 17.44 16.83
CA GLY A 367 29.08 16.61 17.71
C GLY A 367 29.82 16.07 18.93
N LEU A 368 31.13 16.32 19.04
CA LEU A 368 31.95 15.87 20.16
C LEU A 368 32.41 17.04 21.02
N ASN A 369 32.87 18.13 20.40
CA ASN A 369 33.37 19.33 21.08
C ASN A 369 32.33 20.43 21.31
N GLY A 370 31.06 20.17 20.98
CA GLY A 370 29.97 21.14 21.14
C GLY A 370 29.80 22.04 19.92
N ASP A 371 28.76 22.87 19.94
CA ASP A 371 28.41 23.77 18.85
C ASP A 371 27.79 25.08 19.41
N PRO A 372 28.61 26.06 19.81
CA PRO A 372 28.15 27.30 20.41
C PRO A 372 27.06 28.04 19.63
N TRP A 373 27.05 27.97 18.29
CA TRP A 373 26.05 28.64 17.46
C TRP A 373 24.61 28.20 17.81
N HIS A 374 24.38 26.95 18.22
CA HIS A 374 23.05 26.50 18.62
C HIS A 374 22.93 26.27 20.15
N LYS A 375 23.90 26.76 20.94
CA LYS A 375 24.01 26.54 22.40
C LYS A 375 24.03 25.06 22.81
N ILE A 376 24.74 24.22 22.05
CA ILE A 376 24.81 22.77 22.30
C ILE A 376 26.10 22.43 23.06
N PRO A 377 26.04 21.84 24.26
CA PRO A 377 27.22 21.50 25.05
C PRO A 377 27.97 20.31 24.44
N ALA A 378 29.25 20.14 24.79
CA ALA A 378 30.07 19.03 24.33
C ALA A 378 29.51 17.66 24.77
N LEU A 379 29.80 16.60 24.03
CA LEU A 379 29.29 15.25 24.31
C LEU A 379 30.15 14.55 25.37
N ASP A 380 29.53 13.96 26.41
CA ASP A 380 30.25 13.16 27.42
C ASP A 380 30.73 11.83 26.81
N PRO A 381 32.05 11.59 26.69
CA PRO A 381 32.56 10.38 26.06
C PRO A 381 31.97 9.07 26.60
N GLU A 382 31.55 9.00 27.87
CA GLU A 382 30.98 7.78 28.44
C GLU A 382 29.65 7.41 27.78
N LYS A 383 28.90 8.39 27.23
CA LYS A 383 27.60 8.15 26.61
C LYS A 383 27.73 7.39 25.28
N LEU A 384 28.92 7.24 24.71
CA LEU A 384 29.14 6.43 23.50
C LEU A 384 28.90 4.93 23.74
N ASN A 385 28.89 4.46 24.99
CA ASN A 385 28.57 3.06 25.29
C ASN A 385 27.11 2.68 24.96
N VAL A 386 26.21 3.64 24.69
CA VAL A 386 24.83 3.38 24.28
C VAL A 386 24.75 2.63 22.93
N PHE A 387 25.82 2.63 22.14
CA PHE A 387 25.85 1.93 20.85
C PHE A 387 26.28 0.45 20.94
N ARG A 388 26.60 -0.10 22.12
CA ARG A 388 26.97 -1.51 22.30
C ARG A 388 25.82 -2.49 22.07
N THR A 389 24.59 -2.00 22.03
CA THR A 389 23.39 -2.79 21.72
C THR A 389 23.09 -2.84 20.21
N VAL A 390 23.74 -2.04 19.36
CA VAL A 390 23.47 -1.97 17.92
C VAL A 390 24.17 -3.11 17.18
N ARG A 391 23.39 -3.87 16.41
CA ARG A 391 23.80 -5.04 15.62
C ARG A 391 23.82 -4.74 14.12
N GLU A 392 22.97 -3.84 13.63
CA GLU A 392 22.94 -3.45 12.22
C GLU A 392 22.75 -1.94 12.00
N ILE A 393 23.47 -1.39 11.03
CA ILE A 393 23.28 -0.03 10.52
C ILE A 393 22.83 -0.16 9.07
N THR A 394 21.67 0.37 8.69
CA THR A 394 21.17 0.22 7.31
C THR A 394 21.88 1.12 6.30
N GLY A 395 22.42 2.27 6.71
CA GLY A 395 23.21 3.20 5.91
C GLY A 395 24.71 3.14 6.22
N TYR A 396 25.42 4.24 6.04
CA TYR A 396 26.87 4.30 6.26
C TYR A 396 27.28 4.65 7.71
N LEU A 397 28.48 4.22 8.11
CA LEU A 397 29.15 4.56 9.37
C LEU A 397 30.33 5.52 9.10
N ASN A 398 30.24 6.77 9.54
CA ASN A 398 31.21 7.83 9.24
C ASN A 398 31.77 8.43 10.53
N ILE A 399 33.04 8.13 10.86
CA ILE A 399 33.72 8.60 12.08
C ILE A 399 34.87 9.53 11.69
N GLN A 400 34.70 10.83 11.91
CA GLN A 400 35.72 11.85 11.63
C GLN A 400 36.43 12.36 12.89
N SER A 401 35.84 12.13 14.05
CA SER A 401 36.40 12.49 15.40
C SER A 401 35.82 11.49 16.47
N TRP A 402 36.72 11.16 17.41
CA TRP A 402 36.55 10.23 18.52
C TRP A 402 37.26 10.81 19.77
N PRO A 403 36.84 10.52 21.02
CA PRO A 403 37.48 11.09 22.21
C PRO A 403 38.99 10.80 22.30
N PRO A 404 39.80 11.72 22.86
CA PRO A 404 41.27 11.61 22.83
C PRO A 404 41.86 10.44 23.63
N HIS A 405 41.13 9.89 24.61
CA HIS A 405 41.54 8.79 25.49
C HIS A 405 41.04 7.41 25.05
N MET A 406 40.30 7.32 23.93
CA MET A 406 39.77 6.07 23.38
C MET A 406 40.58 5.63 22.16
N HIS A 407 41.34 4.55 22.30
CA HIS A 407 42.22 4.06 21.23
C HIS A 407 41.58 3.03 20.29
N ASN A 408 40.28 2.75 20.39
CA ASN A 408 39.55 1.78 19.57
C ASN A 408 38.06 2.15 19.43
N PHE A 409 37.30 1.35 18.70
CA PHE A 409 35.84 1.51 18.53
C PHE A 409 35.07 0.39 19.21
N SER A 410 35.47 -0.04 20.40
CA SER A 410 34.88 -1.19 21.09
C SER A 410 33.37 -1.03 21.39
N VAL A 411 32.84 0.19 21.38
CA VAL A 411 31.40 0.46 21.52
C VAL A 411 30.56 -0.08 20.35
N PHE A 412 31.18 -0.48 19.24
CA PHE A 412 30.56 -1.16 18.09
C PHE A 412 30.98 -2.63 17.96
N SER A 413 31.52 -3.24 19.00
CA SER A 413 31.98 -4.64 18.95
C SER A 413 30.87 -5.66 18.66
N ASN A 414 29.60 -5.34 18.92
CA ASN A 414 28.42 -6.14 18.58
C ASN A 414 27.80 -5.83 17.20
N LEU A 415 28.38 -4.94 16.41
CA LEU A 415 27.91 -4.59 15.07
C LEU A 415 28.25 -5.70 14.07
N THR A 416 27.26 -6.30 13.42
CA THR A 416 27.44 -7.43 12.49
C THR A 416 27.30 -7.04 11.04
N THR A 417 26.40 -6.11 10.72
CA THR A 417 26.12 -5.74 9.34
C THR A 417 26.14 -4.23 9.18
N ILE A 418 26.82 -3.75 8.13
CA ILE A 418 26.73 -2.36 7.67
C ILE A 418 26.09 -2.37 6.28
N GLY A 419 24.93 -1.74 6.15
CA GLY A 419 24.16 -1.65 4.91
C GLY A 419 24.69 -0.60 3.95
N GLY A 420 24.41 -0.76 2.66
CA GLY A 420 24.75 0.24 1.64
C GLY A 420 23.54 0.96 1.04
N ARG A 421 22.43 1.12 1.78
CA ARG A 421 21.20 1.75 1.24
C ARG A 421 21.30 3.27 1.05
N SER A 422 22.15 3.89 1.84
CA SER A 422 22.44 5.31 1.87
C SER A 422 23.95 5.46 2.01
N LEU A 423 24.62 6.19 1.13
CA LEU A 423 26.08 6.31 1.07
C LEU A 423 26.50 7.75 1.40
N TYR A 424 27.72 7.96 1.91
CA TYR A 424 28.12 9.30 2.38
C TYR A 424 28.09 10.38 1.28
N ASN A 425 28.80 10.17 0.17
CA ASN A 425 28.77 11.05 -1.00
C ASN A 425 28.34 10.23 -2.23
N ARG A 426 29.28 9.43 -2.73
CA ARG A 426 29.11 8.36 -3.72
C ARG A 426 29.92 7.15 -3.23
N GLY A 427 29.43 5.95 -3.47
CA GLY A 427 30.16 4.72 -3.20
C GLY A 427 30.39 4.39 -1.73
N PHE A 428 30.86 5.32 -0.89
CA PHE A 428 31.37 4.94 0.42
C PHE A 428 30.29 4.63 1.46
N SER A 429 30.36 3.46 2.10
CA SER A 429 29.47 3.02 3.18
C SER A 429 30.17 2.86 4.53
N LEU A 430 31.51 2.83 4.57
CA LEU A 430 32.30 2.83 5.81
C LEU A 430 33.43 3.86 5.71
N LEU A 431 33.44 4.87 6.58
CA LEU A 431 34.39 5.98 6.54
C LEU A 431 35.02 6.21 7.92
N ILE A 432 36.33 6.00 8.03
CA ILE A 432 37.11 6.23 9.25
C ILE A 432 38.32 7.07 8.85
N MET A 433 38.37 8.34 9.22
CA MET A 433 39.45 9.20 8.77
C MET A 433 39.97 10.16 9.84
N LYS A 434 41.27 10.43 9.82
CA LYS A 434 41.96 11.39 10.69
C LYS A 434 41.71 11.22 12.20
N ASN A 435 41.64 9.98 12.72
CA ASN A 435 41.54 9.71 14.16
C ASN A 435 42.94 9.47 14.74
N LEU A 436 43.59 10.50 15.28
CA LEU A 436 45.04 10.44 15.54
C LEU A 436 45.44 9.65 16.78
N ASN A 437 44.49 9.13 17.54
CA ASN A 437 44.77 8.35 18.76
C ASN A 437 44.32 6.88 18.67
N VAL A 438 43.75 6.42 17.56
CA VAL A 438 43.17 5.08 17.43
C VAL A 438 44.21 4.09 16.91
N THR A 439 44.42 2.98 17.61
CA THR A 439 45.42 1.94 17.26
C THR A 439 44.80 0.68 16.66
N SER A 440 43.53 0.43 16.91
CA SER A 440 42.85 -0.73 16.38
C SER A 440 41.43 -0.36 16.01
N LEU A 441 40.83 -1.13 15.09
CA LEU A 441 39.45 -0.94 14.67
C LEU A 441 38.45 -1.54 15.69
N GLY A 442 38.66 -2.76 16.17
CA GLY A 442 37.84 -3.30 17.26
C GLY A 442 36.47 -3.88 16.87
N PHE A 443 36.14 -3.96 15.57
CA PHE A 443 34.83 -4.44 15.09
C PHE A 443 34.71 -5.97 15.15
N ARG A 444 34.74 -6.56 16.36
CA ARG A 444 34.83 -8.03 16.60
C ARG A 444 33.75 -8.83 15.88
N SER A 445 32.51 -8.34 15.95
CA SER A 445 31.33 -8.99 15.37
C SER A 445 31.02 -8.64 13.92
N LEU A 446 31.75 -7.73 13.25
CA LEU A 446 31.40 -7.28 11.92
C LEU A 446 31.74 -8.37 10.89
N LYS A 447 30.71 -8.90 10.23
CA LYS A 447 30.87 -10.00 9.24
C LYS A 447 30.54 -9.60 7.82
N GLU A 448 29.66 -8.63 7.61
CA GLU A 448 29.28 -8.21 6.26
C GLU A 448 29.06 -6.71 6.13
N ILE A 449 29.58 -6.15 5.04
CA ILE A 449 29.19 -4.83 4.55
C ILE A 449 28.44 -5.12 3.24
N SER A 450 27.15 -4.83 3.19
CA SER A 450 26.31 -5.36 2.11
C SER A 450 26.56 -4.72 0.74
N ALA A 451 27.04 -3.47 0.71
CA ALA A 451 27.32 -2.70 -0.50
C ALA A 451 28.15 -1.45 -0.19
N GLY A 452 28.70 -0.82 -1.24
CA GLY A 452 29.48 0.42 -1.14
C GLY A 452 30.98 0.20 -1.04
N ARG A 453 31.70 1.27 -0.73
CA ARG A 453 33.17 1.38 -0.68
C ARG A 453 33.64 1.74 0.72
N ILE A 454 34.90 1.47 1.02
CA ILE A 454 35.53 1.70 2.33
C ILE A 454 36.54 2.85 2.22
N TYR A 455 36.54 3.79 3.18
CA TYR A 455 37.50 4.89 3.25
C TYR A 455 38.16 4.92 4.63
N ILE A 456 39.33 4.32 4.76
CA ILE A 456 40.09 4.32 6.02
C ILE A 456 41.43 4.99 5.74
N SER A 457 41.63 6.22 6.21
CA SER A 457 42.86 6.97 5.88
C SER A 457 43.28 8.03 6.90
N ALA A 458 44.55 8.41 6.85
CA ALA A 458 45.15 9.46 7.70
C ALA A 458 45.05 9.22 9.22
N ASN A 459 44.98 7.97 9.69
CA ASN A 459 44.92 7.64 11.11
C ASN A 459 46.32 7.26 11.56
N ARG A 460 47.14 8.21 12.02
CA ARG A 460 48.57 7.97 12.22
C ARG A 460 48.94 6.84 13.19
N GLN A 461 48.07 6.50 14.14
CA GLN A 461 48.27 5.41 15.11
C GLN A 461 47.65 4.06 14.70
N LEU A 462 46.75 4.01 13.73
CA LEU A 462 46.01 2.80 13.35
C LEU A 462 46.94 1.74 12.74
N CYS A 463 46.95 0.52 13.27
CA CYS A 463 47.98 -0.47 12.99
C CYS A 463 47.48 -1.85 12.50
N TYR A 464 46.58 -2.51 13.22
CA TYR A 464 46.38 -3.97 13.02
C TYR A 464 45.61 -4.33 11.73
N HIS A 465 44.91 -3.37 11.15
CA HIS A 465 44.15 -3.49 9.90
C HIS A 465 44.95 -3.99 8.69
N HIS A 466 46.28 -3.90 8.67
CA HIS A 466 47.09 -4.33 7.52
C HIS A 466 46.97 -5.81 7.17
N SER A 467 46.60 -6.58 8.18
CA SER A 467 46.49 -8.03 8.16
C SER A 467 45.09 -8.51 7.78
N LEU A 468 44.14 -7.57 7.65
CA LEU A 468 42.72 -7.78 7.53
C LEU A 468 42.32 -8.10 6.10
N ASN A 469 41.74 -9.28 5.90
CA ASN A 469 41.38 -9.77 4.57
C ASN A 469 39.97 -9.32 4.18
N TRP A 470 39.88 -8.09 3.66
CA TRP A 470 38.59 -7.41 3.40
C TRP A 470 37.62 -8.15 2.48
N THR A 471 38.09 -9.08 1.65
CA THR A 471 37.24 -9.86 0.74
C THR A 471 36.18 -10.69 1.47
N LYS A 472 36.40 -11.02 2.75
CA LYS A 472 35.45 -11.78 3.59
C LYS A 472 34.49 -10.91 4.38
N VAL A 473 34.63 -9.59 4.32
CA VAL A 473 33.82 -8.60 5.05
C VAL A 473 33.00 -7.76 4.10
N LEU A 474 33.61 -7.24 3.04
CA LEU A 474 32.89 -6.43 2.05
C LEU A 474 32.36 -7.32 0.91
N ARG A 475 31.04 -7.46 0.78
CA ARG A 475 30.42 -8.38 -0.20
C ARG A 475 30.74 -7.99 -1.64
N GLY A 476 31.18 -8.94 -2.47
CA GLY A 476 31.57 -8.74 -3.89
C GLY A 476 33.04 -8.38 -4.12
N PRO A 477 33.47 -8.08 -5.35
CA PRO A 477 34.85 -7.70 -5.70
C PRO A 477 35.35 -6.49 -4.89
N THR A 478 36.58 -6.51 -4.39
CA THR A 478 37.13 -5.43 -3.55
C THR A 478 38.28 -4.66 -4.17
N GLU A 479 38.80 -5.08 -5.32
CA GLU A 479 39.99 -4.49 -5.94
C GLU A 479 39.87 -2.97 -6.13
N GLU A 480 38.69 -2.48 -6.47
CA GLU A 480 38.39 -1.07 -6.70
C GLU A 480 37.57 -0.40 -5.56
N ARG A 481 37.42 -1.01 -4.38
CA ARG A 481 36.53 -0.48 -3.32
C ARG A 481 37.13 -0.21 -1.94
N LEU A 482 38.44 -0.38 -1.71
CA LEU A 482 39.00 -0.28 -0.35
C LEU A 482 39.58 1.09 0.03
N ASP A 483 40.24 1.83 -0.87
CA ASP A 483 40.90 3.13 -0.61
C ASP A 483 41.58 3.31 0.76
N ILE A 484 42.51 2.43 1.16
CA ILE A 484 43.16 2.51 2.48
C ILE A 484 44.58 3.11 2.32
N LYS A 485 44.81 4.33 2.84
CA LYS A 485 46.06 5.10 2.62
C LYS A 485 46.47 5.94 3.83
N HIS A 486 47.74 6.26 4.00
CA HIS A 486 48.25 7.20 5.04
C HIS A 486 48.01 6.82 6.51
N ASN A 487 47.78 5.54 6.81
CA ASN A 487 47.65 5.03 8.18
C ASN A 487 49.03 4.58 8.71
N ARG A 488 49.19 4.08 9.94
CA ARG A 488 50.52 3.72 10.46
C ARG A 488 51.25 2.73 9.52
N PRO A 489 52.46 3.00 9.01
CA PRO A 489 53.14 2.13 8.05
C PRO A 489 53.31 0.71 8.56
N ARG A 490 53.17 -0.27 7.66
CA ARG A 490 53.35 -1.69 7.92
C ARG A 490 54.70 -1.99 8.56
N ARG A 491 55.74 -1.32 8.06
CA ARG A 491 57.12 -1.39 8.54
C ARG A 491 57.21 -1.16 10.06
N ASP A 492 56.62 -0.08 10.54
CA ASP A 492 56.66 0.30 11.95
C ASP A 492 55.66 -0.50 12.79
N CYS A 493 54.51 -0.85 12.21
CA CYS A 493 53.50 -1.67 12.85
C CYS A 493 54.05 -3.06 13.24
N VAL A 494 54.70 -3.75 12.30
CA VAL A 494 55.33 -5.07 12.54
C VAL A 494 56.60 -4.92 13.39
N ALA A 495 57.46 -3.96 13.11
CA ALA A 495 58.71 -3.75 13.86
C ALA A 495 58.47 -3.52 15.37
N GLU A 496 57.38 -2.85 15.75
CA GLU A 496 57.02 -2.63 17.18
C GLU A 496 56.26 -3.81 17.80
N GLY A 497 55.99 -4.88 17.05
CA GLY A 497 55.31 -6.09 17.52
C GLY A 497 53.79 -5.99 17.54
N LYS A 498 53.20 -5.02 16.84
CA LYS A 498 51.75 -4.76 16.81
C LYS A 498 51.04 -5.65 15.78
N VAL A 499 51.07 -6.97 16.03
CA VAL A 499 50.53 -8.04 15.18
C VAL A 499 49.53 -8.92 15.94
N CYS A 500 48.74 -9.73 15.24
CA CYS A 500 47.68 -10.54 15.85
C CYS A 500 48.12 -11.91 16.34
N ASP A 501 47.38 -12.47 17.31
CA ASP A 501 47.71 -13.75 17.97
C ASP A 501 48.01 -14.91 16.98
N PRO A 502 49.02 -15.77 17.23
CA PRO A 502 49.30 -16.95 16.41
C PRO A 502 48.14 -17.91 16.06
N LEU A 503 47.03 -17.98 16.82
CA LEU A 503 45.85 -18.82 16.53
C LEU A 503 44.88 -18.21 15.51
N CYS A 504 45.14 -17.00 15.06
CA CYS A 504 44.31 -16.22 14.15
C CYS A 504 44.52 -16.66 12.68
N SER A 505 43.45 -16.90 11.93
CA SER A 505 43.55 -17.43 10.56
C SER A 505 44.11 -16.42 9.55
N SER A 506 44.40 -16.90 8.33
CA SER A 506 44.78 -16.02 7.20
C SER A 506 43.70 -14.98 6.81
N GLY A 507 42.49 -15.05 7.36
CA GLY A 507 41.44 -14.05 7.15
C GLY A 507 41.72 -12.68 7.77
N GLY A 508 42.62 -12.60 8.75
CA GLY A 508 43.00 -11.34 9.39
C GLY A 508 42.16 -11.03 10.64
N CYS A 509 42.33 -9.83 11.18
CA CYS A 509 41.87 -9.48 12.53
C CYS A 509 41.56 -7.98 12.70
N TRP A 510 40.83 -7.63 13.76
CA TRP A 510 40.51 -6.24 14.13
C TRP A 510 41.32 -5.68 15.31
N GLY A 511 42.27 -6.41 15.90
CA GLY A 511 43.04 -5.98 17.09
C GLY A 511 44.03 -7.04 17.59
N PRO A 512 44.78 -6.79 18.69
CA PRO A 512 45.90 -7.64 19.12
C PRO A 512 45.60 -9.04 19.71
N GLY A 513 44.38 -9.30 20.20
CA GLY A 513 44.11 -10.48 21.02
C GLY A 513 43.10 -11.46 20.42
N PRO A 514 43.00 -12.68 20.98
CA PRO A 514 41.97 -13.64 20.62
C PRO A 514 40.55 -13.09 20.79
N GLY A 515 39.68 -13.48 19.86
CA GLY A 515 38.29 -13.00 19.81
C GLY A 515 38.05 -11.81 18.88
N GLN A 516 39.13 -11.17 18.42
CA GLN A 516 39.15 -10.06 17.46
C GLN A 516 39.47 -10.50 16.04
N CYS A 517 39.64 -11.80 15.81
CA CYS A 517 39.89 -12.37 14.51
C CYS A 517 38.59 -12.68 13.78
N LEU A 518 38.58 -12.60 12.45
CA LEU A 518 37.42 -13.00 11.66
C LEU A 518 37.14 -14.51 11.78
N SER A 519 38.18 -15.31 11.80
CA SER A 519 38.15 -16.75 12.02
C SER A 519 39.47 -17.23 12.60
N CYS A 520 39.50 -18.40 13.25
CA CYS A 520 40.67 -18.94 13.94
C CYS A 520 41.13 -20.27 13.34
N ARG A 521 42.38 -20.67 13.59
CA ARG A 521 43.00 -21.84 12.92
C ARG A 521 42.44 -23.17 13.43
N ASN A 522 42.17 -23.26 14.73
CA ASN A 522 41.75 -24.48 15.40
C ASN A 522 40.33 -24.36 16.03
N TYR A 523 40.18 -23.98 17.30
CA TYR A 523 38.85 -23.96 17.96
C TYR A 523 38.55 -22.66 18.69
N SER A 524 37.27 -22.29 18.80
CA SER A 524 36.81 -21.20 19.66
C SER A 524 36.13 -21.69 20.94
N ARG A 525 36.06 -20.83 21.96
CA ARG A 525 35.30 -20.99 23.20
C ARG A 525 34.51 -19.72 23.49
N GLY A 526 33.33 -19.58 22.86
CA GLY A 526 32.69 -18.26 22.72
C GLY A 526 33.52 -17.38 21.79
N GLY A 527 33.84 -16.15 22.21
CA GLY A 527 34.64 -15.23 21.40
C GLY A 527 36.09 -15.69 21.25
N VAL A 528 36.70 -16.09 22.37
CA VAL A 528 38.13 -16.38 22.52
C VAL A 528 38.54 -17.69 21.84
N CYS A 529 39.62 -17.68 21.07
CA CYS A 529 40.18 -18.84 20.36
C CYS A 529 41.31 -19.53 21.12
N VAL A 530 41.39 -20.86 21.01
CA VAL A 530 42.31 -21.75 21.74
C VAL A 530 43.03 -22.74 20.82
N THR A 531 44.10 -23.34 21.32
CA THR A 531 44.84 -24.42 20.64
C THR A 531 44.05 -25.72 20.48
N HIS A 532 43.22 -26.10 21.46
CA HIS A 532 42.40 -27.32 21.46
C HIS A 532 41.24 -27.26 22.44
N CYS A 533 40.29 -28.18 22.31
CA CYS A 533 39.21 -28.36 23.27
C CYS A 533 39.55 -29.45 24.31
N ASN A 534 38.89 -29.42 25.47
CA ASN A 534 39.02 -30.40 26.54
C ASN A 534 38.16 -31.67 26.30
N PHE A 535 38.45 -32.44 25.24
CA PHE A 535 37.64 -33.61 24.86
C PHE A 535 38.08 -34.89 25.59
N LEU A 536 39.41 -35.09 25.62
CA LEU A 536 40.11 -36.27 26.16
C LEU A 536 40.81 -36.00 27.51
N ASN A 537 40.99 -34.73 27.88
CA ASN A 537 41.71 -34.28 29.06
C ASN A 537 41.09 -32.94 29.56
N GLY A 538 41.61 -32.38 30.65
CA GLY A 538 41.15 -31.13 31.26
C GLY A 538 40.20 -31.37 32.43
N GLU A 539 40.15 -30.45 33.38
CA GLU A 539 39.23 -30.51 34.53
C GLU A 539 37.75 -30.42 34.11
N PRO A 540 37.30 -29.37 33.37
CA PRO A 540 36.03 -29.45 32.66
C PRO A 540 36.24 -30.29 31.40
N ARG A 541 35.17 -30.89 30.87
CA ARG A 541 35.25 -31.63 29.59
C ARG A 541 34.22 -31.12 28.60
N GLU A 542 34.54 -31.27 27.33
CA GLU A 542 33.82 -30.66 26.21
C GLU A 542 33.56 -31.62 25.04
N PHE A 543 32.80 -31.16 24.06
CA PHE A 543 32.55 -31.84 22.79
C PHE A 543 32.60 -30.83 21.64
N ALA A 544 32.82 -31.29 20.42
CA ALA A 544 32.90 -30.45 19.23
C ALA A 544 31.51 -30.13 18.65
N HIS A 545 31.30 -28.88 18.24
CA HIS A 545 30.16 -28.47 17.42
C HIS A 545 30.54 -27.24 16.62
N GLU A 546 30.48 -27.30 15.28
CA GLU A 546 30.82 -26.16 14.41
C GLU A 546 32.15 -25.46 14.75
N ALA A 547 33.20 -26.25 15.04
CA ALA A 547 34.56 -25.81 15.40
C ALA A 547 34.65 -24.97 16.70
N GLU A 548 33.63 -25.04 17.55
CA GLU A 548 33.60 -24.41 18.86
C GLU A 548 33.53 -25.47 19.96
N CYS A 549 34.14 -25.20 21.10
CA CYS A 549 34.11 -26.08 22.25
C CYS A 549 32.88 -25.81 23.12
N PHE A 550 32.14 -26.87 23.42
CA PHE A 550 30.96 -26.85 24.28
C PHE A 550 31.14 -27.87 25.41
N SER A 551 30.77 -27.50 26.64
CA SER A 551 30.95 -28.37 27.81
C SER A 551 29.98 -29.56 27.83
N CYS A 552 30.40 -30.65 28.47
CA CYS A 552 29.58 -31.85 28.71
C CYS A 552 28.60 -31.66 29.88
N HIS A 553 27.49 -32.40 29.86
CA HIS A 553 26.45 -32.33 30.92
C HIS A 553 27.07 -32.49 32.31
N PRO A 554 26.67 -31.73 33.35
CA PRO A 554 27.23 -31.87 34.70
C PRO A 554 27.26 -33.30 35.27
N GLU A 555 26.33 -34.17 34.87
CA GLU A 555 26.22 -35.58 35.30
C GLU A 555 27.04 -36.55 34.44
N CYS A 556 27.77 -36.07 33.43
CA CYS A 556 28.53 -36.91 32.52
C CYS A 556 29.84 -37.43 33.16
N GLN A 557 30.18 -38.71 32.99
CA GLN A 557 31.44 -39.27 33.49
C GLN A 557 32.63 -38.88 32.58
N PRO A 558 33.70 -38.24 33.09
CA PRO A 558 34.92 -37.99 32.31
C PRO A 558 35.57 -39.30 31.82
N MET A 559 35.97 -39.32 30.54
CA MET A 559 36.61 -40.45 29.87
C MET A 559 38.12 -40.29 29.79
N GLU A 560 38.86 -41.39 29.79
CA GLU A 560 40.33 -41.42 29.65
C GLU A 560 40.72 -42.14 28.36
N GLY A 561 41.33 -41.42 27.41
CA GLY A 561 41.76 -41.96 26.11
C GLY A 561 40.77 -41.73 24.94
N THR A 562 39.52 -41.36 25.24
CA THR A 562 38.46 -41.08 24.26
C THR A 562 37.65 -39.85 24.64
N ALA A 563 36.67 -39.47 23.82
CA ALA A 563 35.81 -38.31 24.03
C ALA A 563 34.84 -38.52 25.21
N THR A 564 34.76 -37.52 26.10
CA THR A 564 33.87 -37.56 27.28
C THR A 564 32.39 -37.66 26.94
N CYS A 565 31.94 -36.89 25.94
CA CYS A 565 30.54 -36.84 25.53
C CYS A 565 30.44 -36.44 24.05
N ASN A 566 29.25 -36.66 23.47
CA ASN A 566 28.90 -36.23 22.09
C ASN A 566 27.83 -35.10 22.01
N GLY A 567 27.57 -34.42 23.14
CA GLY A 567 26.58 -33.34 23.31
C GLY A 567 26.45 -32.88 24.79
N SER A 568 25.71 -31.78 25.02
CA SER A 568 25.50 -31.17 26.35
C SER A 568 24.35 -31.80 27.16
N GLY A 569 23.58 -32.72 26.59
CA GLY A 569 22.44 -33.41 27.20
C GLY A 569 22.79 -34.55 28.17
N SER A 570 21.85 -34.92 29.02
CA SER A 570 21.95 -36.00 30.01
C SER A 570 22.01 -37.41 29.39
N ASP A 571 21.62 -37.52 28.13
CA ASP A 571 21.60 -38.75 27.33
C ASP A 571 22.64 -38.73 26.19
N THR A 572 23.60 -37.81 26.21
CA THR A 572 24.67 -37.67 25.20
C THR A 572 26.08 -38.03 25.70
N CYS A 573 26.20 -38.53 26.93
CA CYS A 573 27.49 -38.86 27.55
C CYS A 573 27.92 -40.32 27.32
N ALA A 574 29.22 -40.61 27.23
CA ALA A 574 29.72 -41.98 27.07
C ALA A 574 29.34 -42.94 28.22
N GLN A 575 29.40 -42.47 29.47
CA GLN A 575 29.04 -43.21 30.69
C GLN A 575 28.35 -42.31 31.73
N CYS A 576 27.49 -42.86 32.57
CA CYS A 576 26.87 -42.05 33.62
C CYS A 576 27.80 -41.87 34.84
N ALA A 577 27.99 -40.66 35.36
CA ALA A 577 28.84 -40.41 36.53
C ALA A 577 28.26 -40.94 37.85
N HIS A 578 26.92 -40.89 37.97
CA HIS A 578 26.16 -41.23 39.18
C HIS A 578 25.15 -42.36 38.88
N PHE A 579 23.85 -42.06 38.77
CA PHE A 579 22.73 -43.02 38.64
C PHE A 579 22.05 -42.94 37.25
N ARG A 580 21.55 -44.05 36.70
CA ARG A 580 20.94 -44.05 35.38
C ARG A 580 19.45 -44.24 35.50
N ASP A 581 18.73 -43.33 34.87
CA ASP A 581 17.29 -43.36 34.81
C ASP A 581 16.89 -43.38 33.33
N GLY A 582 16.67 -44.59 32.83
CA GLY A 582 16.50 -44.85 31.39
C GLY A 582 17.74 -44.43 30.63
N PRO A 583 17.64 -43.60 29.59
CA PRO A 583 18.82 -43.13 28.88
C PRO A 583 19.49 -41.91 29.50
N HIS A 584 19.03 -41.39 30.64
CA HIS A 584 19.55 -40.11 31.11
C HIS A 584 20.33 -40.43 32.32
N CYS A 585 21.44 -39.74 32.48
CA CYS A 585 22.16 -39.82 33.72
C CYS A 585 21.68 -38.74 34.72
N VAL A 586 21.44 -39.10 35.99
CA VAL A 586 20.94 -38.23 37.08
C VAL A 586 21.84 -38.34 38.33
N SER A 587 21.83 -37.36 39.25
CA SER A 587 22.61 -37.44 40.51
C SER A 587 22.09 -38.46 41.53
N SER A 588 20.79 -38.76 41.51
CA SER A 588 20.11 -39.77 42.34
C SER A 588 18.81 -40.19 41.66
N CYS A 589 18.24 -41.33 42.04
CA CYS A 589 16.95 -41.76 41.47
C CYS A 589 15.81 -40.80 41.90
N PRO A 590 14.87 -40.43 41.00
CA PRO A 590 13.85 -39.43 41.30
C PRO A 590 12.85 -39.84 42.38
N HIS A 591 12.47 -38.86 43.21
CA HIS A 591 11.45 -38.98 44.26
C HIS A 591 10.55 -37.74 44.28
N GLY A 592 9.25 -37.93 44.40
CA GLY A 592 8.26 -36.85 44.47
C GLY A 592 7.98 -36.18 43.11
N VAL A 593 8.15 -36.88 41.99
CA VAL A 593 7.97 -36.32 40.63
C VAL A 593 6.52 -36.46 40.18
N LEU A 594 5.87 -35.43 39.65
CA LEU A 594 4.47 -35.58 39.23
C LEU A 594 4.35 -35.75 37.73
N GLY A 595 3.87 -36.92 37.35
CA GLY A 595 3.67 -37.20 35.94
C GLY A 595 2.24 -37.46 35.51
N ALA A 596 2.06 -38.16 34.36
CA ALA A 596 0.75 -38.53 33.79
C ALA A 596 -0.10 -39.40 34.74
N LYS A 597 0.54 -40.14 35.64
CA LYS A 597 -0.08 -41.03 36.63
C LYS A 597 0.05 -40.55 38.09
N GLY A 598 0.46 -39.30 38.29
CA GLY A 598 0.68 -38.71 39.60
C GLY A 598 2.10 -38.95 40.08
N PRO A 599 2.33 -38.95 41.39
CA PRO A 599 3.65 -39.06 41.96
C PRO A 599 4.39 -40.29 41.47
N ILE A 600 5.64 -40.07 41.10
CA ILE A 600 6.56 -41.08 40.58
C ILE A 600 7.76 -41.18 41.54
N TYR A 601 8.09 -42.41 41.97
CA TYR A 601 9.24 -42.72 42.81
C TYR A 601 10.01 -43.90 42.20
N LYS A 602 11.35 -43.83 42.17
CA LYS A 602 12.22 -44.92 41.69
C LYS A 602 13.29 -45.25 42.72
N TYR A 603 13.77 -46.50 42.75
CA TYR A 603 14.86 -46.94 43.64
C TYR A 603 16.09 -47.36 42.82
N PRO A 604 17.29 -47.19 43.37
CA PRO A 604 18.51 -47.64 42.71
C PRO A 604 18.71 -49.16 42.82
N ASP A 605 19.33 -49.74 41.81
CA ASP A 605 19.79 -51.14 41.81
C ASP A 605 21.29 -51.25 42.21
N VAL A 606 21.85 -52.47 42.27
CA VAL A 606 23.27 -52.68 42.65
C VAL A 606 24.26 -52.05 41.66
N GLN A 607 23.88 -51.91 40.38
CA GLN A 607 24.65 -51.23 39.33
C GLN A 607 24.33 -49.70 39.18
N ASN A 608 23.61 -49.12 40.13
CA ASN A 608 23.18 -47.71 40.15
C ASN A 608 22.16 -47.34 39.04
N GLU A 609 21.47 -48.30 38.44
CA GLU A 609 20.31 -48.00 37.57
C GLU A 609 19.04 -47.85 38.42
N CYS A 610 18.12 -46.99 38.00
CA CYS A 610 16.88 -46.72 38.73
C CYS A 610 15.71 -47.60 38.22
N ARG A 611 14.83 -48.03 39.13
CA ARG A 611 13.60 -48.81 38.81
C ARG A 611 12.35 -48.27 39.52
N PRO A 612 11.13 -48.31 38.93
CA PRO A 612 9.89 -47.88 39.59
C PRO A 612 9.58 -48.60 40.91
N CYS A 613 9.08 -47.87 41.91
CA CYS A 613 8.66 -48.47 43.19
C CYS A 613 7.28 -49.16 43.07
N HIS A 614 6.93 -50.00 44.05
CA HIS A 614 5.61 -50.65 44.10
C HIS A 614 4.48 -49.59 44.10
N GLU A 615 3.37 -49.88 43.42
CA GLU A 615 2.28 -48.93 43.22
C GLU A 615 1.61 -48.45 44.53
N ASN A 616 1.78 -49.18 45.63
CA ASN A 616 1.24 -48.83 46.95
C ASN A 616 2.26 -48.20 47.91
N CYS A 617 3.42 -47.72 47.44
CA CYS A 617 4.40 -47.05 48.31
C CYS A 617 4.05 -45.59 48.67
N THR A 618 4.76 -45.05 49.65
CA THR A 618 4.59 -43.71 50.24
C THR A 618 5.43 -42.66 49.49
N GLN A 619 6.62 -42.35 50.01
CA GLN A 619 7.57 -41.35 49.50
C GLN A 619 8.84 -41.99 48.91
N GLY A 620 8.77 -43.28 48.63
CA GLY A 620 9.87 -44.07 48.09
C GLY A 620 9.83 -45.51 48.58
N CYS A 621 10.88 -46.25 48.21
CA CYS A 621 11.04 -47.65 48.51
C CYS A 621 12.52 -48.08 48.44
N LYS A 622 12.83 -49.28 48.93
CA LYS A 622 14.14 -49.97 48.75
C LYS A 622 14.10 -51.15 47.75
N GLY A 623 13.00 -51.32 47.01
CA GLY A 623 12.81 -52.46 46.09
C GLY A 623 11.42 -52.53 45.41
N PRO A 624 11.17 -53.53 44.54
CA PRO A 624 9.95 -53.61 43.73
C PRO A 624 8.71 -54.13 44.48
N GLU A 625 8.85 -54.66 45.71
CA GLU A 625 7.78 -55.35 46.45
C GLU A 625 7.05 -54.43 47.43
N LEU A 626 5.84 -54.81 47.88
CA LEU A 626 5.07 -54.03 48.85
C LEU A 626 5.82 -53.83 50.18
N GLN A 627 6.52 -54.85 50.68
CA GLN A 627 7.31 -54.75 51.91
C GLN A 627 8.55 -53.86 51.77
N ASP A 628 8.89 -53.39 50.56
CA ASP A 628 10.02 -52.49 50.33
C ASP A 628 9.65 -51.00 50.49
N CYS A 629 8.38 -50.66 50.65
CA CYS A 629 7.91 -49.28 50.74
C CYS A 629 8.29 -48.59 52.07
N LEU A 630 8.67 -47.31 52.00
CA LEU A 630 9.02 -46.51 53.18
C LEU A 630 7.82 -46.23 54.09
N SER B 3 35.03 43.66 -2.06
CA SER B 3 33.93 43.07 -2.82
C SER B 3 32.56 43.32 -2.16
N HIS B 4 31.72 42.29 -2.09
CA HIS B 4 30.36 42.34 -1.54
C HIS B 4 30.21 41.72 -0.16
N LEU B 5 31.33 41.38 0.50
CA LEU B 5 31.38 40.73 1.81
C LEU B 5 32.06 41.61 2.87
N VAL B 6 31.58 41.51 4.11
CA VAL B 6 32.19 42.11 5.32
C VAL B 6 32.33 41.04 6.42
N LYS B 7 33.24 41.26 7.39
CA LYS B 7 33.49 40.38 8.56
C LYS B 7 32.29 40.30 9.51
N CYS B 8 31.98 39.11 10.01
CA CYS B 8 30.92 38.87 10.99
C CYS B 8 31.21 39.57 12.34
N ALA B 9 30.20 40.14 13.00
CA ALA B 9 30.34 40.74 14.34
C ALA B 9 30.61 39.67 15.43
N GLU B 10 31.16 40.02 16.60
CA GLU B 10 31.49 39.06 17.66
C GLU B 10 30.34 38.13 18.09
N LYS B 11 29.08 38.61 18.11
CA LYS B 11 27.89 37.78 18.36
C LYS B 11 27.53 36.83 17.20
N GLU B 12 28.09 37.04 16.00
CA GLU B 12 27.85 36.25 14.78
C GLU B 12 28.98 35.26 14.44
N LYS B 13 30.24 35.52 14.86
CA LYS B 13 31.45 34.75 14.47
C LYS B 13 31.44 33.25 14.81
N THR B 14 30.64 32.81 15.79
CA THR B 14 30.46 31.39 16.14
C THR B 14 29.67 30.57 15.10
N PHE B 15 29.06 31.19 14.08
CA PHE B 15 28.38 30.51 12.97
C PHE B 15 29.30 29.52 12.23
N CYS B 16 30.52 29.91 11.88
CA CYS B 16 31.50 29.03 11.24
C CYS B 16 32.32 28.27 12.29
N VAL B 17 32.60 27.01 12.03
CA VAL B 17 33.38 26.10 12.89
C VAL B 17 34.69 25.67 12.21
N ASN B 18 35.69 25.20 12.94
CA ASN B 18 37.00 24.75 12.44
C ASN B 18 37.87 25.79 11.69
N GLY B 19 37.32 26.57 10.76
CA GLY B 19 37.99 27.71 10.10
C GLY B 19 37.88 29.01 10.89
N GLY B 20 36.67 29.58 10.94
CA GLY B 20 36.34 30.81 11.67
C GLY B 20 36.24 32.07 10.80
N GLU B 21 36.55 31.98 9.51
CA GLU B 21 36.50 33.09 8.55
C GLU B 21 35.06 33.36 8.10
N CYS B 22 34.22 33.74 9.05
CA CYS B 22 32.80 34.07 8.83
C CYS B 22 32.67 35.43 8.13
N PHE B 23 31.88 35.52 7.05
CA PHE B 23 31.54 36.78 6.36
C PHE B 23 30.01 36.96 6.18
N MET B 24 29.53 38.21 6.15
CA MET B 24 28.13 38.68 5.92
C MET B 24 28.02 39.30 4.51
N VAL B 25 26.95 39.06 3.74
CA VAL B 25 26.70 39.71 2.43
C VAL B 25 26.13 41.11 2.64
N LYS B 26 26.81 42.15 2.14
CA LYS B 26 26.42 43.56 2.31
C LYS B 26 24.95 43.83 1.99
N SER B 29 20.22 41.40 -0.51
CA SER B 29 20.90 41.32 0.79
C SER B 29 20.06 41.88 1.96
N ASN B 30 18.73 41.92 1.81
CA ASN B 30 17.79 42.28 2.88
C ASN B 30 17.77 41.25 4.04
N PRO B 31 17.58 39.94 3.82
CA PRO B 31 17.79 38.94 4.86
C PRO B 31 19.28 38.74 5.14
N SER B 32 19.64 38.31 6.35
CA SER B 32 21.03 38.01 6.69
C SER B 32 21.50 36.78 5.88
N ARG B 33 22.70 36.85 5.30
CA ARG B 33 23.33 35.72 4.60
C ARG B 33 24.76 35.53 5.10
N TYR B 34 25.02 34.38 5.69
CA TYR B 34 26.27 34.04 6.31
C TYR B 34 27.09 33.12 5.40
N LEU B 35 28.35 33.48 5.19
CA LEU B 35 29.38 32.74 4.47
C LEU B 35 30.54 32.35 5.41
N CYS B 36 31.32 31.32 5.06
CA CYS B 36 32.64 31.08 5.63
C CYS B 36 33.62 30.59 4.56
N LYS B 37 34.87 31.08 4.60
CA LYS B 37 35.96 30.57 3.75
C LYS B 37 36.70 29.49 4.55
N CYS B 38 36.53 28.23 4.20
CA CYS B 38 37.07 27.09 4.97
C CYS B 38 38.58 26.87 4.70
N PRO B 39 39.38 26.32 5.63
CA PRO B 39 40.71 25.80 5.32
C PRO B 39 40.66 24.66 4.28
N ASN B 40 41.74 24.41 3.55
CA ASN B 40 41.85 23.47 2.43
C ASN B 40 41.31 22.06 2.73
N GLU B 41 41.50 21.61 3.97
CA GLU B 41 41.08 20.31 4.44
C GLU B 41 39.59 20.24 4.91
N PHE B 42 38.82 21.35 5.00
CA PHE B 42 37.42 21.39 5.46
C PHE B 42 36.41 21.83 4.36
N THR B 43 35.17 21.31 4.35
CA THR B 43 34.09 21.69 3.45
C THR B 43 32.74 21.71 4.16
N GLY B 44 31.65 21.95 3.45
CA GLY B 44 30.31 22.12 4.00
C GLY B 44 29.99 23.59 4.25
N ASP B 45 28.69 23.89 4.44
CA ASP B 45 28.17 25.26 4.59
C ASP B 45 28.73 26.04 5.79
N ARG B 46 29.16 25.37 6.88
CA ARG B 46 29.81 25.95 8.07
C ARG B 46 31.27 25.48 8.25
N CYS B 47 31.87 24.79 7.27
CA CYS B 47 33.16 24.11 7.33
C CYS B 47 33.25 22.94 8.33
N GLN B 48 32.14 22.23 8.57
CA GLN B 48 32.04 21.17 9.57
C GLN B 48 32.60 19.77 9.15
N ASN B 49 32.79 19.49 7.85
CA ASN B 49 33.19 18.17 7.34
C ASN B 49 34.64 18.18 6.85
N TYR B 50 35.38 17.08 6.97
CA TYR B 50 36.70 17.01 6.30
C TYR B 50 36.51 16.80 4.80
N VAL B 51 37.46 17.28 4.00
CA VAL B 51 37.58 17.02 2.56
C VAL B 51 38.22 15.65 2.32
N MET B 52 37.61 14.79 1.50
CA MET B 52 38.13 13.44 1.25
C MET B 52 39.16 13.41 0.11
N ALA B 53 40.17 12.54 0.24
CA ALA B 53 41.22 12.29 -0.74
C ALA B 53 41.91 13.57 -1.24
N GLN C 24 -26.53 8.89 -8.34
CA GLN C 24 -26.76 8.89 -9.77
C GLN C 24 -26.09 7.72 -10.49
N VAL C 25 -25.59 6.73 -9.76
CA VAL C 25 -24.90 5.55 -10.30
C VAL C 25 -25.62 4.26 -9.94
N CYS C 26 -25.84 3.37 -10.91
CA CYS C 26 -26.48 2.07 -10.73
C CYS C 26 -25.87 1.00 -11.61
N THR C 27 -26.19 -0.27 -11.41
CA THR C 27 -25.53 -1.41 -12.09
C THR C 27 -26.33 -2.04 -13.23
N GLY C 28 -27.57 -1.63 -13.47
CA GLY C 28 -28.35 -2.19 -14.58
C GLY C 28 -28.77 -3.65 -14.35
N THR C 29 -28.90 -4.44 -15.42
CA THR C 29 -29.39 -5.82 -15.36
C THR C 29 -28.55 -6.77 -16.22
N ASP C 30 -28.85 -8.08 -16.15
CA ASP C 30 -28.15 -9.13 -16.91
C ASP C 30 -29.13 -10.22 -17.39
N MET C 31 -30.19 -9.83 -18.08
CA MET C 31 -31.22 -10.72 -18.59
C MET C 31 -30.98 -11.19 -20.03
N LYS C 32 -30.18 -10.53 -20.87
CA LYS C 32 -30.13 -10.84 -22.29
C LYS C 32 -31.56 -10.81 -22.88
N LEU C 33 -32.00 -11.87 -23.54
CA LEU C 33 -33.34 -12.01 -24.11
C LEU C 33 -34.29 -12.90 -23.28
N ARG C 34 -33.98 -13.24 -22.03
CA ARG C 34 -34.85 -14.09 -21.18
C ARG C 34 -36.10 -13.34 -20.74
N LEU C 35 -37.17 -14.08 -20.49
CA LEU C 35 -38.48 -13.54 -20.07
C LEU C 35 -38.42 -12.90 -18.66
N PRO C 36 -39.23 -11.87 -18.36
CA PRO C 36 -39.30 -11.30 -17.03
C PRO C 36 -39.69 -12.35 -15.98
N ALA C 37 -39.07 -12.31 -14.81
CA ALA C 37 -39.41 -13.20 -13.70
C ALA C 37 -40.86 -12.98 -13.24
N SER C 38 -41.30 -11.73 -13.25
CA SER C 38 -42.63 -11.28 -12.87
C SER C 38 -43.14 -10.20 -13.83
N PRO C 39 -43.84 -10.56 -14.92
CA PRO C 39 -44.31 -9.60 -15.91
C PRO C 39 -45.11 -8.43 -15.31
N GLU C 40 -45.79 -8.63 -14.18
CA GLU C 40 -46.57 -7.62 -13.47
C GLU C 40 -45.72 -6.52 -12.82
N THR C 41 -44.50 -6.85 -12.37
CA THR C 41 -43.56 -5.90 -11.74
C THR C 41 -42.33 -5.59 -12.60
N HIS C 42 -42.18 -6.16 -13.79
CA HIS C 42 -41.03 -5.90 -14.67
C HIS C 42 -40.78 -4.42 -14.89
N LEU C 43 -41.82 -3.61 -15.15
CA LEU C 43 -41.63 -2.17 -15.38
C LEU C 43 -41.14 -1.44 -14.12
N ASP C 44 -41.68 -1.79 -12.94
CA ASP C 44 -41.18 -1.28 -11.65
C ASP C 44 -39.75 -1.71 -11.34
N MET C 45 -39.35 -2.94 -11.67
CA MET C 45 -37.95 -3.37 -11.54
C MET C 45 -37.03 -2.43 -12.32
N LEU C 46 -37.35 -2.15 -13.58
CA LEU C 46 -36.56 -1.26 -14.42
C LEU C 46 -36.59 0.16 -13.87
N ARG C 47 -37.75 0.63 -13.44
CA ARG C 47 -37.88 1.97 -12.85
C ARG C 47 -37.06 2.14 -11.57
N HIS C 48 -37.07 1.21 -10.61
CA HIS C 48 -36.26 1.35 -9.40
C HIS C 48 -34.75 1.34 -9.69
N LEU C 49 -34.27 0.49 -10.61
CA LEU C 49 -32.84 0.41 -10.89
C LEU C 49 -32.35 1.68 -11.60
N TYR C 50 -33.13 2.23 -12.53
CA TYR C 50 -32.68 3.31 -13.39
C TYR C 50 -33.19 4.70 -13.01
N GLN C 51 -34.30 4.83 -12.30
CA GLN C 51 -34.85 6.16 -11.95
C GLN C 51 -33.90 7.00 -11.09
N GLY C 52 -33.37 8.08 -11.67
CA GLY C 52 -32.33 8.92 -11.08
C GLY C 52 -30.89 8.62 -11.52
N CYS C 53 -30.63 7.57 -12.33
CA CYS C 53 -29.26 7.27 -12.76
C CYS C 53 -28.81 8.16 -13.90
N GLN C 54 -27.54 8.52 -13.90
CA GLN C 54 -26.86 9.13 -15.04
C GLN C 54 -25.82 8.16 -15.62
N VAL C 55 -25.20 7.32 -14.79
CA VAL C 55 -24.18 6.36 -15.24
C VAL C 55 -24.56 4.94 -14.86
N VAL C 56 -24.62 4.03 -15.82
CA VAL C 56 -24.90 2.61 -15.61
C VAL C 56 -23.59 1.83 -15.65
N GLN C 57 -23.22 1.17 -14.56
CA GLN C 57 -21.99 0.39 -14.38
C GLN C 57 -21.96 -0.97 -15.09
N GLY C 58 -23.10 -1.44 -15.59
CA GLY C 58 -23.23 -2.69 -16.33
C GLY C 58 -23.97 -2.48 -17.62
N ASN C 59 -24.86 -3.40 -17.99
CA ASN C 59 -25.65 -3.37 -19.22
C ASN C 59 -26.98 -2.62 -19.04
N LEU C 60 -27.45 -1.97 -20.10
CA LEU C 60 -28.73 -1.29 -20.12
C LEU C 60 -29.67 -2.13 -20.98
N GLU C 61 -30.55 -2.90 -20.35
CA GLU C 61 -31.45 -3.81 -21.04
C GLU C 61 -32.90 -3.38 -20.82
N LEU C 62 -33.59 -3.04 -21.88
CA LEU C 62 -34.95 -2.56 -21.89
C LEU C 62 -35.69 -3.52 -22.77
N THR C 63 -36.19 -4.60 -22.18
CA THR C 63 -36.84 -5.68 -22.91
C THR C 63 -38.25 -5.97 -22.41
N TYR C 64 -39.07 -6.56 -23.28
CA TYR C 64 -40.45 -6.99 -23.01
C TYR C 64 -41.39 -5.91 -22.45
N LEU C 65 -41.28 -4.65 -22.88
CA LEU C 65 -42.10 -3.54 -22.36
C LEU C 65 -43.53 -3.52 -22.95
N PRO C 66 -44.57 -3.17 -22.18
CA PRO C 66 -45.95 -3.07 -22.66
C PRO C 66 -46.16 -1.83 -23.52
N THR C 67 -47.26 -1.74 -24.28
CA THR C 67 -47.58 -0.53 -25.04
C THR C 67 -47.78 0.69 -24.13
N ASN C 68 -47.21 1.83 -24.49
CA ASN C 68 -47.28 3.09 -23.72
C ASN C 68 -46.76 2.96 -22.27
N ALA C 69 -45.65 2.26 -22.05
CA ALA C 69 -45.01 2.12 -20.76
C ALA C 69 -44.48 3.48 -20.24
N SER C 70 -44.52 3.75 -18.93
CA SER C 70 -43.99 4.98 -18.32
C SER C 70 -42.46 5.01 -18.28
N LEU C 71 -41.80 5.24 -19.41
CA LEU C 71 -40.34 5.14 -19.55
C LEU C 71 -39.58 6.45 -19.26
N SER C 72 -40.24 7.50 -18.77
CA SER C 72 -39.61 8.81 -18.50
C SER C 72 -38.43 8.78 -17.53
N PHE C 73 -38.29 7.75 -16.71
CA PHE C 73 -37.18 7.60 -15.77
C PHE C 73 -35.83 7.31 -16.45
N LEU C 74 -35.81 6.98 -17.74
CA LEU C 74 -34.58 6.70 -18.50
C LEU C 74 -33.93 7.98 -19.08
N GLN C 75 -34.60 9.13 -19.04
CA GLN C 75 -34.13 10.37 -19.69
C GLN C 75 -32.81 10.92 -19.19
N ASP C 76 -32.37 10.55 -18.00
CA ASP C 76 -31.15 11.06 -17.35
C ASP C 76 -29.90 10.27 -17.72
N ILE C 77 -30.00 9.09 -18.34
CA ILE C 77 -28.83 8.28 -18.60
C ILE C 77 -28.00 8.89 -19.69
N GLN C 78 -26.75 9.07 -19.34
CA GLN C 78 -25.68 9.61 -20.19
C GLN C 78 -24.62 8.58 -20.54
N GLU C 79 -24.34 7.63 -19.66
CA GLU C 79 -23.28 6.64 -19.93
C GLU C 79 -23.70 5.21 -19.60
N VAL C 80 -23.41 4.27 -20.49
CA VAL C 80 -23.55 2.83 -20.23
C VAL C 80 -22.21 2.17 -20.42
N GLN C 81 -21.70 1.46 -19.43
CA GLN C 81 -20.38 0.85 -19.53
C GLN C 81 -20.36 -0.47 -20.29
N GLY C 82 -21.44 -1.23 -20.26
CA GLY C 82 -21.55 -2.48 -21.01
C GLY C 82 -22.22 -2.27 -22.38
N TYR C 83 -23.20 -3.12 -22.71
CA TYR C 83 -23.99 -2.97 -23.93
C TYR C 83 -25.38 -2.39 -23.66
N VAL C 84 -26.01 -1.86 -24.70
CA VAL C 84 -27.40 -1.37 -24.70
C VAL C 84 -28.23 -2.33 -25.53
N LEU C 85 -29.20 -3.00 -24.92
CA LEU C 85 -30.10 -3.95 -25.57
C LEU C 85 -31.53 -3.46 -25.46
N ILE C 86 -32.20 -3.26 -26.59
CA ILE C 86 -33.60 -2.89 -26.63
C ILE C 86 -34.30 -4.00 -27.42
N ALA C 87 -35.16 -4.80 -26.78
CA ALA C 87 -35.75 -5.95 -27.47
C ALA C 87 -37.17 -6.37 -27.08
N HIS C 88 -37.96 -6.86 -28.02
CA HIS C 88 -39.35 -7.36 -27.81
C HIS C 88 -40.32 -6.37 -27.15
N ASN C 89 -40.20 -5.07 -27.40
CA ASN C 89 -40.99 -3.99 -26.82
C ASN C 89 -42.16 -3.54 -27.73
N GLN C 90 -43.33 -3.18 -27.19
CA GLN C 90 -44.45 -2.61 -27.98
C GLN C 90 -44.45 -1.06 -28.06
N VAL C 91 -43.58 -0.35 -27.34
CA VAL C 91 -43.52 1.14 -27.25
C VAL C 91 -43.00 1.80 -28.52
N ARG C 92 -43.53 2.98 -28.92
CA ARG C 92 -43.15 3.70 -30.17
C ARG C 92 -41.75 4.35 -30.09
N GLN C 93 -41.37 4.83 -28.91
CA GLN C 93 -40.10 5.51 -28.64
C GLN C 93 -39.56 5.13 -27.26
N VAL C 94 -38.24 5.14 -27.08
CA VAL C 94 -37.57 4.93 -25.78
C VAL C 94 -36.76 6.19 -25.46
N PRO C 95 -37.05 6.94 -24.37
CA PRO C 95 -36.47 8.26 -24.11
C PRO C 95 -35.01 8.20 -23.63
N LEU C 96 -34.09 7.85 -24.53
CA LEU C 96 -32.64 7.84 -24.32
C LEU C 96 -31.92 8.96 -25.10
N GLN C 97 -32.57 10.10 -25.34
CA GLN C 97 -31.95 11.21 -26.10
C GLN C 97 -30.64 11.72 -25.46
N ARG C 98 -30.50 11.66 -24.13
CA ARG C 98 -29.28 12.04 -23.40
C ARG C 98 -28.09 11.05 -23.43
N LEU C 99 -28.21 9.80 -23.89
CA LEU C 99 -27.10 8.81 -23.90
C LEU C 99 -25.92 9.27 -24.82
N ARG C 100 -24.71 9.47 -24.28
CA ARG C 100 -23.56 10.03 -25.02
C ARG C 100 -22.60 8.96 -25.48
N ILE C 101 -22.31 8.01 -24.61
CA ILE C 101 -21.25 7.04 -24.80
C ILE C 101 -21.69 5.65 -24.36
N VAL C 102 -21.32 4.64 -25.12
CA VAL C 102 -21.44 3.23 -24.70
C VAL C 102 -20.05 2.62 -24.75
N ARG C 103 -19.51 2.18 -23.60
CA ARG C 103 -18.09 1.80 -23.53
C ARG C 103 -17.79 0.37 -23.95
N GLY C 104 -18.78 -0.52 -23.99
CA GLY C 104 -18.63 -1.88 -24.51
C GLY C 104 -17.76 -2.79 -23.64
N THR C 105 -17.71 -2.61 -22.33
CA THR C 105 -16.91 -3.48 -21.43
C THR C 105 -17.51 -4.88 -21.31
N GLN C 106 -18.79 -5.03 -21.67
CA GLN C 106 -19.52 -6.28 -21.81
C GLN C 106 -20.29 -6.20 -23.13
N LEU C 107 -20.25 -7.25 -23.96
CA LEU C 107 -20.87 -7.25 -25.28
C LEU C 107 -22.05 -8.21 -25.31
N PHE C 108 -23.05 -7.93 -26.15
CA PHE C 108 -24.33 -8.65 -26.16
C PHE C 108 -24.21 -10.11 -26.61
N GLU C 109 -23.55 -10.32 -27.74
CA GLU C 109 -23.25 -11.62 -28.36
C GLU C 109 -21.79 -11.55 -28.85
N ASP C 110 -21.50 -11.88 -30.11
CA ASP C 110 -20.13 -11.76 -30.63
C ASP C 110 -19.92 -10.40 -31.31
N ASN C 111 -19.14 -9.52 -30.68
CA ASN C 111 -18.78 -8.19 -31.20
C ASN C 111 -19.96 -7.21 -31.45
N TYR C 112 -20.96 -7.14 -30.56
CA TYR C 112 -22.03 -6.13 -30.64
C TYR C 112 -22.18 -5.34 -29.34
N ALA C 113 -22.31 -4.02 -29.43
CA ALA C 113 -22.50 -3.13 -28.29
C ALA C 113 -23.89 -2.50 -28.24
N LEU C 114 -24.50 -2.16 -29.37
CA LEU C 114 -25.88 -1.72 -29.45
C LEU C 114 -26.69 -2.79 -30.19
N ALA C 115 -27.75 -3.30 -29.57
CA ALA C 115 -28.60 -4.31 -30.15
C ALA C 115 -30.07 -3.88 -30.07
N VAL C 116 -30.78 -3.82 -31.19
CA VAL C 116 -32.20 -3.48 -31.25
C VAL C 116 -32.94 -4.59 -31.99
N LEU C 117 -33.69 -5.41 -31.27
CA LEU C 117 -34.18 -6.70 -31.76
C LEU C 117 -35.68 -6.92 -31.53
N ASP C 118 -36.37 -7.35 -32.58
CA ASP C 118 -37.76 -7.82 -32.55
C ASP C 118 -38.78 -6.85 -31.92
N ASN C 119 -38.60 -5.54 -32.06
CA ASN C 119 -39.47 -4.51 -31.49
C ASN C 119 -40.64 -4.16 -32.42
N GLY C 120 -41.55 -5.09 -32.62
CA GLY C 120 -42.74 -4.98 -33.47
C GLY C 120 -44.06 -5.00 -32.70
N GLY C 135 -47.45 -3.16 -32.20
CA GLY C 135 -46.79 -1.87 -31.97
C GLY C 135 -45.37 -1.83 -32.54
N GLY C 136 -44.39 -1.43 -31.73
CA GLY C 136 -42.96 -1.43 -32.07
C GLY C 136 -42.34 -0.03 -32.20
N LEU C 137 -41.00 0.04 -32.31
CA LEU C 137 -40.26 1.31 -32.39
C LEU C 137 -40.42 1.98 -33.76
N ARG C 138 -40.58 3.31 -33.81
CA ARG C 138 -40.54 4.07 -35.07
C ARG C 138 -39.26 4.88 -35.26
N GLU C 139 -38.66 5.38 -34.18
CA GLU C 139 -37.44 6.19 -34.22
C GLU C 139 -36.47 5.80 -33.11
N LEU C 140 -35.15 5.80 -33.37
CA LEU C 140 -34.16 5.59 -32.32
C LEU C 140 -33.99 6.81 -31.40
N GLN C 141 -34.05 8.03 -31.96
CA GLN C 141 -33.91 9.30 -31.24
C GLN C 141 -32.65 9.40 -30.34
N LEU C 142 -31.58 8.64 -30.62
CA LEU C 142 -30.33 8.67 -29.86
C LEU C 142 -29.48 9.91 -30.19
N ARG C 143 -30.01 11.12 -29.96
CA ARG C 143 -29.46 12.43 -30.39
C ARG C 143 -28.06 12.73 -29.87
N SER C 144 -27.79 12.36 -28.62
CA SER C 144 -26.52 12.59 -27.94
C SER C 144 -25.46 11.50 -28.19
N LEU C 145 -25.80 10.36 -28.79
CA LEU C 145 -24.89 9.25 -28.88
C LEU C 145 -23.86 9.56 -29.96
N THR C 146 -22.61 9.70 -29.55
CA THR C 146 -21.53 10.01 -30.47
C THR C 146 -20.37 9.06 -30.33
N GLU C 147 -20.32 8.21 -29.29
CA GLU C 147 -19.19 7.31 -29.10
C GLU C 147 -19.59 5.90 -28.70
N ILE C 148 -19.04 4.92 -29.41
CA ILE C 148 -18.98 3.50 -28.99
C ILE C 148 -17.50 3.06 -29.00
N LEU C 149 -16.97 2.73 -27.82
CA LEU C 149 -15.56 2.36 -27.63
C LEU C 149 -15.20 0.92 -28.04
N LYS C 150 -16.14 -0.03 -27.99
CA LYS C 150 -15.92 -1.45 -28.32
C LYS C 150 -17.23 -2.12 -28.73
N GLY C 151 -17.23 -2.87 -29.83
CA GLY C 151 -18.39 -3.60 -30.36
C GLY C 151 -19.18 -2.90 -31.47
N GLY C 152 -19.93 -3.68 -32.25
CA GLY C 152 -20.71 -3.23 -33.40
C GLY C 152 -22.17 -2.90 -33.10
N VAL C 153 -22.99 -2.78 -34.15
CA VAL C 153 -24.42 -2.43 -34.07
C VAL C 153 -25.28 -3.47 -34.77
N LEU C 154 -26.24 -4.04 -34.05
CA LEU C 154 -27.13 -5.09 -34.54
C LEU C 154 -28.57 -4.59 -34.47
N ILE C 155 -29.19 -4.24 -35.58
CA ILE C 155 -30.58 -3.75 -35.59
C ILE C 155 -31.39 -4.61 -36.54
N GLN C 156 -32.18 -5.55 -36.03
CA GLN C 156 -32.81 -6.62 -36.83
C GLN C 156 -34.29 -6.83 -36.49
N ARG C 157 -35.11 -7.16 -37.51
CA ARG C 157 -36.51 -7.56 -37.38
C ARG C 157 -37.39 -6.59 -36.57
N ASN C 158 -37.33 -5.29 -36.90
CA ASN C 158 -38.09 -4.23 -36.24
C ASN C 158 -39.00 -3.53 -37.28
N PRO C 159 -40.12 -4.14 -37.72
CA PRO C 159 -40.83 -3.70 -38.91
C PRO C 159 -41.71 -2.46 -38.66
N GLN C 160 -41.10 -1.41 -38.13
CA GLN C 160 -41.62 -0.05 -37.90
C GLN C 160 -40.47 1.00 -37.86
N LEU C 161 -39.22 0.61 -37.62
CA LEU C 161 -38.11 1.54 -37.39
C LEU C 161 -37.65 2.22 -38.69
N CYS C 162 -37.45 3.54 -38.67
CA CYS C 162 -37.14 4.32 -39.86
C CYS C 162 -35.62 4.45 -40.16
N TYR C 163 -34.83 5.05 -39.27
CA TYR C 163 -33.56 5.67 -39.68
C TYR C 163 -32.30 4.84 -39.38
N GLN C 164 -32.41 3.55 -39.04
CA GLN C 164 -31.27 2.67 -38.75
C GLN C 164 -30.24 2.58 -39.89
N ASP C 165 -30.65 2.84 -41.14
CA ASP C 165 -29.82 2.85 -42.36
C ASP C 165 -29.42 4.25 -42.85
N THR C 166 -29.73 5.30 -42.08
CA THR C 166 -29.48 6.70 -42.45
C THR C 166 -28.31 7.30 -41.67
N ILE C 167 -28.01 6.73 -40.51
CA ILE C 167 -26.93 7.12 -39.61
C ILE C 167 -25.56 6.69 -40.13
N LEU C 168 -24.59 7.61 -40.08
CA LEU C 168 -23.20 7.33 -40.44
C LEU C 168 -22.49 6.69 -39.25
N TRP C 169 -22.72 5.39 -39.01
CA TRP C 169 -22.26 4.69 -37.81
C TRP C 169 -20.74 4.73 -37.65
N LYS C 170 -20.02 4.90 -38.75
CA LYS C 170 -18.55 5.12 -38.77
C LYS C 170 -18.08 6.36 -38.01
N ASP C 171 -18.89 7.41 -37.87
CA ASP C 171 -18.48 8.56 -37.06
C ASP C 171 -18.61 8.27 -35.55
N ILE C 172 -19.40 7.27 -35.16
CA ILE C 172 -19.67 6.89 -33.76
C ILE C 172 -18.63 5.90 -33.22
N PHE C 173 -18.17 4.95 -34.02
CA PHE C 173 -17.09 4.04 -33.66
C PHE C 173 -15.77 4.76 -33.40
N HIS C 174 -15.09 4.43 -32.30
CA HIS C 174 -13.85 5.08 -31.87
C HIS C 174 -12.70 4.96 -32.90
N LYS C 175 -11.77 5.94 -32.90
CA LYS C 175 -10.60 5.95 -33.79
C LYS C 175 -9.79 4.65 -33.68
N ASN C 176 -9.67 4.08 -32.49
CA ASN C 176 -8.86 2.87 -32.25
C ASN C 176 -9.38 1.70 -33.07
N ASN C 177 -8.51 0.74 -33.39
CA ASN C 177 -8.86 -0.41 -34.22
C ASN C 177 -10.06 -1.17 -33.64
N GLN C 178 -11.08 -1.35 -34.47
CA GLN C 178 -12.30 -2.08 -34.16
C GLN C 178 -12.68 -2.95 -35.36
N LEU C 179 -13.40 -4.05 -35.13
CA LEU C 179 -14.09 -4.72 -36.24
C LEU C 179 -15.23 -3.81 -36.78
N ALA C 180 -15.93 -3.08 -35.89
CA ALA C 180 -16.96 -2.11 -36.27
C ALA C 180 -18.03 -2.68 -37.22
N LEU C 181 -18.49 -3.91 -36.94
CA LEU C 181 -19.49 -4.63 -37.73
C LEU C 181 -20.88 -4.03 -37.51
N THR C 182 -21.62 -3.74 -38.59
CA THR C 182 -22.99 -3.23 -38.52
C THR C 182 -23.94 -4.13 -39.31
N LEU C 183 -25.02 -4.62 -38.71
CA LEU C 183 -26.04 -5.41 -39.39
C LEU C 183 -27.38 -4.67 -39.34
N ILE C 184 -27.77 -4.00 -40.42
CA ILE C 184 -28.93 -3.11 -40.43
C ILE C 184 -30.04 -3.73 -41.27
N ASP C 185 -31.18 -3.98 -40.65
CA ASP C 185 -32.37 -4.48 -41.31
C ASP C 185 -33.25 -3.31 -41.77
N THR C 186 -33.43 -3.16 -43.07
CA THR C 186 -34.20 -2.08 -43.70
C THR C 186 -35.65 -2.43 -43.98
N ASN C 187 -36.15 -3.63 -43.61
CA ASN C 187 -37.52 -4.09 -43.87
C ASN C 187 -38.51 -3.50 -42.85
N ARG C 188 -38.70 -2.17 -42.90
CA ARG C 188 -39.50 -1.38 -41.96
C ARG C 188 -41.00 -1.40 -42.21
N SER C 189 -41.44 -1.65 -43.44
CA SER C 189 -42.85 -1.68 -43.86
C SER C 189 -43.65 -0.45 -43.39
N ARG C 190 -43.06 0.75 -43.50
CA ARG C 190 -43.61 2.06 -43.11
C ARG C 190 -43.17 3.14 -44.10
N ALA C 191 -44.06 4.07 -44.44
CA ALA C 191 -43.78 5.24 -45.28
C ALA C 191 -43.09 6.38 -44.49
N CYS C 192 -41.83 6.20 -44.09
CA CYS C 192 -41.10 7.17 -43.28
C CYS C 192 -40.77 8.43 -44.10
N HIS C 193 -40.95 9.61 -43.52
CA HIS C 193 -40.57 10.89 -44.13
C HIS C 193 -39.02 11.03 -44.16
N PRO C 194 -38.42 11.61 -45.22
CA PRO C 194 -36.99 11.94 -45.22
C PRO C 194 -36.58 12.91 -44.09
N CYS C 195 -35.30 12.91 -43.71
CA CYS C 195 -34.79 13.82 -42.68
C CYS C 195 -35.19 15.28 -42.95
N SER C 196 -35.46 16.03 -41.89
CA SER C 196 -35.92 17.42 -42.00
C SER C 196 -35.16 18.19 -43.10
N PRO C 197 -35.83 19.04 -43.91
CA PRO C 197 -35.17 19.84 -44.94
C PRO C 197 -33.95 20.64 -44.46
N MET C 198 -33.88 20.95 -43.16
CA MET C 198 -32.78 21.69 -42.53
C MET C 198 -31.58 20.81 -42.13
N CYS C 199 -31.62 19.50 -42.36
CA CYS C 199 -30.62 18.54 -41.87
C CYS C 199 -29.49 18.29 -42.89
N LYS C 200 -28.33 18.93 -42.70
CA LYS C 200 -27.19 18.84 -43.61
C LYS C 200 -26.71 17.40 -43.80
N GLY C 201 -26.61 16.94 -45.05
CA GLY C 201 -26.15 15.59 -45.40
C GLY C 201 -27.21 14.49 -45.25
N SER C 202 -28.45 14.83 -44.87
CA SER C 202 -29.55 13.89 -44.62
C SER C 202 -29.25 12.79 -43.59
N ARG C 203 -28.52 13.08 -42.50
CA ARG C 203 -28.22 12.11 -41.43
C ARG C 203 -29.03 12.43 -40.16
N CYS C 204 -29.98 11.60 -39.76
CA CYS C 204 -30.82 11.89 -38.58
C CYS C 204 -31.32 10.63 -37.86
N TRP C 205 -31.75 10.81 -36.62
CA TRP C 205 -32.31 9.79 -35.71
C TRP C 205 -33.83 9.69 -35.73
N GLY C 206 -34.53 10.57 -36.46
CA GLY C 206 -35.97 10.73 -36.38
C GLY C 206 -36.50 11.77 -37.38
N GLU C 207 -37.81 12.01 -37.40
CA GLU C 207 -38.46 12.89 -38.38
C GLU C 207 -38.30 14.39 -38.09
N SER C 208 -37.92 14.80 -36.87
CA SER C 208 -37.84 16.23 -36.47
C SER C 208 -36.49 16.88 -36.77
N SER C 209 -36.45 18.22 -36.79
CA SER C 209 -35.21 18.97 -37.01
C SER C 209 -34.19 18.81 -35.87
N GLU C 210 -34.63 18.54 -34.65
CA GLU C 210 -33.74 18.30 -33.50
C GLU C 210 -33.08 16.91 -33.57
N ASP C 211 -33.50 16.02 -34.47
CA ASP C 211 -33.02 14.64 -34.55
C ASP C 211 -31.76 14.42 -35.42
N CYS C 212 -31.15 15.46 -36.00
CA CYS C 212 -29.99 15.29 -36.89
C CYS C 212 -28.77 14.71 -36.18
N GLN C 213 -28.04 13.81 -36.84
CA GLN C 213 -26.79 13.26 -36.31
C GLN C 213 -25.72 14.36 -36.31
N SER C 214 -24.96 14.51 -35.23
CA SER C 214 -23.76 15.35 -35.24
C SER C 214 -22.55 14.52 -35.65
N LEU C 215 -21.69 15.07 -36.51
CA LEU C 215 -20.46 14.43 -36.96
C LEU C 215 -19.26 15.01 -36.21
N THR C 216 -18.55 14.21 -35.40
CA THR C 216 -17.49 14.73 -34.54
C THR C 216 -16.16 14.03 -34.79
N ARG C 217 -16.07 13.08 -35.72
CA ARG C 217 -14.82 12.38 -36.05
C ARG C 217 -14.50 12.48 -37.51
N THR C 218 -15.44 12.17 -38.38
CA THR C 218 -15.12 12.04 -39.82
C THR C 218 -14.93 13.41 -40.49
N VAL C 219 -15.18 14.48 -39.76
CA VAL C 219 -15.04 15.87 -40.21
C VAL C 219 -13.90 16.66 -39.56
N CYS C 220 -13.03 16.03 -38.78
CA CYS C 220 -11.97 16.72 -38.06
C CYS C 220 -10.69 16.95 -38.88
N ALA C 221 -10.00 18.05 -38.58
CA ALA C 221 -8.70 18.39 -39.15
C ALA C 221 -7.57 17.46 -38.68
N GLY C 222 -6.59 17.20 -39.54
CA GLY C 222 -5.39 16.42 -39.20
C GLY C 222 -5.69 15.00 -38.70
N GLY C 223 -5.11 14.64 -37.57
CA GLY C 223 -5.29 13.34 -36.92
C GLY C 223 -6.25 13.31 -35.72
N CYS C 224 -7.02 14.37 -35.45
CA CYS C 224 -7.88 14.45 -34.27
C CYS C 224 -9.00 13.40 -34.24
N ALA C 225 -9.12 12.66 -33.14
CA ALA C 225 -10.17 11.66 -32.95
C ALA C 225 -11.55 12.29 -32.80
N ARG C 226 -11.62 13.45 -32.15
CA ARG C 226 -12.85 14.21 -31.91
C ARG C 226 -12.62 15.70 -32.07
N CYS C 227 -13.63 16.42 -32.52
CA CYS C 227 -13.61 17.87 -32.64
C CYS C 227 -15.01 18.49 -32.57
N LYS C 228 -15.06 19.82 -32.44
CA LYS C 228 -16.27 20.66 -32.55
C LYS C 228 -16.58 21.12 -33.98
N GLY C 229 -15.66 20.94 -34.93
CA GLY C 229 -15.77 21.49 -36.28
C GLY C 229 -14.56 21.20 -37.18
N PRO C 230 -14.56 21.69 -38.43
CA PRO C 230 -13.54 21.36 -39.42
C PRO C 230 -12.15 21.97 -39.19
N LEU C 231 -12.01 22.97 -38.30
CA LEU C 231 -10.73 23.66 -38.07
C LEU C 231 -9.83 22.91 -37.09
N PRO C 232 -8.49 22.98 -37.20
CA PRO C 232 -7.58 22.46 -36.17
C PRO C 232 -7.89 23.02 -34.77
N THR C 233 -8.35 24.27 -34.67
CA THR C 233 -8.66 24.91 -33.37
C THR C 233 -9.90 24.32 -32.70
N ASP C 234 -10.69 23.51 -33.43
CA ASP C 234 -11.89 22.86 -32.92
C ASP C 234 -11.62 21.46 -32.37
N CYS C 235 -10.39 20.95 -32.45
CA CYS C 235 -10.05 19.62 -31.96
C CYS C 235 -10.22 19.51 -30.44
N CYS C 236 -10.66 18.35 -29.99
CA CYS C 236 -10.81 18.03 -28.58
C CYS C 236 -9.52 17.45 -27.99
N HIS C 237 -9.32 17.62 -26.68
CA HIS C 237 -8.20 17.02 -25.95
C HIS C 237 -8.14 15.49 -26.15
N GLU C 238 -6.97 14.89 -26.21
CA GLU C 238 -6.83 13.46 -26.49
C GLU C 238 -7.46 12.52 -25.44
N GLN C 239 -7.83 13.00 -24.26
CA GLN C 239 -8.59 12.23 -23.27
C GLN C 239 -10.11 12.34 -23.41
N CYS C 240 -10.66 13.09 -24.37
CA CYS C 240 -12.10 13.13 -24.61
C CYS C 240 -12.59 11.97 -25.48
N ALA C 241 -13.77 11.44 -25.17
CA ALA C 241 -14.42 10.36 -25.91
C ALA C 241 -15.61 10.85 -26.75
N ALA C 242 -16.76 11.16 -26.16
CA ALA C 242 -17.93 11.58 -26.95
C ALA C 242 -17.71 12.84 -27.81
N GLY C 243 -16.82 13.73 -27.37
CA GLY C 243 -16.57 15.05 -27.96
C GLY C 243 -16.28 16.05 -26.84
N CYS C 244 -16.36 17.35 -27.11
CA CYS C 244 -16.02 18.39 -26.15
C CYS C 244 -16.75 19.71 -26.39
N THR C 245 -16.72 20.62 -25.41
CA THR C 245 -17.18 22.01 -25.54
C THR C 245 -16.03 23.02 -25.68
N GLY C 246 -14.77 22.57 -25.69
CA GLY C 246 -13.56 23.39 -25.72
C GLY C 246 -12.31 22.52 -25.84
N PRO C 247 -11.11 23.11 -26.01
CA PRO C 247 -9.90 22.36 -26.27
C PRO C 247 -9.29 21.65 -25.06
N LYS C 248 -9.71 21.91 -23.82
CA LYS C 248 -9.05 21.40 -22.61
C LYS C 248 -9.58 20.04 -22.16
N HIS C 249 -8.81 19.30 -21.36
CA HIS C 249 -9.27 18.06 -20.72
C HIS C 249 -10.34 18.26 -19.63
N SER C 250 -10.66 19.50 -19.28
CA SER C 250 -11.82 19.87 -18.47
C SER C 250 -13.08 20.17 -19.30
N ASP C 251 -13.01 20.18 -20.63
CA ASP C 251 -14.13 20.49 -21.54
C ASP C 251 -14.81 19.26 -22.16
N CYS C 252 -14.44 18.04 -21.78
CA CYS C 252 -14.93 16.82 -22.43
C CYS C 252 -16.42 16.55 -22.13
N LEU C 253 -17.15 16.00 -23.11
CA LEU C 253 -18.52 15.50 -22.92
C LEU C 253 -18.57 14.14 -22.19
N ALA C 254 -17.56 13.29 -22.38
CA ALA C 254 -17.34 12.03 -21.68
C ALA C 254 -15.82 11.72 -21.66
N CYS C 255 -15.28 11.19 -20.57
CA CYS C 255 -13.86 10.85 -20.46
C CYS C 255 -13.53 9.50 -21.12
N LEU C 256 -12.41 9.42 -21.82
CA LEU C 256 -11.97 8.20 -22.49
C LEU C 256 -11.49 7.10 -21.53
N HIS C 257 -10.82 7.48 -20.45
CA HIS C 257 -10.28 6.57 -19.44
C HIS C 257 -10.93 6.83 -18.08
N PHE C 258 -10.47 7.79 -17.29
CA PHE C 258 -11.03 8.08 -15.97
C PHE C 258 -11.37 9.55 -15.78
N ASN C 259 -12.49 9.83 -15.11
CA ASN C 259 -12.89 11.17 -14.72
C ASN C 259 -12.34 11.50 -13.33
N HIS C 260 -11.34 12.38 -13.25
CA HIS C 260 -10.79 12.84 -11.99
C HIS C 260 -11.46 14.15 -11.55
N SER C 261 -12.63 14.07 -10.90
CA SER C 261 -13.38 15.23 -10.41
C SER C 261 -13.59 16.35 -11.43
N GLY C 262 -13.98 16.01 -12.66
CA GLY C 262 -14.21 16.94 -13.77
C GLY C 262 -13.06 16.99 -14.80
N ILE C 263 -11.88 16.47 -14.48
CA ILE C 263 -10.70 16.46 -15.35
C ILE C 263 -10.49 15.06 -15.93
N CYS C 264 -10.51 14.89 -17.24
CA CYS C 264 -10.28 13.57 -17.82
C CYS C 264 -8.79 13.22 -17.89
N GLU C 265 -8.39 12.07 -17.36
CA GLU C 265 -6.98 11.65 -17.24
C GLU C 265 -6.77 10.18 -17.61
N LEU C 266 -5.55 9.80 -17.98
CA LEU C 266 -5.16 8.43 -18.35
C LEU C 266 -5.17 7.46 -17.17
N HIS C 267 -4.74 7.92 -16.00
CA HIS C 267 -4.66 7.15 -14.75
C HIS C 267 -5.30 7.93 -13.61
N CYS C 268 -5.89 7.22 -12.67
CA CYS C 268 -6.38 7.79 -11.43
C CYS C 268 -5.21 7.94 -10.41
N PRO C 269 -5.09 9.06 -9.67
CA PRO C 269 -3.98 9.29 -8.74
C PRO C 269 -3.75 8.13 -7.76
N ALA C 270 -2.51 7.67 -7.58
CA ALA C 270 -2.21 6.56 -6.68
C ALA C 270 -2.42 6.94 -5.21
N LEU C 271 -2.81 5.97 -4.38
CA LEU C 271 -2.94 6.14 -2.92
C LEU C 271 -1.58 6.30 -2.22
N VAL C 272 -0.56 5.61 -2.72
CA VAL C 272 0.82 5.64 -2.22
C VAL C 272 1.76 5.98 -3.37
N THR C 273 2.61 6.99 -3.16
CA THR C 273 3.56 7.53 -4.14
C THR C 273 4.98 7.02 -3.83
N TYR C 274 5.97 7.42 -4.62
CA TYR C 274 7.36 6.97 -4.48
C TYR C 274 8.32 8.11 -4.82
N ASN C 275 9.32 8.34 -3.97
CA ASN C 275 10.33 9.37 -4.21
C ASN C 275 11.59 8.74 -4.79
N THR C 276 11.87 9.04 -6.06
CA THR C 276 13.00 8.46 -6.81
C THR C 276 14.36 9.02 -6.43
N ASP C 277 14.41 10.11 -5.67
CA ASP C 277 15.63 10.79 -5.27
C ASP C 277 16.07 10.36 -3.87
N THR C 278 15.09 10.03 -3.01
CA THR C 278 15.30 9.63 -1.61
C THR C 278 15.03 8.15 -1.34
N PHE C 279 14.44 7.40 -2.27
CA PHE C 279 14.18 5.96 -2.15
C PHE C 279 13.22 5.63 -1.01
N GLU C 280 12.04 6.25 -0.98
CA GLU C 280 11.03 6.02 0.05
C GLU C 280 9.64 6.04 -0.55
N SER C 281 8.69 5.36 0.10
CA SER C 281 7.28 5.36 -0.26
C SER C 281 6.51 6.23 0.72
N MET C 282 5.46 6.92 0.26
CA MET C 282 4.68 7.84 1.09
C MET C 282 3.19 7.75 0.75
N PRO C 283 2.27 7.93 1.71
CA PRO C 283 0.86 8.15 1.41
C PRO C 283 0.66 9.39 0.54
N ASN C 284 -0.28 9.35 -0.39
CA ASN C 284 -0.60 10.50 -1.25
C ASN C 284 -1.82 11.25 -0.69
N PRO C 285 -1.68 12.47 -0.17
CA PRO C 285 -2.81 13.25 0.35
C PRO C 285 -3.93 13.46 -0.66
N GLU C 286 -3.60 13.40 -1.96
CA GLU C 286 -4.53 13.57 -3.08
C GLU C 286 -4.90 12.24 -3.75
N GLY C 287 -4.50 11.11 -3.19
CA GLY C 287 -4.74 9.78 -3.78
C GLY C 287 -6.22 9.45 -3.81
N ARG C 288 -6.65 8.68 -4.82
CA ARG C 288 -8.06 8.30 -5.04
C ARG C 288 -8.21 6.82 -5.35
N TYR C 289 -9.41 6.29 -5.12
CA TYR C 289 -9.75 4.93 -5.51
C TYR C 289 -10.34 4.90 -6.92
N THR C 290 -10.09 3.85 -7.68
CA THR C 290 -10.61 3.63 -9.04
C THR C 290 -11.91 2.85 -8.97
N PHE C 291 -12.99 3.46 -9.44
CA PHE C 291 -14.33 2.87 -9.48
C PHE C 291 -15.02 3.16 -10.81
N GLY C 292 -15.26 2.11 -11.60
CA GLY C 292 -15.77 2.23 -12.97
C GLY C 292 -14.82 3.03 -13.86
N ALA C 293 -15.27 4.19 -14.32
CA ALA C 293 -14.51 5.12 -15.17
C ALA C 293 -14.34 6.49 -14.50
N SER C 294 -14.33 6.55 -13.17
CA SER C 294 -14.10 7.77 -12.40
C SER C 294 -13.31 7.49 -11.12
N CYS C 295 -12.75 8.54 -10.54
CA CYS C 295 -12.03 8.50 -9.27
C CYS C 295 -12.98 8.87 -8.13
N VAL C 296 -12.88 8.16 -7.00
CA VAL C 296 -13.65 8.41 -5.78
C VAL C 296 -12.71 8.48 -4.57
N THR C 297 -13.17 9.06 -3.45
CA THR C 297 -12.36 9.16 -2.23
C THR C 297 -12.48 7.94 -1.31
N ALA C 298 -13.48 7.08 -1.55
CA ALA C 298 -13.77 5.85 -0.83
C ALA C 298 -14.58 4.91 -1.72
N CYS C 299 -14.49 3.60 -1.51
CA CYS C 299 -15.31 2.68 -2.29
C CYS C 299 -16.80 2.75 -1.86
N PRO C 300 -17.74 2.62 -2.80
CA PRO C 300 -19.16 2.57 -2.48
C PRO C 300 -19.53 1.38 -1.57
N TYR C 301 -20.65 1.46 -0.86
CA TYR C 301 -21.08 0.38 0.04
C TYR C 301 -21.19 -0.97 -0.68
N ASN C 302 -20.81 -2.07 -0.05
CA ASN C 302 -20.72 -3.42 -0.64
C ASN C 302 -19.51 -3.69 -1.56
N TYR C 303 -18.61 -2.73 -1.81
CA TYR C 303 -17.36 -2.89 -2.57
C TYR C 303 -16.13 -3.03 -1.65
N LEU C 304 -15.18 -3.88 -2.04
CA LEU C 304 -13.95 -4.17 -1.28
C LEU C 304 -12.80 -3.29 -1.79
N SER C 305 -12.15 -2.51 -0.92
CA SER C 305 -10.98 -1.72 -1.32
C SER C 305 -9.72 -2.59 -1.47
N THR C 306 -8.74 -2.07 -2.19
CA THR C 306 -7.46 -2.77 -2.39
C THR C 306 -6.30 -1.83 -2.14
N ASP C 307 -5.11 -2.39 -1.98
CA ASP C 307 -3.89 -1.63 -1.71
C ASP C 307 -3.38 -0.86 -2.94
N VAL C 308 -3.98 -1.03 -4.12
CA VAL C 308 -3.65 -0.31 -5.36
C VAL C 308 -4.72 0.72 -5.73
N GLY C 309 -5.74 0.89 -4.90
CA GLY C 309 -6.81 1.85 -5.13
C GLY C 309 -8.00 1.30 -5.90
N SER C 310 -7.99 0.05 -6.36
CA SER C 310 -9.14 -0.46 -7.10
C SER C 310 -10.27 -0.85 -6.15
N CYS C 311 -11.51 -0.52 -6.50
CA CYS C 311 -12.70 -0.98 -5.78
C CYS C 311 -13.28 -2.20 -6.51
N THR C 312 -13.34 -3.37 -5.86
CA THR C 312 -13.82 -4.63 -6.48
C THR C 312 -14.93 -5.29 -5.67
N LEU C 313 -15.53 -6.35 -6.22
CA LEU C 313 -16.48 -7.19 -5.51
C LEU C 313 -15.86 -8.53 -5.06
N VAL C 314 -14.79 -8.99 -5.72
CA VAL C 314 -14.11 -10.26 -5.41
C VAL C 314 -12.63 -9.98 -5.23
N CYS C 315 -12.03 -10.45 -4.15
CA CYS C 315 -10.60 -10.27 -3.88
C CYS C 315 -9.75 -11.06 -4.90
N PRO C 316 -8.59 -10.56 -5.39
CA PRO C 316 -7.69 -11.34 -6.24
C PRO C 316 -7.11 -12.60 -5.61
N LEU C 317 -6.55 -13.50 -6.42
CA LEU C 317 -5.95 -14.75 -5.95
C LEU C 317 -4.82 -14.48 -4.92
N HIS C 318 -4.74 -15.30 -3.87
CA HIS C 318 -3.78 -15.18 -2.76
C HIS C 318 -4.03 -13.97 -1.83
N ASN C 319 -5.31 -13.68 -1.56
CA ASN C 319 -5.76 -12.63 -0.62
C ASN C 319 -6.82 -13.17 0.37
N GLN C 320 -7.23 -12.33 1.32
CA GLN C 320 -8.29 -12.59 2.30
C GLN C 320 -9.24 -11.39 2.37
N GLU C 321 -10.53 -11.58 2.63
CA GLU C 321 -11.43 -10.45 2.87
C GLU C 321 -11.46 -10.09 4.37
N VAL C 322 -11.10 -8.86 4.70
CA VAL C 322 -10.95 -8.40 6.09
C VAL C 322 -11.89 -7.23 6.35
N THR C 323 -12.61 -7.25 7.46
CA THR C 323 -13.58 -6.21 7.86
C THR C 323 -12.94 -5.12 8.73
N ALA C 324 -13.57 -3.96 8.86
CA ALA C 324 -13.15 -2.88 9.76
C ALA C 324 -14.27 -2.33 10.64
N THR C 328 -17.50 -1.59 6.50
CA THR C 328 -16.26 -1.35 5.74
C THR C 328 -15.45 -2.63 5.62
N GLN C 329 -15.06 -3.00 4.39
CA GLN C 329 -14.23 -4.16 4.11
C GLN C 329 -13.14 -3.84 3.10
N ARG C 330 -12.05 -4.59 3.13
CA ARG C 330 -10.93 -4.50 2.17
C ARG C 330 -10.34 -5.87 1.90
N CYS C 331 -9.62 -6.00 0.80
CA CYS C 331 -8.88 -7.20 0.46
C CYS C 331 -7.42 -7.02 0.92
N GLU C 332 -6.83 -8.03 1.56
CA GLU C 332 -5.42 -8.03 2.01
C GLU C 332 -4.69 -9.30 1.55
N LYS C 333 -3.39 -9.17 1.25
CA LYS C 333 -2.55 -10.29 0.76
C LYS C 333 -2.25 -11.32 1.84
N CYS C 334 -2.11 -12.58 1.43
CA CYS C 334 -1.70 -13.68 2.32
C CYS C 334 -0.16 -13.70 2.52
N SER C 335 0.32 -13.56 3.76
CA SER C 335 1.75 -13.69 4.10
C SER C 335 2.17 -15.14 4.41
N LYS C 336 1.18 -16.03 4.52
CA LYS C 336 1.27 -17.48 4.80
C LYS C 336 0.07 -18.19 4.13
N PRO C 337 0.03 -19.52 4.01
CA PRO C 337 -1.05 -20.22 3.31
C PRO C 337 -2.44 -19.71 3.73
N CYS C 338 -3.27 -19.34 2.74
CA CYS C 338 -4.56 -18.69 2.97
C CYS C 338 -5.52 -19.63 3.72
N ALA C 339 -6.44 -19.07 4.52
CA ALA C 339 -7.42 -19.84 5.28
C ALA C 339 -8.44 -20.55 4.38
N ARG C 340 -9.03 -21.66 4.84
CA ARG C 340 -10.11 -22.36 4.12
C ARG C 340 -11.32 -21.43 3.95
N VAL C 341 -11.86 -21.38 2.73
CA VAL C 341 -13.02 -20.54 2.36
C VAL C 341 -14.14 -21.40 1.77
N CYS C 342 -15.36 -21.22 2.25
CA CYS C 342 -16.56 -21.87 1.68
C CYS C 342 -17.07 -21.10 0.46
N TYR C 343 -17.32 -21.76 -0.67
CA TYR C 343 -17.80 -21.11 -1.89
C TYR C 343 -19.19 -21.60 -2.30
N GLY C 344 -19.97 -20.72 -2.90
CA GLY C 344 -21.31 -21.02 -3.41
C GLY C 344 -21.34 -21.08 -4.93
N LEU C 345 -22.53 -20.93 -5.50
CA LEU C 345 -22.78 -21.03 -6.93
C LEU C 345 -22.22 -19.80 -7.67
N GLY C 346 -21.64 -20.04 -8.85
CA GLY C 346 -21.00 -18.98 -9.65
C GLY C 346 -19.53 -18.72 -9.32
N MET C 347 -18.97 -19.34 -8.29
CA MET C 347 -17.58 -19.14 -7.84
C MET C 347 -16.77 -20.44 -7.93
N GLU C 348 -15.49 -20.33 -8.30
CA GLU C 348 -14.53 -21.46 -8.31
C GLU C 348 -15.07 -22.70 -9.07
N HIS C 349 -15.04 -23.89 -8.45
CA HIS C 349 -15.46 -25.15 -9.06
C HIS C 349 -16.99 -25.26 -9.26
N LEU C 350 -17.78 -24.33 -8.71
CA LEU C 350 -19.23 -24.25 -8.87
C LEU C 350 -19.69 -23.20 -9.90
N ARG C 351 -18.80 -22.56 -10.67
CA ARG C 351 -19.14 -21.51 -11.66
C ARG C 351 -20.20 -21.94 -12.67
N GLU C 352 -20.11 -23.18 -13.14
CA GLU C 352 -21.03 -23.78 -14.12
C GLU C 352 -22.24 -24.48 -13.47
N VAL C 353 -22.37 -24.46 -12.15
CA VAL C 353 -23.43 -25.17 -11.42
C VAL C 353 -24.60 -24.24 -11.19
N ARG C 354 -25.81 -24.66 -11.57
CA ARG C 354 -27.02 -23.81 -11.50
C ARG C 354 -27.69 -23.79 -10.13
N ALA C 355 -27.60 -24.87 -9.36
CA ALA C 355 -28.36 -25.04 -8.12
C ALA C 355 -27.69 -25.96 -7.10
N VAL C 356 -28.14 -25.89 -5.85
CA VAL C 356 -27.74 -26.84 -4.80
C VAL C 356 -28.52 -28.15 -4.98
N THR C 357 -27.85 -29.29 -5.02
CA THR C 357 -28.46 -30.62 -5.22
C THR C 357 -27.85 -31.62 -4.23
N SER C 358 -28.36 -32.85 -4.20
CA SER C 358 -27.79 -33.89 -3.33
C SER C 358 -26.33 -34.25 -3.66
N ALA C 359 -25.83 -33.83 -4.84
CA ALA C 359 -24.45 -34.05 -5.23
C ALA C 359 -23.45 -32.97 -4.72
N ASN C 360 -23.92 -31.86 -4.14
CA ASN C 360 -23.05 -30.78 -3.67
C ASN C 360 -23.45 -30.14 -2.33
N ILE C 361 -24.63 -30.42 -1.78
CA ILE C 361 -25.10 -29.76 -0.55
C ILE C 361 -24.18 -30.00 0.66
N GLN C 362 -23.48 -31.13 0.71
CA GLN C 362 -22.52 -31.47 1.75
C GLN C 362 -21.28 -30.55 1.76
N GLU C 363 -21.00 -29.82 0.69
CA GLU C 363 -19.84 -28.93 0.61
C GLU C 363 -19.97 -27.70 1.51
N PHE C 364 -21.18 -27.43 2.03
CA PHE C 364 -21.46 -26.31 2.93
C PHE C 364 -21.44 -26.68 4.42
N ALA C 365 -21.09 -27.92 4.78
CA ALA C 365 -21.07 -28.37 6.18
C ALA C 365 -20.07 -27.58 7.04
N GLY C 366 -20.56 -27.01 8.14
CA GLY C 366 -19.76 -26.18 9.06
C GLY C 366 -19.47 -24.75 8.61
N CYS C 367 -20.02 -24.28 7.48
CA CYS C 367 -19.75 -22.94 6.97
C CYS C 367 -20.59 -21.85 7.67
N LYS C 368 -19.98 -20.68 7.89
CA LYS C 368 -20.66 -19.49 8.42
C LYS C 368 -20.86 -18.40 7.37
N LYS C 369 -19.94 -18.29 6.41
CA LYS C 369 -19.94 -17.29 5.33
C LYS C 369 -19.67 -18.01 4.02
N ILE C 370 -20.55 -17.89 3.04
CA ILE C 370 -20.40 -18.54 1.74
C ILE C 370 -20.08 -17.48 0.69
N PHE C 371 -18.98 -17.67 -0.03
CA PHE C 371 -18.50 -16.79 -1.09
C PHE C 371 -19.07 -17.27 -2.42
N GLY C 372 -20.21 -16.69 -2.80
CA GLY C 372 -21.02 -17.12 -3.94
C GLY C 372 -22.51 -17.03 -3.60
N SER C 373 -23.36 -17.55 -4.47
CA SER C 373 -24.82 -17.51 -4.31
C SER C 373 -25.41 -18.85 -3.93
N LEU C 374 -26.68 -18.89 -3.53
CA LEU C 374 -27.44 -20.12 -3.31
C LEU C 374 -28.74 -20.10 -4.12
N ALA C 375 -29.02 -21.18 -4.86
CA ALA C 375 -30.21 -21.32 -5.65
C ALA C 375 -30.84 -22.69 -5.46
N PHE C 376 -32.14 -22.72 -5.19
CA PHE C 376 -32.93 -23.93 -5.01
C PHE C 376 -34.02 -23.98 -6.04
N LEU C 377 -33.82 -24.83 -7.05
CA LEU C 377 -34.66 -24.95 -8.23
C LEU C 377 -35.54 -26.21 -8.15
N PRO C 378 -36.59 -26.34 -8.96
CA PRO C 378 -37.36 -27.58 -9.03
C PRO C 378 -36.47 -28.82 -9.22
N GLU C 379 -35.35 -28.68 -9.93
CA GLU C 379 -34.32 -29.71 -10.13
C GLU C 379 -33.55 -30.13 -8.85
N SER C 380 -33.53 -29.29 -7.79
CA SER C 380 -32.83 -29.55 -6.52
C SER C 380 -33.54 -30.59 -5.66
N PHE C 381 -34.88 -30.54 -5.63
CA PHE C 381 -35.73 -31.40 -4.80
C PHE C 381 -36.47 -32.49 -5.60
N ASP C 382 -36.11 -32.66 -6.86
CA ASP C 382 -36.61 -33.70 -7.75
C ASP C 382 -35.43 -34.57 -8.23
N GLY C 383 -35.70 -35.58 -9.05
CA GLY C 383 -34.65 -36.49 -9.53
C GLY C 383 -34.04 -36.02 -10.86
N ASP C 384 -32.80 -36.45 -11.11
CA ASP C 384 -32.12 -36.24 -12.40
C ASP C 384 -31.73 -37.60 -13.02
N PRO C 385 -32.54 -38.15 -13.94
CA PRO C 385 -32.25 -39.43 -14.59
C PRO C 385 -30.98 -39.46 -15.45
N ALA C 386 -30.45 -38.29 -15.85
CA ALA C 386 -29.29 -38.22 -16.72
C ALA C 386 -27.98 -38.18 -15.92
N SER C 387 -27.92 -37.41 -14.83
CA SER C 387 -26.73 -37.32 -13.97
C SER C 387 -26.74 -38.34 -12.82
N ASN C 388 -27.79 -39.14 -12.74
CA ASN C 388 -28.07 -40.07 -11.65
C ASN C 388 -28.10 -39.39 -10.27
N THR C 389 -28.75 -38.21 -10.12
CA THR C 389 -28.73 -37.50 -8.83
C THR C 389 -30.06 -37.64 -8.07
N ALA C 390 -30.01 -38.02 -6.78
CA ALA C 390 -31.18 -38.13 -5.89
C ALA C 390 -31.73 -36.75 -5.47
N PRO C 391 -33.04 -36.60 -5.16
CA PRO C 391 -33.61 -35.33 -4.69
C PRO C 391 -33.12 -34.99 -3.27
N LEU C 392 -33.01 -33.70 -2.95
CA LEU C 392 -32.73 -33.25 -1.59
C LEU C 392 -33.91 -33.53 -0.65
N GLN C 393 -33.59 -33.90 0.59
CA GLN C 393 -34.55 -34.11 1.68
C GLN C 393 -34.55 -32.94 2.67
N PRO C 394 -35.63 -32.65 3.40
CA PRO C 394 -35.65 -31.64 4.46
C PRO C 394 -34.52 -31.76 5.50
N GLU C 395 -34.09 -32.98 5.82
CA GLU C 395 -33.00 -33.25 6.74
C GLU C 395 -31.62 -32.86 6.20
N GLN C 396 -31.46 -32.76 4.87
CA GLN C 396 -30.19 -32.37 4.25
C GLN C 396 -30.05 -30.85 4.19
N LEU C 397 -31.17 -30.11 4.11
CA LEU C 397 -31.17 -28.64 4.13
C LEU C 397 -30.59 -28.05 5.43
N GLN C 398 -30.57 -28.83 6.52
CA GLN C 398 -30.01 -28.41 7.80
C GLN C 398 -28.51 -28.07 7.75
N VAL C 399 -27.78 -28.39 6.68
CA VAL C 399 -26.36 -28.01 6.50
C VAL C 399 -26.16 -26.48 6.56
N PHE C 400 -27.21 -25.69 6.32
CA PHE C 400 -27.19 -24.23 6.35
C PHE C 400 -27.54 -23.64 7.72
N GLU C 401 -27.78 -24.45 8.76
CA GLU C 401 -28.13 -23.94 10.09
C GLU C 401 -27.04 -23.00 10.64
N THR C 402 -25.76 -23.24 10.32
CA THR C 402 -24.64 -22.40 10.77
C THR C 402 -24.37 -21.19 9.88
N LEU C 403 -25.09 -21.01 8.77
CA LEU C 403 -24.86 -19.93 7.82
C LEU C 403 -25.35 -18.58 8.36
N GLU C 404 -24.47 -17.57 8.38
CA GLU C 404 -24.74 -16.21 8.82
C GLU C 404 -24.71 -15.20 7.68
N GLU C 405 -23.86 -15.39 6.66
CA GLU C 405 -23.64 -14.41 5.60
C GLU C 405 -23.54 -15.06 4.22
N ILE C 406 -24.23 -14.48 3.24
CA ILE C 406 -24.15 -14.87 1.82
C ILE C 406 -23.58 -13.70 1.04
N THR C 407 -22.53 -13.88 0.24
CA THR C 407 -21.94 -12.78 -0.56
C THR C 407 -22.72 -12.51 -1.85
N GLY C 408 -23.42 -13.49 -2.38
CA GLY C 408 -24.24 -13.31 -3.58
C GLY C 408 -25.72 -13.15 -3.24
N TYR C 409 -26.58 -13.85 -3.98
CA TYR C 409 -28.03 -13.83 -3.85
C TYR C 409 -28.59 -15.13 -3.27
N LEU C 410 -29.81 -15.08 -2.73
CA LEU C 410 -30.58 -16.24 -2.29
C LEU C 410 -31.84 -16.39 -3.14
N TYR C 411 -31.86 -17.37 -4.05
CA TYR C 411 -32.95 -17.61 -4.99
C TYR C 411 -33.63 -18.94 -4.71
N ILE C 412 -34.87 -18.93 -4.25
CA ILE C 412 -35.63 -20.13 -3.92
C ILE C 412 -36.89 -20.19 -4.78
N SER C 413 -36.95 -21.08 -5.77
CA SER C 413 -38.16 -21.31 -6.58
C SER C 413 -38.81 -22.68 -6.36
N ALA C 414 -38.18 -23.54 -5.55
CA ALA C 414 -38.74 -24.78 -5.07
C ALA C 414 -38.33 -24.96 -3.60
N TRP C 415 -39.18 -25.57 -2.79
CA TRP C 415 -38.93 -25.82 -1.37
C TRP C 415 -39.85 -26.95 -0.89
N PRO C 416 -39.41 -27.88 -0.03
CA PRO C 416 -40.23 -29.01 0.40
C PRO C 416 -41.59 -28.58 0.98
N ASP C 417 -42.64 -29.32 0.65
CA ASP C 417 -44.00 -29.03 1.14
C ASP C 417 -44.19 -29.30 2.65
N SER C 418 -43.28 -30.04 3.28
CA SER C 418 -43.28 -30.32 4.73
C SER C 418 -42.70 -29.18 5.58
N LEU C 419 -42.11 -28.15 4.98
CA LEU C 419 -41.52 -27.03 5.71
C LEU C 419 -42.38 -25.77 5.53
N PRO C 420 -43.14 -25.30 6.55
CA PRO C 420 -44.05 -24.17 6.41
C PRO C 420 -43.32 -22.83 6.34
N ASP C 421 -42.00 -22.80 6.51
CA ASP C 421 -41.16 -21.60 6.56
C ASP C 421 -39.75 -21.82 5.99
N LEU C 422 -38.94 -20.78 6.04
CA LEU C 422 -37.54 -20.83 5.68
C LEU C 422 -36.63 -20.93 6.91
N SER C 423 -37.06 -21.56 8.01
CA SER C 423 -36.26 -21.65 9.25
C SER C 423 -34.89 -22.33 9.08
N VAL C 424 -34.62 -23.03 7.99
CA VAL C 424 -33.28 -23.55 7.65
C VAL C 424 -32.25 -22.40 7.60
N PHE C 425 -32.69 -21.19 7.31
CA PHE C 425 -31.88 -19.98 7.29
C PHE C 425 -32.21 -19.01 8.44
N GLN C 426 -32.78 -19.46 9.57
CA GLN C 426 -33.13 -18.56 10.66
C GLN C 426 -31.92 -17.80 11.23
N ASN C 427 -30.69 -18.32 11.07
CA ASN C 427 -29.43 -17.68 11.49
C ASN C 427 -28.75 -16.83 10.40
N LEU C 428 -29.38 -16.63 9.23
CA LEU C 428 -28.82 -15.82 8.16
C LEU C 428 -29.04 -14.33 8.49
N GLN C 429 -27.97 -13.54 8.54
CA GLN C 429 -28.01 -12.15 8.93
C GLN C 429 -27.90 -11.21 7.76
N VAL C 430 -26.93 -11.45 6.89
CA VAL C 430 -26.58 -10.51 5.84
C VAL C 430 -26.59 -11.19 4.51
N ILE C 431 -27.27 -10.61 3.53
CA ILE C 431 -27.14 -11.00 2.13
C ILE C 431 -26.54 -9.79 1.42
N ARG C 432 -25.34 -9.90 0.88
CA ARG C 432 -24.61 -8.79 0.29
C ARG C 432 -25.15 -8.45 -1.09
N GLY C 433 -25.51 -9.45 -1.90
CA GLY C 433 -26.07 -9.20 -3.22
C GLY C 433 -25.02 -8.75 -4.19
N ARG C 434 -23.75 -9.12 -3.98
CA ARG C 434 -22.68 -8.69 -4.90
C ARG C 434 -22.84 -9.33 -6.26
N ILE C 435 -23.41 -10.51 -6.24
CA ILE C 435 -23.87 -11.24 -7.42
C ILE C 435 -25.39 -11.24 -7.31
N LEU C 436 -26.08 -10.76 -8.34
CA LEU C 436 -27.53 -10.64 -8.34
C LEU C 436 -28.13 -11.62 -9.36
N HIS C 437 -29.28 -12.19 -9.04
CA HIS C 437 -30.02 -13.02 -9.98
C HIS C 437 -30.58 -12.17 -11.11
N ASN C 438 -30.29 -12.52 -12.36
CA ASN C 438 -30.57 -11.71 -13.56
C ASN C 438 -29.97 -10.29 -13.54
N GLY C 439 -28.98 -10.02 -12.69
CA GLY C 439 -28.39 -8.69 -12.54
C GLY C 439 -29.21 -7.70 -11.71
N ALA C 440 -30.35 -8.11 -11.14
CA ALA C 440 -31.26 -7.21 -10.41
C ALA C 440 -31.62 -7.66 -8.98
N TYR C 441 -31.86 -8.95 -8.74
CA TYR C 441 -32.46 -9.44 -7.48
C TYR C 441 -31.45 -10.12 -6.55
N SER C 442 -31.48 -9.80 -5.26
CA SER C 442 -30.64 -10.43 -4.23
C SER C 442 -31.41 -11.37 -3.31
N LEU C 443 -32.73 -11.23 -3.21
CA LEU C 443 -33.59 -12.13 -2.45
C LEU C 443 -34.84 -12.44 -3.28
N THR C 444 -35.02 -13.68 -3.72
CA THR C 444 -36.16 -14.04 -4.57
C THR C 444 -36.84 -15.31 -4.11
N LEU C 445 -38.16 -15.25 -3.96
CA LEU C 445 -39.01 -16.37 -3.57
C LEU C 445 -40.14 -16.49 -4.57
N GLN C 446 -40.23 -17.63 -5.23
CA GLN C 446 -41.22 -17.88 -6.27
C GLN C 446 -41.98 -19.19 -6.08
N GLY C 447 -43.31 -19.13 -6.02
CA GLY C 447 -44.15 -20.33 -6.09
C GLY C 447 -43.97 -21.33 -4.93
N LEU C 448 -43.72 -20.86 -3.70
CA LEU C 448 -43.45 -21.70 -2.54
C LEU C 448 -44.66 -21.87 -1.62
N GLY C 449 -44.89 -23.09 -1.17
CA GLY C 449 -45.99 -23.43 -0.25
C GLY C 449 -45.61 -23.09 1.20
N ILE C 450 -45.29 -21.81 1.45
CA ILE C 450 -44.77 -21.28 2.72
C ILE C 450 -45.87 -20.47 3.40
N SER C 451 -46.12 -20.66 4.69
CA SER C 451 -47.10 -19.88 5.47
C SER C 451 -46.53 -18.60 6.05
N TRP C 452 -45.25 -18.58 6.47
CA TRP C 452 -44.52 -17.39 6.90
C TRP C 452 -43.04 -17.50 6.55
N LEU C 453 -42.34 -16.38 6.40
CA LEU C 453 -40.94 -16.42 5.95
C LEU C 453 -40.01 -17.06 6.97
N GLY C 454 -40.05 -16.63 8.23
CA GLY C 454 -39.24 -17.25 9.30
C GLY C 454 -37.76 -16.84 9.35
N LEU C 455 -37.30 -15.91 8.52
CA LEU C 455 -35.90 -15.46 8.45
C LEU C 455 -35.50 -14.53 9.62
N ARG C 456 -35.56 -15.01 10.88
CA ARG C 456 -35.48 -14.21 12.13
C ARG C 456 -34.24 -13.32 12.29
N SER C 457 -33.08 -13.86 11.94
CA SER C 457 -31.79 -13.17 12.06
C SER C 457 -31.50 -12.16 10.96
N LEU C 458 -32.24 -12.15 9.84
CA LEU C 458 -31.93 -11.30 8.71
C LEU C 458 -32.08 -9.82 9.12
N ARG C 459 -30.99 -9.07 8.96
CA ARG C 459 -30.88 -7.67 9.35
C ARG C 459 -30.38 -6.78 8.22
N GLU C 460 -29.84 -7.35 7.14
CA GLU C 460 -29.32 -6.57 6.02
C GLU C 460 -29.42 -7.24 4.66
N LEU C 461 -29.87 -6.45 3.67
CA LEU C 461 -29.85 -6.75 2.25
C LEU C 461 -28.96 -5.71 1.56
N GLY C 462 -27.65 -5.98 1.45
CA GLY C 462 -26.65 -4.97 1.08
C GLY C 462 -26.88 -4.29 -0.27
N SER C 463 -27.39 -5.03 -1.26
CA SER C 463 -27.66 -4.57 -2.62
C SER C 463 -28.74 -5.44 -3.27
N GLY C 464 -29.34 -4.98 -4.37
CA GLY C 464 -30.34 -5.71 -5.15
C GLY C 464 -31.77 -5.56 -4.66
N LEU C 465 -32.72 -5.97 -5.50
CA LEU C 465 -34.15 -5.92 -5.22
C LEU C 465 -34.63 -7.21 -4.53
N ALA C 466 -35.73 -7.15 -3.79
CA ALA C 466 -36.39 -8.32 -3.21
C ALA C 466 -37.68 -8.66 -3.98
N LEU C 467 -37.81 -9.87 -4.50
CA LEU C 467 -38.96 -10.30 -5.30
C LEU C 467 -39.69 -11.46 -4.62
N ILE C 468 -40.91 -11.25 -4.13
CA ILE C 468 -41.71 -12.29 -3.48
C ILE C 468 -43.07 -12.36 -4.15
N HIS C 469 -43.34 -13.41 -4.94
CA HIS C 469 -44.63 -13.53 -5.64
C HIS C 469 -45.07 -14.96 -5.95
N HIS C 470 -46.37 -15.14 -6.21
CA HIS C 470 -47.04 -16.44 -6.42
C HIS C 470 -46.99 -17.42 -5.25
N ASN C 471 -46.78 -16.95 -4.01
CA ASN C 471 -46.78 -17.80 -2.83
C ASN C 471 -48.19 -17.80 -2.21
N THR C 472 -49.09 -18.66 -2.69
CA THR C 472 -50.53 -18.56 -2.38
C THR C 472 -50.89 -18.78 -0.91
N HIS C 473 -49.99 -19.35 -0.11
CA HIS C 473 -50.19 -19.56 1.33
C HIS C 473 -49.44 -18.55 2.22
N LEU C 474 -48.56 -17.72 1.67
CA LEU C 474 -47.62 -16.89 2.45
C LEU C 474 -48.27 -15.60 2.95
N CYS C 475 -48.30 -15.42 4.27
CA CYS C 475 -48.89 -14.24 4.90
C CYS C 475 -47.88 -13.17 5.33
N PHE C 476 -46.83 -13.53 6.08
CA PHE C 476 -45.98 -12.56 6.79
C PHE C 476 -44.93 -11.88 5.87
N VAL C 477 -45.40 -11.07 4.91
CA VAL C 477 -44.56 -10.22 4.03
C VAL C 477 -44.66 -8.74 4.39
N HIS C 478 -45.86 -8.24 4.66
CA HIS C 478 -46.15 -6.86 5.08
C HIS C 478 -45.74 -6.57 6.53
N THR C 479 -45.45 -7.61 7.31
CA THR C 479 -45.03 -7.52 8.73
C THR C 479 -43.52 -7.33 8.91
N VAL C 480 -42.74 -7.44 7.85
CA VAL C 480 -41.29 -7.32 7.87
C VAL C 480 -40.89 -5.86 7.58
N PRO C 481 -40.05 -5.21 8.40
CA PRO C 481 -39.66 -3.82 8.21
C PRO C 481 -38.63 -3.71 7.08
N TRP C 482 -39.05 -3.90 5.84
CA TRP C 482 -38.12 -4.01 4.70
C TRP C 482 -37.28 -2.75 4.54
N ASP C 483 -37.81 -1.60 4.94
CA ASP C 483 -37.07 -0.34 4.93
C ASP C 483 -35.84 -0.34 5.87
N GLN C 484 -35.76 -1.26 6.83
CA GLN C 484 -34.61 -1.42 7.73
C GLN C 484 -33.59 -2.44 7.21
N LEU C 485 -33.90 -3.18 6.14
CA LEU C 485 -33.01 -4.17 5.53
C LEU C 485 -32.24 -3.60 4.34
N PHE C 486 -32.85 -2.68 3.60
CA PHE C 486 -32.25 -2.02 2.44
C PHE C 486 -31.25 -0.94 2.84
N ARG C 487 -30.23 -0.72 2.01
CA ARG C 487 -29.12 0.22 2.24
C ARG C 487 -28.99 1.25 1.12
N ASN C 488 -29.23 0.85 -0.12
CA ASN C 488 -29.07 1.66 -1.33
C ASN C 488 -30.40 2.38 -1.70
N PRO C 489 -30.42 3.65 -2.13
CA PRO C 489 -31.61 4.35 -2.60
C PRO C 489 -32.41 3.66 -3.73
N HIS C 490 -31.79 2.75 -4.48
CA HIS C 490 -32.40 2.02 -5.59
C HIS C 490 -33.02 0.66 -5.18
N GLN C 491 -33.08 0.29 -3.90
CA GLN C 491 -33.70 -0.95 -3.47
C GLN C 491 -35.17 -0.78 -3.09
N ALA C 492 -35.96 -1.82 -3.35
CA ALA C 492 -37.38 -1.89 -3.06
C ALA C 492 -37.84 -3.36 -3.02
N LEU C 493 -39.00 -3.62 -2.43
CA LEU C 493 -39.67 -4.92 -2.46
C LEU C 493 -40.72 -4.92 -3.56
N LEU C 494 -40.70 -5.94 -4.41
CA LEU C 494 -41.69 -6.17 -5.44
C LEU C 494 -42.45 -7.46 -5.15
N HIS C 495 -43.77 -7.41 -5.08
CA HIS C 495 -44.59 -8.57 -4.74
C HIS C 495 -45.97 -8.57 -5.40
N THR C 496 -46.54 -9.76 -5.61
CA THR C 496 -47.88 -9.98 -6.18
C THR C 496 -48.29 -11.44 -6.03
N ALA C 497 -49.57 -11.77 -6.08
CA ALA C 497 -50.06 -13.16 -6.07
C ALA C 497 -49.77 -13.97 -4.78
N ASN C 498 -49.54 -13.28 -3.66
CA ASN C 498 -49.36 -13.87 -2.32
C ASN C 498 -50.71 -13.87 -1.56
N ARG C 499 -50.76 -14.38 -0.31
CA ARG C 499 -52.00 -14.39 0.46
C ARG C 499 -52.52 -12.95 0.72
N PRO C 500 -53.79 -12.62 0.40
CA PRO C 500 -54.37 -11.31 0.67
C PRO C 500 -54.35 -10.93 2.16
N GLU C 501 -54.20 -9.64 2.48
CA GLU C 501 -54.20 -9.15 3.86
C GLU C 501 -55.51 -9.48 4.61
N ASP C 502 -56.65 -9.48 3.91
CA ASP C 502 -57.94 -9.84 4.50
C ASP C 502 -58.00 -11.31 4.93
N GLU C 503 -57.36 -12.21 4.20
CA GLU C 503 -57.29 -13.63 4.58
C GLU C 503 -56.34 -13.86 5.76
N CYS C 504 -55.23 -13.12 5.83
CA CYS C 504 -54.37 -13.13 7.01
C CYS C 504 -55.17 -12.81 8.28
N VAL C 505 -56.01 -11.78 8.25
CA VAL C 505 -56.89 -11.44 9.40
C VAL C 505 -57.95 -12.52 9.67
N GLY C 506 -58.64 -13.02 8.63
CA GLY C 506 -59.67 -14.06 8.78
C GLY C 506 -59.15 -15.36 9.42
N GLU C 507 -57.91 -15.77 9.14
CA GLU C 507 -57.29 -16.95 9.74
C GLU C 507 -56.55 -16.66 11.06
N GLY C 508 -56.54 -15.41 11.54
CA GLY C 508 -55.89 -14.98 12.78
C GLY C 508 -54.36 -14.88 12.71
N LEU C 509 -53.80 -14.54 11.55
CA LEU C 509 -52.37 -14.40 11.30
C LEU C 509 -51.93 -12.93 11.45
N ALA C 510 -51.18 -12.67 12.52
CA ALA C 510 -50.67 -11.35 12.92
C ALA C 510 -49.46 -11.54 13.84
N CYS C 511 -48.70 -10.48 14.08
CA CYS C 511 -47.54 -10.53 14.98
C CYS C 511 -47.93 -10.73 16.45
N HIS C 512 -47.12 -11.47 17.20
CA HIS C 512 -47.32 -11.65 18.64
C HIS C 512 -47.39 -10.28 19.32
N GLN C 513 -48.22 -10.13 20.36
CA GLN C 513 -48.47 -8.83 20.99
C GLN C 513 -47.23 -8.18 21.64
N LEU C 514 -46.16 -8.94 21.92
CA LEU C 514 -44.91 -8.38 22.45
C LEU C 514 -43.95 -7.83 21.38
N CYS C 515 -44.22 -8.02 20.08
CA CYS C 515 -43.33 -7.56 19.02
C CYS C 515 -43.28 -6.02 18.95
N ALA C 516 -42.09 -5.43 19.01
CA ALA C 516 -41.91 -3.99 18.91
C ALA C 516 -42.46 -3.45 17.59
N ARG C 517 -43.24 -2.37 17.65
CA ARG C 517 -43.86 -1.68 16.49
C ARG C 517 -44.75 -2.55 15.59
N GLY C 518 -45.11 -3.77 16.01
CA GLY C 518 -45.85 -4.73 15.19
C GLY C 518 -45.00 -5.40 14.10
N HIS C 519 -43.68 -5.48 14.25
CA HIS C 519 -42.77 -6.05 13.23
C HIS C 519 -42.34 -7.49 13.57
N CYS C 520 -42.59 -8.43 12.68
CA CYS C 520 -42.25 -9.85 12.88
C CYS C 520 -42.05 -10.62 11.57
N TRP C 521 -41.46 -11.81 11.68
CA TRP C 521 -41.23 -12.77 10.58
C TRP C 521 -42.19 -13.96 10.56
N GLY C 522 -43.13 -14.03 11.49
CA GLY C 522 -44.09 -15.12 11.68
C GLY C 522 -44.95 -14.90 12.92
N PRO C 523 -45.93 -15.77 13.19
CA PRO C 523 -46.91 -15.56 14.26
C PRO C 523 -46.39 -15.84 15.68
N GLY C 524 -45.26 -16.52 15.83
CA GLY C 524 -44.82 -17.02 17.13
C GLY C 524 -44.12 -15.98 18.00
N PRO C 525 -44.06 -16.18 19.34
CA PRO C 525 -43.31 -15.31 20.25
C PRO C 525 -41.80 -15.35 20.03
N THR C 526 -41.28 -16.34 19.30
CA THR C 526 -39.85 -16.44 18.95
C THR C 526 -39.48 -15.71 17.66
N GLN C 527 -40.45 -15.16 16.91
CA GLN C 527 -40.26 -14.59 15.56
C GLN C 527 -40.44 -13.07 15.45
N CYS C 528 -40.39 -12.32 16.54
CA CYS C 528 -40.43 -10.86 16.48
C CYS C 528 -39.09 -10.27 16.01
N VAL C 529 -39.12 -9.11 15.36
CA VAL C 529 -37.88 -8.40 14.97
C VAL C 529 -37.15 -7.87 16.21
N ASN C 530 -37.93 -7.30 17.12
CA ASN C 530 -37.51 -6.81 18.44
C ASN C 530 -38.74 -6.89 19.36
N CYS C 531 -38.58 -6.81 20.69
CA CYS C 531 -39.69 -6.90 21.63
C CYS C 531 -39.62 -5.83 22.73
N SER C 532 -40.80 -5.40 23.22
CA SER C 532 -40.95 -4.38 24.26
C SER C 532 -40.57 -4.84 25.68
N GLN C 533 -40.57 -6.15 25.97
CA GLN C 533 -40.30 -6.74 27.30
C GLN C 533 -39.00 -7.55 27.30
N PHE C 534 -39.01 -8.82 27.71
CA PHE C 534 -37.83 -9.64 27.93
C PHE C 534 -37.67 -10.71 26.85
N LEU C 535 -36.43 -10.98 26.44
CA LEU C 535 -36.15 -11.85 25.29
C LEU C 535 -35.87 -13.34 25.58
N ARG C 536 -35.56 -13.74 26.82
CA ARG C 536 -35.14 -15.12 27.18
C ARG C 536 -34.16 -15.70 26.13
N GLY C 537 -34.23 -17.00 25.85
CA GLY C 537 -33.44 -17.67 24.81
C GLY C 537 -34.07 -17.55 23.41
N GLN C 538 -34.16 -16.33 22.89
CA GLN C 538 -34.90 -15.98 21.66
C GLN C 538 -36.40 -16.32 21.71
N GLU C 539 -37.09 -15.96 22.79
CA GLU C 539 -38.52 -16.17 23.01
C GLU C 539 -39.09 -15.08 23.91
N CYS C 540 -39.89 -14.16 23.36
CA CYS C 540 -40.32 -12.99 24.11
C CYS C 540 -41.44 -13.25 25.13
N VAL C 541 -41.25 -12.76 26.35
CA VAL C 541 -42.12 -12.95 27.53
C VAL C 541 -42.39 -11.62 28.24
N GLU C 542 -43.44 -11.57 29.07
CA GLU C 542 -43.80 -10.39 29.87
C GLU C 542 -42.95 -10.14 31.12
N GLU C 543 -42.46 -11.19 31.77
CA GLU C 543 -41.77 -11.08 33.06
C GLU C 543 -40.52 -11.96 33.14
N CYS C 544 -39.47 -11.42 33.77
CA CYS C 544 -38.32 -12.23 34.15
C CYS C 544 -38.53 -12.76 35.57
N ARG C 545 -38.34 -14.07 35.81
CA ARG C 545 -38.65 -14.75 37.08
C ARG C 545 -37.59 -14.45 38.13
N VAL C 546 -37.51 -13.20 38.60
CA VAL C 546 -36.48 -12.80 39.58
C VAL C 546 -37.00 -12.87 41.02
N LEU C 547 -38.20 -12.35 41.27
CA LEU C 547 -38.77 -12.18 42.61
C LEU C 547 -39.68 -13.34 43.04
N GLN C 548 -40.26 -14.05 42.07
CA GLN C 548 -41.23 -15.13 42.26
C GLN C 548 -41.03 -16.25 41.22
N GLY C 549 -41.48 -17.46 41.57
CA GLY C 549 -41.41 -18.66 40.75
C GLY C 549 -40.48 -19.72 41.34
N LEU C 550 -40.71 -20.99 41.00
CA LEU C 550 -39.88 -22.11 41.44
C LEU C 550 -38.40 -21.99 40.97
N PRO C 551 -38.10 -21.86 39.66
CA PRO C 551 -36.77 -21.44 39.24
C PRO C 551 -36.62 -19.92 39.43
N ARG C 552 -35.39 -19.42 39.55
CA ARG C 552 -35.11 -17.98 39.61
C ARG C 552 -34.05 -17.52 38.62
N GLU C 553 -34.24 -16.30 38.14
CA GLU C 553 -33.50 -15.70 37.06
C GLU C 553 -32.96 -14.31 37.45
N TYR C 554 -32.20 -13.70 36.55
CA TYR C 554 -31.71 -12.33 36.68
C TYR C 554 -31.77 -11.63 35.31
N VAL C 555 -31.83 -10.31 35.33
CA VAL C 555 -31.93 -9.47 34.13
C VAL C 555 -30.56 -8.89 33.77
N ASN C 556 -30.20 -9.01 32.49
CA ASN C 556 -28.97 -8.48 31.91
C ASN C 556 -29.32 -7.74 30.60
N ALA C 557 -29.41 -6.42 30.64
CA ALA C 557 -29.90 -5.59 29.53
C ALA C 557 -31.37 -5.96 29.20
N ARG C 558 -31.63 -6.58 28.04
CA ARG C 558 -32.97 -6.99 27.59
C ARG C 558 -33.22 -8.50 27.70
N HIS C 559 -32.26 -9.26 28.21
CA HIS C 559 -32.37 -10.70 28.35
C HIS C 559 -32.58 -11.12 29.81
N CYS C 560 -33.38 -12.16 30.00
CA CYS C 560 -33.62 -12.79 31.29
C CYS C 560 -32.88 -14.13 31.35
N LEU C 561 -32.03 -14.31 32.34
CA LEU C 561 -31.13 -15.49 32.41
C LEU C 561 -31.24 -16.24 33.76
N PRO C 562 -31.05 -17.56 33.81
CA PRO C 562 -31.18 -18.34 35.04
C PRO C 562 -30.03 -18.08 36.03
N CYS C 563 -30.33 -18.20 37.32
CA CYS C 563 -29.32 -18.16 38.39
C CYS C 563 -28.58 -19.50 38.53
N HIS C 564 -27.36 -19.46 39.06
CA HIS C 564 -26.57 -20.67 39.31
C HIS C 564 -27.37 -21.67 40.17
N PRO C 565 -27.32 -22.99 39.90
CA PRO C 565 -28.04 -23.98 40.69
C PRO C 565 -27.82 -23.92 42.20
N GLU C 566 -26.69 -23.39 42.67
CA GLU C 566 -26.40 -23.31 44.12
C GLU C 566 -26.94 -22.04 44.80
N CYS C 567 -27.61 -21.13 44.08
CA CYS C 567 -28.18 -19.92 44.68
C CYS C 567 -29.52 -20.22 45.40
N GLN C 568 -29.69 -19.69 46.61
CA GLN C 568 -30.92 -19.81 47.41
C GLN C 568 -31.98 -18.80 46.95
N PRO C 569 -33.17 -19.24 46.49
CA PRO C 569 -34.26 -18.36 46.11
C PRO C 569 -34.69 -17.42 47.26
N GLN C 570 -34.82 -16.14 46.95
CA GLN C 570 -35.27 -15.09 47.88
C GLN C 570 -36.69 -14.65 47.54
N ASN C 571 -37.67 -14.87 48.41
CA ASN C 571 -39.08 -14.60 48.12
C ASN C 571 -39.38 -13.10 48.19
N GLY C 572 -39.65 -12.46 47.04
CA GLY C 572 -39.91 -11.01 46.94
C GLY C 572 -38.64 -10.16 46.76
N SER C 573 -37.47 -10.77 46.54
CA SER C 573 -36.19 -10.08 46.38
C SER C 573 -35.27 -10.77 45.36
N VAL C 574 -34.02 -10.32 45.29
CA VAL C 574 -33.01 -10.78 44.34
C VAL C 574 -32.40 -12.12 44.79
N THR C 575 -32.26 -13.08 43.88
CA THR C 575 -31.65 -14.41 44.15
C THR C 575 -30.17 -14.50 43.78
N CYS C 576 -29.75 -13.89 42.67
CA CYS C 576 -28.36 -13.87 42.21
C CYS C 576 -28.05 -12.57 41.43
N PHE C 577 -26.76 -12.26 41.31
CA PHE C 577 -26.25 -11.14 40.51
C PHE C 577 -25.55 -11.58 39.21
N GLY C 578 -25.64 -12.87 38.86
CA GLY C 578 -25.03 -13.46 37.67
C GLY C 578 -25.11 -15.00 37.69
N PRO C 579 -24.57 -15.68 36.65
CA PRO C 579 -24.73 -17.11 36.46
C PRO C 579 -23.77 -17.97 37.30
N GLU C 580 -22.78 -17.37 37.99
CA GLU C 580 -21.73 -18.10 38.72
C GLU C 580 -22.06 -18.39 40.19
N ALA C 581 -21.41 -19.42 40.74
CA ALA C 581 -21.55 -19.86 42.12
C ALA C 581 -21.16 -18.81 43.19
N ASP C 582 -20.26 -17.88 42.87
CA ASP C 582 -19.84 -16.79 43.76
C ASP C 582 -20.64 -15.49 43.55
N GLN C 583 -21.69 -15.48 42.73
CA GLN C 583 -22.53 -14.30 42.50
C GLN C 583 -23.92 -14.42 43.17
N CYS C 584 -24.14 -15.44 43.99
CA CYS C 584 -25.40 -15.67 44.69
C CYS C 584 -25.60 -14.72 45.87
N VAL C 585 -26.85 -14.33 46.16
CA VAL C 585 -27.22 -13.55 47.36
C VAL C 585 -27.06 -14.37 48.64
N ALA C 586 -27.43 -15.64 48.59
CA ALA C 586 -27.30 -16.65 49.65
C ALA C 586 -27.12 -18.05 49.03
N CYS C 587 -26.47 -18.97 49.73
CA CYS C 587 -26.23 -20.33 49.25
C CYS C 587 -27.40 -21.28 49.58
N ALA C 588 -27.79 -22.14 48.64
CA ALA C 588 -28.90 -23.09 48.81
C ALA C 588 -28.51 -24.28 49.69
N HIS C 589 -27.21 -24.56 49.77
CA HIS C 589 -26.62 -25.69 50.48
C HIS C 589 -25.57 -25.20 51.49
N TYR C 590 -24.27 -25.20 51.16
CA TYR C 590 -23.19 -24.80 52.06
C TYR C 590 -22.39 -23.61 51.55
N LYS C 591 -21.90 -22.77 52.46
CA LYS C 591 -21.14 -21.56 52.14
C LYS C 591 -19.64 -21.83 52.19
N ASP C 592 -19.02 -22.19 51.06
CA ASP C 592 -17.57 -22.28 51.01
C ASP C 592 -17.05 -20.89 50.62
N PRO C 593 -16.35 -20.11 51.47
CA PRO C 593 -16.15 -18.69 51.23
C PRO C 593 -15.94 -18.25 49.76
N PRO C 594 -15.10 -18.90 48.92
CA PRO C 594 -14.94 -18.47 47.53
C PRO C 594 -16.20 -18.66 46.65
N PHE C 595 -17.12 -19.57 46.98
CA PHE C 595 -18.36 -19.80 46.22
C PHE C 595 -19.39 -20.71 46.92
N CYS C 596 -20.65 -20.66 46.49
CA CYS C 596 -21.67 -21.57 47.00
C CYS C 596 -21.47 -23.00 46.43
N VAL C 597 -21.50 -24.02 47.28
CA VAL C 597 -21.25 -25.42 46.90
C VAL C 597 -22.33 -26.36 47.47
N ALA C 598 -22.70 -27.40 46.72
CA ALA C 598 -23.68 -28.40 47.16
C ALA C 598 -23.25 -29.17 48.43
N ARG C 599 -21.96 -29.53 48.51
CA ARG C 599 -21.32 -30.26 49.62
C ARG C 599 -19.91 -29.72 49.83
N CYS C 600 -19.43 -29.73 51.07
CA CYS C 600 -18.04 -29.36 51.37
C CYS C 600 -17.02 -30.39 50.80
N PRO C 601 -15.96 -29.93 50.11
CA PRO C 601 -15.03 -30.80 49.37
C PRO C 601 -14.23 -31.78 50.26
N SER C 602 -13.90 -32.94 49.68
CA SER C 602 -13.11 -34.01 50.31
C SER C 602 -12.48 -34.96 49.30
N ILE C 613 -8.53 -30.79 48.79
CA ILE C 613 -8.60 -30.31 50.18
C ILE C 613 -9.79 -30.97 50.89
N TRP C 614 -9.70 -31.16 52.22
CA TRP C 614 -10.81 -31.72 53.00
C TRP C 614 -11.40 -30.64 53.91
N LYS C 615 -12.67 -30.27 53.70
CA LYS C 615 -13.39 -29.27 54.49
C LYS C 615 -14.59 -29.91 55.21
N PHE C 616 -15.08 -29.28 56.28
CA PHE C 616 -16.26 -29.72 57.02
C PHE C 616 -17.29 -28.58 57.16
N PRO C 617 -18.61 -28.89 57.19
CA PRO C 617 -19.63 -27.91 57.53
C PRO C 617 -19.46 -27.44 58.98
N ASP C 618 -19.58 -26.14 59.22
CA ASP C 618 -19.57 -25.56 60.56
C ASP C 618 -20.98 -25.16 61.07
N GLU C 619 -21.03 -24.54 62.24
CA GLU C 619 -22.26 -24.14 62.94
C GLU C 619 -23.10 -23.08 62.18
N GLU C 620 -22.53 -22.37 61.20
CA GLU C 620 -23.20 -21.30 60.44
C GLU C 620 -23.60 -21.76 59.03
N GLY C 621 -23.34 -23.02 58.69
CA GLY C 621 -23.58 -23.62 57.39
C GLY C 621 -22.42 -23.44 56.38
N ALA C 622 -21.22 -23.03 56.81
CA ALA C 622 -20.06 -22.82 55.94
C ALA C 622 -19.06 -24.00 55.98
N CYS C 623 -18.23 -24.07 54.95
CA CYS C 623 -17.18 -25.07 54.79
C CYS C 623 -15.83 -24.54 55.31
N GLN C 624 -15.18 -25.28 56.21
CA GLN C 624 -13.87 -24.92 56.73
C GLN C 624 -12.85 -26.06 56.57
N PRO C 625 -11.55 -25.81 56.33
CA PRO C 625 -10.54 -26.87 56.27
C PRO C 625 -10.50 -27.71 57.55
N CYS C 626 -10.40 -29.04 57.40
CA CYS C 626 -10.36 -29.96 58.55
C CYS C 626 -8.98 -29.95 59.24
N PRO C 627 -8.90 -30.08 60.58
CA PRO C 627 -7.63 -30.19 61.29
C PRO C 627 -6.92 -31.54 61.09
N ILE C 628 -7.62 -32.55 60.56
CA ILE C 628 -7.11 -33.91 60.33
C ILE C 628 -6.68 -34.05 58.86
N ASN C 629 -5.37 -34.26 58.60
CA ASN C 629 -4.77 -34.33 57.25
C ASN C 629 -3.69 -35.41 57.17
C1 NAG D . -16.87 14.10 -14.53
C2 NAG D . -18.13 14.20 -15.42
C3 NAG D . -18.86 15.53 -15.15
C4 NAG D . -19.14 15.67 -13.66
C5 NAG D . -17.86 15.56 -12.82
C6 NAG D . -18.08 15.63 -11.31
C7 NAG D . -17.01 14.78 -17.53
C8 NAG D . -16.72 14.32 -18.95
N2 NAG D . -17.82 14.00 -16.83
O3 NAG D . -20.11 15.57 -15.88
O4 NAG D . -19.74 17.00 -13.44
O5 NAG D . -17.22 14.26 -13.13
O6 NAG D . -18.89 14.52 -10.88
O7 NAG D . -16.50 15.79 -17.06
C1 NAG D . -21.12 16.96 -12.98
C2 NAG D . -21.48 18.28 -12.22
C3 NAG D . -22.94 18.15 -11.70
C4 NAG D . -23.88 17.92 -12.93
C5 NAG D . -23.44 16.60 -13.64
C6 NAG D . -24.30 16.31 -14.87
C7 NAG D . -19.64 19.39 -11.03
C8 NAG D . -18.72 19.51 -9.84
N2 NAG D . -20.57 18.43 -11.06
O3 NAG D . -23.32 19.37 -11.03
O4 NAG D . -25.24 17.79 -12.48
O5 NAG D . -22.03 16.72 -14.08
O6 NAG D . -25.70 16.34 -14.55
O7 NAG D . -19.52 20.18 -11.98
C1 BMA D . -25.95 19.10 -12.59
C2 BMA D . -27.38 18.85 -13.15
C3 BMA D . -28.05 20.22 -13.37
C4 BMA D . -28.07 20.94 -12.01
C5 BMA D . -26.62 21.11 -11.52
C6 BMA D . -26.59 21.83 -10.19
O2 BMA D . -28.14 18.07 -12.24
O3 BMA D . -29.42 20.08 -13.81
O4 BMA D . -28.67 22.21 -12.17
O5 BMA D . -25.99 19.81 -11.34
O6 BMA D . -27.36 23.03 -10.26
C1 MAN D . -29.50 19.87 -15.29
C2 MAN D . -30.61 20.81 -15.87
C3 MAN D . -31.98 20.35 -15.31
C4 MAN D . -32.22 18.86 -15.71
C5 MAN D . -31.06 18.00 -15.09
C6 MAN D . -31.18 16.52 -15.47
O2 MAN D . -30.57 20.75 -17.31
O3 MAN D . -33.02 21.19 -15.86
O4 MAN D . -33.47 18.43 -15.19
O5 MAN D . -29.75 18.47 -15.62
O6 MAN D . -32.50 16.02 -15.22
C1 NAG E . 42.82 -13.57 1.75
C2 NAG E . 41.55 -14.43 1.56
C3 NAG E . 41.50 -15.09 0.18
C4 NAG E . 41.83 -14.13 -0.98
C5 NAG E . 43.13 -13.37 -0.72
C6 NAG E . 43.43 -12.31 -1.77
C7 NAG E . 40.75 -15.37 3.68
C8 NAG E . 40.84 -16.53 4.66
N2 NAG E . 41.50 -15.46 2.60
O3 NAG E . 40.18 -15.56 0.01
O4 NAG E . 42.02 -14.88 -2.26
O5 NAG E . 43.07 -12.70 0.60
O6 NAG E . 44.70 -11.72 -1.47
O7 NAG E . 40.04 -14.39 3.90
C1 NAG E . 40.85 -15.43 -2.94
C2 NAG E . 40.56 -14.69 -4.29
C3 NAG E . 39.27 -15.32 -4.91
C4 NAG E . 39.52 -16.84 -5.13
C5 NAG E . 39.83 -17.49 -3.75
C6 NAG E . 40.13 -18.99 -3.88
C7 NAG E . 40.83 -12.29 -4.74
C8 NAG E . 40.57 -10.84 -4.40
N2 NAG E . 40.30 -13.27 -4.00
O3 NAG E . 38.99 -14.70 -6.19
O4 NAG E . 38.35 -17.44 -5.69
O5 NAG E . 41.03 -16.86 -3.15
O6 NAG E . 39.15 -19.62 -4.72
O7 NAG E . 41.54 -12.57 -5.71
C1 NAG F . 15.90 5.86 -20.66
C2 NAG F . 16.53 7.10 -21.37
C3 NAG F . 17.34 6.61 -22.58
C4 NAG F . 18.43 5.64 -22.08
C5 NAG F . 17.74 4.45 -21.36
C6 NAG F . 18.75 3.46 -20.82
C7 NAG F . 15.03 8.98 -21.09
C8 NAG F . 13.92 9.88 -21.57
N2 NAG F . 15.45 7.98 -21.85
O3 NAG F . 17.96 7.72 -23.23
O4 NAG F . 19.18 5.14 -23.18
O5 NAG F . 16.93 4.95 -20.24
O6 NAG F . 18.12 2.26 -20.40
O7 NAG F . 15.55 9.18 -19.99
C1 NAG F . 20.58 5.62 -23.12
C2 NAG F . 21.44 4.83 -24.17
C3 NAG F . 22.91 5.29 -24.04
C4 NAG F . 22.98 6.83 -24.28
C5 NAG F . 22.08 7.55 -23.22
C6 NAG F . 22.07 9.06 -23.43
C7 NAG F . 20.76 2.54 -24.70
C8 NAG F . 20.65 1.08 -24.36
N2 NAG F . 21.35 3.39 -23.85
O3 NAG F . 23.72 4.62 -25.01
O4 NAG F . 24.33 7.27 -24.16
O5 NAG F . 20.69 7.05 -23.33
O6 NAG F . 23.31 9.53 -23.91
O7 NAG F . 20.29 2.94 -25.79
C1 NAG G . 40.51 -0.45 23.89
C2 NAG G . 41.76 -1.36 24.13
C3 NAG G . 42.09 -1.38 25.66
C4 NAG G . 42.02 -0.05 26.40
C5 NAG G . 40.72 0.70 26.13
C6 NAG G . 40.72 2.12 26.69
C7 NAG G . 41.97 -3.35 22.67
C8 NAG G . 41.49 -4.77 22.44
N2 NAG G . 41.42 -2.70 23.70
O3 NAG G . 43.43 -1.87 25.90
O4 NAG G . 42.12 -0.31 27.82
O5 NAG G . 40.62 0.79 24.67
O6 NAG G . 41.29 2.12 28.02
O7 NAG G . 42.85 -2.83 21.98
C1 NAG H . 15.84 0.27 28.10
C2 NAG H . 16.77 -0.77 28.78
C3 NAG H . 16.69 -0.65 30.29
C4 NAG H . 17.05 0.80 30.70
C5 NAG H . 16.06 1.80 30.06
C6 NAG H . 16.42 3.26 30.39
C7 NAG H . 17.31 -2.99 27.83
C8 NAG H . 16.75 -4.33 27.37
N2 NAG H . 16.43 -2.14 28.36
O3 NAG H . 17.65 -1.56 30.94
O4 NAG H . 16.98 0.84 32.14
O5 NAG H . 16.11 1.62 28.57
O6 NAG H . 16.76 3.29 31.79
O7 NAG H . 18.50 -2.71 27.71
C1 NAG I . 28.08 -7.77 22.94
C2 NAG I . 29.63 -7.83 23.09
C3 NAG I . 29.98 -8.03 24.59
C4 NAG I . 29.33 -6.94 25.45
C5 NAG I . 27.79 -6.92 25.30
C6 NAG I . 27.15 -5.72 26.02
C7 NAG I . 31.20 -8.82 21.46
C8 NAG I . 31.57 -10.08 20.64
N2 NAG I . 30.17 -8.92 22.29
O3 NAG I . 31.41 -7.95 24.78
O4 NAG I . 29.65 -7.23 26.84
O5 NAG I . 27.46 -6.81 23.86
O6 NAG I . 27.98 -5.35 27.15
O7 NAG I . 31.82 -7.80 21.32
C1 NAG J . -36.51 -2.48 20.65
C2 NAG J . -35.54 -1.33 20.33
C3 NAG J . -35.32 -0.51 21.61
C4 NAG J . -36.67 0.03 22.12
C5 NAG J . -37.74 -1.07 22.28
C6 NAG J . -39.15 -0.50 22.51
C7 NAG J . -34.01 -2.02 18.52
C8 NAG J . -32.65 -2.63 18.17
N2 NAG J . -34.26 -1.85 19.82
O3 NAG J . -34.42 0.60 21.38
O4 NAG J . -36.42 0.63 23.41
O5 NAG J . -37.80 -1.92 21.07
O6 NAG J . -39.09 0.48 23.56
O7 NAG J . -34.83 -1.71 17.65
C1 NAG K . -35.93 -8.81 -45.01
C2 NAG K . -37.11 -9.24 -45.96
C3 NAG K . -36.52 -9.66 -47.34
C4 NAG K . -35.74 -8.45 -47.94
C5 NAG K . -34.60 -8.05 -46.93
C6 NAG K . -33.82 -6.83 -47.42
C7 NAG K . -39.14 -10.45 -45.32
C8 NAG K . -39.83 -11.60 -44.64
N2 NAG K . -37.81 -10.38 -45.34
O3 NAG K . -37.58 -10.02 -48.24
O4 NAG K . -35.16 -8.82 -49.19
O5 NAG K . -35.19 -7.71 -45.62
O6 NAG K . -33.81 -6.75 -48.85
O7 NAG K . -39.82 -9.56 -45.87
#